data_3NV2
# 
_entry.id   3NV2 
# 
_audit_conform.dict_name       mmcif_pdbx.dic 
_audit_conform.dict_version    5.380 
_audit_conform.dict_location   http://mmcif.pdb.org/dictionaries/ascii/mmcif_pdbx.dic 
# 
loop_
_database_2.database_id 
_database_2.database_code 
_database_2.pdbx_database_accession 
_database_2.pdbx_DOI 
PDB   3NV2         pdb_00003nv2 10.2210/pdb3nv2/pdb 
RCSB  RCSB060314   ?            ?                   
WWPDB D_1000060314 ?            ?                   
# 
loop_
_pdbx_database_related.db_name 
_pdbx_database_related.db_id 
_pdbx_database_related.details 
_pdbx_database_related.content_type 
PDB 3NV1 'The same protein without ligand'                   unspecified 
PDB 3NV3 'The same protein with biantennary oligosaccharide' unspecified 
PDB 3NV4 'The same protein with Sialyllactose'               unspecified 
# 
_pdbx_database_status.status_code                     REL 
_pdbx_database_status.entry_id                        3NV2 
_pdbx_database_status.recvd_initial_deposition_date   2010-07-07 
_pdbx_database_status.deposit_site                    RCSB 
_pdbx_database_status.process_site                    PDBJ 
_pdbx_database_status.status_code_sf                  REL 
_pdbx_database_status.status_code_mr                  ? 
_pdbx_database_status.SG_entry                        ? 
_pdbx_database_status.pdb_format_compatible           Y 
_pdbx_database_status.status_code_cs                  ? 
_pdbx_database_status.status_code_nmr_data            ? 
_pdbx_database_status.methods_development_category    ? 
# 
loop_
_audit_author.name 
_audit_author.pdbx_ordinal 
'Yoshida, H.'  1 
'Kamitori, S.' 2 
# 
_citation.id                        primary 
_citation.title                     
'X-ray structures of human galectin-9 C-terminal domain in complexes with a biantennary oligosaccharide and sialyllactose' 
_citation.journal_abbrev            J.Biol.Chem. 
_citation.journal_volume            285 
_citation.page_first                36969 
_citation.page_last                 36976 
_citation.year                      2010 
_citation.journal_id_ASTM           JBCHA3 
_citation.country                   US 
_citation.journal_id_ISSN           0021-9258 
_citation.journal_id_CSD            0071 
_citation.book_publisher            ? 
_citation.pdbx_database_id_PubMed   20861009 
_citation.pdbx_database_id_DOI      10.1074/jbc.M110.163402 
# 
loop_
_citation_author.citation_id 
_citation_author.name 
_citation_author.ordinal 
_citation_author.identifier_ORCID 
primary 'Yoshida, H.'   1 ? 
primary 'Teraoka, M.'   2 ? 
primary 'Nishi, N.'     3 ? 
primary 'Nakakita, S.'  4 ? 
primary 'Nakamura, T.'  5 ? 
primary 'Hirashima, M.' 6 ? 
primary 'Kamitori, S.'  7 ? 
# 
_cell.entry_id           3NV2 
_cell.length_a           70.805 
_cell.length_b           70.805 
_cell.length_c           50.209 
_cell.angle_alpha        90.00 
_cell.angle_beta         90.00 
_cell.angle_gamma        120.00 
_cell.Z_PDB              6 
_cell.pdbx_unique_axis   ? 
_cell.length_a_esd       ? 
_cell.length_b_esd       ? 
_cell.length_c_esd       ? 
_cell.angle_alpha_esd    ? 
_cell.angle_beta_esd     ? 
_cell.angle_gamma_esd    ? 
# 
_symmetry.entry_id                         3NV2 
_symmetry.space_group_name_H-M             'P 63' 
_symmetry.pdbx_full_space_group_name_H-M   ? 
_symmetry.cell_setting                     ? 
_symmetry.Int_Tables_number                173 
_symmetry.space_group_name_Hall            ? 
# 
loop_
_entity.id 
_entity.type 
_entity.src_method 
_entity.pdbx_description 
_entity.formula_weight 
_entity.pdbx_number_of_molecules 
_entity.pdbx_ec 
_entity.pdbx_mutation 
_entity.pdbx_fragment 
_entity.details 
1 polymer     man 'Galectin 9 short isoform variant'                                       15729.982 1   ? ? 
'C-terminal carbohydrate recognition domain, residues 186-323' ? 
2 branched    man 'beta-D-galactopyranose-(1-4)-2-acetamido-2-deoxy-alpha-D-glucopyranose' 383.349   1   ? ? ? ? 
3 non-polymer syn 'NICKEL (II) ION'                                                        58.693    1   ? ? ? ? 
4 water       nat water                                                                    18.015    140 ? ? ? ? 
# 
loop_
_entity_name_com.entity_id 
_entity_name_com.name 
1 Galectin-9                 
2 N-acetyl-alpha-lactosamine 
# 
_entity_poly.entity_id                      1 
_entity_poly.type                           'polypeptide(L)' 
_entity_poly.nstd_linkage                   no 
_entity_poly.nstd_monomer                   no 
_entity_poly.pdbx_seq_one_letter_code       
;YPHPAYPMPFITTILGGLYPSKSILLSGTVLPSAQRFHINLCSGNHIAFHLNPRFDENAVVRNTQIDNSWGSEERSLPRK
MPFVRGQSFSVWILCEAHCLKVAVDGQHLFEYYHRLRNLPTINRLEVGGDIQLTHVQT
;
_entity_poly.pdbx_seq_one_letter_code_can   
;YPHPAYPMPFITTILGGLYPSKSILLSGTVLPSAQRFHINLCSGNHIAFHLNPRFDENAVVRNTQIDNSWGSEERSLPRK
MPFVRGQSFSVWILCEAHCLKVAVDGQHLFEYYHRLRNLPTINRLEVGGDIQLTHVQT
;
_entity_poly.pdbx_strand_id                 A 
_entity_poly.pdbx_target_identifier         ? 
# 
loop_
_entity_poly_seq.entity_id 
_entity_poly_seq.num 
_entity_poly_seq.mon_id 
_entity_poly_seq.hetero 
1 1   TYR n 
1 2   PRO n 
1 3   HIS n 
1 4   PRO n 
1 5   ALA n 
1 6   TYR n 
1 7   PRO n 
1 8   MET n 
1 9   PRO n 
1 10  PHE n 
1 11  ILE n 
1 12  THR n 
1 13  THR n 
1 14  ILE n 
1 15  LEU n 
1 16  GLY n 
1 17  GLY n 
1 18  LEU n 
1 19  TYR n 
1 20  PRO n 
1 21  SER n 
1 22  LYS n 
1 23  SER n 
1 24  ILE n 
1 25  LEU n 
1 26  LEU n 
1 27  SER n 
1 28  GLY n 
1 29  THR n 
1 30  VAL n 
1 31  LEU n 
1 32  PRO n 
1 33  SER n 
1 34  ALA n 
1 35  GLN n 
1 36  ARG n 
1 37  PHE n 
1 38  HIS n 
1 39  ILE n 
1 40  ASN n 
1 41  LEU n 
1 42  CYS n 
1 43  SER n 
1 44  GLY n 
1 45  ASN n 
1 46  HIS n 
1 47  ILE n 
1 48  ALA n 
1 49  PHE n 
1 50  HIS n 
1 51  LEU n 
1 52  ASN n 
1 53  PRO n 
1 54  ARG n 
1 55  PHE n 
1 56  ASP n 
1 57  GLU n 
1 58  ASN n 
1 59  ALA n 
1 60  VAL n 
1 61  VAL n 
1 62  ARG n 
1 63  ASN n 
1 64  THR n 
1 65  GLN n 
1 66  ILE n 
1 67  ASP n 
1 68  ASN n 
1 69  SER n 
1 70  TRP n 
1 71  GLY n 
1 72  SER n 
1 73  GLU n 
1 74  GLU n 
1 75  ARG n 
1 76  SER n 
1 77  LEU n 
1 78  PRO n 
1 79  ARG n 
1 80  LYS n 
1 81  MET n 
1 82  PRO n 
1 83  PHE n 
1 84  VAL n 
1 85  ARG n 
1 86  GLY n 
1 87  GLN n 
1 88  SER n 
1 89  PHE n 
1 90  SER n 
1 91  VAL n 
1 92  TRP n 
1 93  ILE n 
1 94  LEU n 
1 95  CYS n 
1 96  GLU n 
1 97  ALA n 
1 98  HIS n 
1 99  CYS n 
1 100 LEU n 
1 101 LYS n 
1 102 VAL n 
1 103 ALA n 
1 104 VAL n 
1 105 ASP n 
1 106 GLY n 
1 107 GLN n 
1 108 HIS n 
1 109 LEU n 
1 110 PHE n 
1 111 GLU n 
1 112 TYR n 
1 113 TYR n 
1 114 HIS n 
1 115 ARG n 
1 116 LEU n 
1 117 ARG n 
1 118 ASN n 
1 119 LEU n 
1 120 PRO n 
1 121 THR n 
1 122 ILE n 
1 123 ASN n 
1 124 ARG n 
1 125 LEU n 
1 126 GLU n 
1 127 VAL n 
1 128 GLY n 
1 129 GLY n 
1 130 ASP n 
1 131 ILE n 
1 132 GLN n 
1 133 LEU n 
1 134 THR n 
1 135 HIS n 
1 136 VAL n 
1 137 GLN n 
1 138 THR n 
# 
_entity_src_gen.entity_id                          1 
_entity_src_gen.pdbx_src_id                        1 
_entity_src_gen.pdbx_alt_source_flag               sample 
_entity_src_gen.pdbx_seq_type                      ? 
_entity_src_gen.pdbx_beg_seq_num                   ? 
_entity_src_gen.pdbx_end_seq_num                   ? 
_entity_src_gen.gene_src_common_name               human 
_entity_src_gen.gene_src_genus                     ? 
_entity_src_gen.pdbx_gene_src_gene                 ? 
_entity_src_gen.gene_src_species                   ? 
_entity_src_gen.gene_src_strain                    ? 
_entity_src_gen.gene_src_tissue                    ? 
_entity_src_gen.gene_src_tissue_fraction           ? 
_entity_src_gen.gene_src_details                   ? 
_entity_src_gen.pdbx_gene_src_fragment             ? 
_entity_src_gen.pdbx_gene_src_scientific_name      'Homo sapiens' 
_entity_src_gen.pdbx_gene_src_ncbi_taxonomy_id     9606 
_entity_src_gen.pdbx_gene_src_variant              ? 
_entity_src_gen.pdbx_gene_src_cell_line            ? 
_entity_src_gen.pdbx_gene_src_atcc                 ? 
_entity_src_gen.pdbx_gene_src_organ                ? 
_entity_src_gen.pdbx_gene_src_organelle            ? 
_entity_src_gen.pdbx_gene_src_cell                 ? 
_entity_src_gen.pdbx_gene_src_cellular_location    ? 
_entity_src_gen.host_org_common_name               ? 
_entity_src_gen.pdbx_host_org_scientific_name      'Escherichia coli' 
_entity_src_gen.pdbx_host_org_ncbi_taxonomy_id     469008 
_entity_src_gen.host_org_genus                     ? 
_entity_src_gen.pdbx_host_org_gene                 ? 
_entity_src_gen.pdbx_host_org_organ                ? 
_entity_src_gen.host_org_species                   ? 
_entity_src_gen.pdbx_host_org_tissue               ? 
_entity_src_gen.pdbx_host_org_tissue_fraction      ? 
_entity_src_gen.pdbx_host_org_strain               'BL21(DE3)' 
_entity_src_gen.pdbx_host_org_variant              ? 
_entity_src_gen.pdbx_host_org_cell_line            ? 
_entity_src_gen.pdbx_host_org_atcc                 ? 
_entity_src_gen.pdbx_host_org_culture_collection   ? 
_entity_src_gen.pdbx_host_org_cell                 ? 
_entity_src_gen.pdbx_host_org_organelle            ? 
_entity_src_gen.pdbx_host_org_cellular_location    ? 
_entity_src_gen.pdbx_host_org_vector_type          PLASMID 
_entity_src_gen.pdbx_host_org_vector               ? 
_entity_src_gen.host_org_details                   ? 
_entity_src_gen.expression_system_id               ? 
_entity_src_gen.plasmid_name                       pGEX-4T-2 
_entity_src_gen.plasmid_details                    ? 
_entity_src_gen.pdbx_description                   ? 
# 
_struct_ref.id                         1 
_struct_ref.db_name                    UNP 
_struct_ref.db_code                    Q53FQ0_HUMAN 
_struct_ref.pdbx_db_accession          Q53FQ0 
_struct_ref.entity_id                  1 
_struct_ref.pdbx_seq_one_letter_code   
;YPHPAYPMPFITTILGGLYPSKSILLSGTVLPSAQRFHINLCSGNHIAFHLNPRFDENAVVRNTQIDNSWGSEERSLPRK
MPFVRGQSFSVWILCEAHCLKVAVDGQHLFEYYHRLRNLPTINRLEVGGDIQLTHVQT
;
_struct_ref.pdbx_align_begin           186 
_struct_ref.pdbx_db_isoform            ? 
# 
_struct_ref_seq.align_id                      1 
_struct_ref_seq.ref_id                        1 
_struct_ref_seq.pdbx_PDB_id_code              3NV2 
_struct_ref_seq.pdbx_strand_id                A 
_struct_ref_seq.seq_align_beg                 1 
_struct_ref_seq.pdbx_seq_align_beg_ins_code   ? 
_struct_ref_seq.seq_align_end                 138 
_struct_ref_seq.pdbx_seq_align_end_ins_code   ? 
_struct_ref_seq.pdbx_db_accession             Q53FQ0 
_struct_ref_seq.db_align_beg                  186 
_struct_ref_seq.pdbx_db_align_beg_ins_code    ? 
_struct_ref_seq.db_align_end                  323 
_struct_ref_seq.pdbx_db_align_end_ins_code    ? 
_struct_ref_seq.pdbx_auth_seq_align_beg       186 
_struct_ref_seq.pdbx_auth_seq_align_end       323 
# 
loop_
_chem_comp.id 
_chem_comp.type 
_chem_comp.mon_nstd_flag 
_chem_comp.name 
_chem_comp.pdbx_synonyms 
_chem_comp.formula 
_chem_comp.formula_weight 
ALA 'L-peptide linking'           y ALANINE                                   ? 'C3 H7 N O2'     89.093  
ARG 'L-peptide linking'           y ARGININE                                  ? 'C6 H15 N4 O2 1' 175.209 
ASN 'L-peptide linking'           y ASPARAGINE                                ? 'C4 H8 N2 O3'    132.118 
ASP 'L-peptide linking'           y 'ASPARTIC ACID'                           ? 'C4 H7 N O4'     133.103 
CYS 'L-peptide linking'           y CYSTEINE                                  ? 'C3 H7 N O2 S'   121.158 
GAL 'D-saccharide, beta linking'  . beta-D-galactopyranose                    'beta-D-galactose; D-galactose; galactose' 
'C6 H12 O6'      180.156 
GLN 'L-peptide linking'           y GLUTAMINE                                 ? 'C5 H10 N2 O3'   146.144 
GLU 'L-peptide linking'           y 'GLUTAMIC ACID'                           ? 'C5 H9 N O4'     147.129 
GLY 'peptide linking'             y GLYCINE                                   ? 'C2 H5 N O2'     75.067  
HIS 'L-peptide linking'           y HISTIDINE                                 ? 'C6 H10 N3 O2 1' 156.162 
HOH non-polymer                   . WATER                                     ? 'H2 O'           18.015  
ILE 'L-peptide linking'           y ISOLEUCINE                                ? 'C6 H13 N O2'    131.173 
LEU 'L-peptide linking'           y LEUCINE                                   ? 'C6 H13 N O2'    131.173 
LYS 'L-peptide linking'           y LYSINE                                    ? 'C6 H15 N2 O2 1' 147.195 
MET 'L-peptide linking'           y METHIONINE                                ? 'C5 H11 N O2 S'  149.211 
NDG 'D-saccharide, alpha linking' . 2-acetamido-2-deoxy-alpha-D-glucopyranose 
;N-acetyl-alpha-D-glucosamine; 2-acetamido-2-deoxy-alpha-D-glucose; 2-acetamido-2-deoxy-D-glucose; 2-acetamido-2-deoxy-glucose; 2-(ACETYLAMINO)-2-DEOXY-A-D-GLUCOPYRANOSE
;
'C8 H15 N O6'    221.208 
NI  non-polymer                   . 'NICKEL (II) ION'                         ? 'Ni 2'           58.693  
PHE 'L-peptide linking'           y PHENYLALANINE                             ? 'C9 H11 N O2'    165.189 
PRO 'L-peptide linking'           y PROLINE                                   ? 'C5 H9 N O2'     115.130 
SER 'L-peptide linking'           y SERINE                                    ? 'C3 H7 N O3'     105.093 
THR 'L-peptide linking'           y THREONINE                                 ? 'C4 H9 N O3'     119.119 
TRP 'L-peptide linking'           y TRYPTOPHAN                                ? 'C11 H12 N2 O2'  204.225 
TYR 'L-peptide linking'           y TYROSINE                                  ? 'C9 H11 N O3'    181.189 
VAL 'L-peptide linking'           y VALINE                                    ? 'C5 H11 N O2'    117.146 
# 
_exptl.entry_id          3NV2 
_exptl.method            'X-RAY DIFFRACTION' 
_exptl.crystals_number   1 
# 
_exptl_crystal.id                    1 
_exptl_crystal.density_meas          ? 
_exptl_crystal.density_Matthews      2.31 
_exptl_crystal.density_percent_sol   46.75 
_exptl_crystal.description           ? 
_exptl_crystal.F_000                 ? 
_exptl_crystal.preparation           ? 
# 
_exptl_crystal_grow.crystal_id      1 
_exptl_crystal_grow.method          'VAPOR DIFFUSION, HANGING DROP' 
_exptl_crystal_grow.temp            293 
_exptl_crystal_grow.temp_details    ? 
_exptl_crystal_grow.pH              8.5 
_exptl_crystal_grow.pdbx_details    
'20% PEG MME 2000, 0.1M Tris pH 8.5, 0.01M nickel chloride hexahydrate, VAPOR DIFFUSION, HANGING DROP, temperature 293K' 
_exptl_crystal_grow.pdbx_pH_range   . 
# 
_diffrn.id                     1 
_diffrn.ambient_temp           100 
_diffrn.ambient_temp_details   ? 
_diffrn.crystal_id             1 
# 
_diffrn_detector.diffrn_id              1 
_diffrn_detector.detector               CCD 
_diffrn_detector.type                   'ADSC QUANTUM 210r' 
_diffrn_detector.pdbx_collection_date   2009-11-28 
_diffrn_detector.details                ? 
# 
_diffrn_radiation.diffrn_id                        1 
_diffrn_radiation.wavelength_id                    1 
_diffrn_radiation.pdbx_monochromatic_or_laue_m_l   M 
_diffrn_radiation.monochromator                    ? 
_diffrn_radiation.pdbx_diffrn_protocol             'SINGLE WAVELENGTH' 
_diffrn_radiation.pdbx_scattering_type             x-ray 
# 
_diffrn_radiation_wavelength.id           1 
_diffrn_radiation_wavelength.wavelength   1.0 
_diffrn_radiation_wavelength.wt           1.0 
# 
_diffrn_source.diffrn_id                   1 
_diffrn_source.source                      SYNCHROTRON 
_diffrn_source.type                        'PHOTON FACTORY BEAMLINE AR-NW12A' 
_diffrn_source.pdbx_synchrotron_site       'Photon Factory' 
_diffrn_source.pdbx_synchrotron_beamline   AR-NW12A 
_diffrn_source.pdbx_wavelength             ? 
_diffrn_source.pdbx_wavelength_list        1.0 
# 
_reflns.entry_id                     3NV2 
_reflns.observed_criterion_sigma_I   0.0 
_reflns.observed_criterion_sigma_F   0.0 
_reflns.d_resolution_low             50 
_reflns.d_resolution_high            2.34 
_reflns.number_obs                   6135 
_reflns.number_all                   ? 
_reflns.pdbx_number_measured_all     68565 
_reflns.percent_possible_obs         100.0 
_reflns.pdbx_Rmerge_I_obs            0.075 
_reflns.pdbx_Rsym_value              ? 
_reflns.pdbx_netI_over_sigmaI        8.7 
_reflns.B_iso_Wilson_estimate        24.1 
_reflns.pdbx_redundancy              11.2 
_reflns.R_free_details               ? 
_reflns.limit_h_max                  ? 
_reflns.limit_h_min                  ? 
_reflns.limit_k_max                  ? 
_reflns.limit_k_min                  ? 
_reflns.limit_l_max                  ? 
_reflns.limit_l_min                  ? 
_reflns.observed_criterion_F_max     ? 
_reflns.observed_criterion_F_min     ? 
_reflns.pdbx_chi_squared             ? 
_reflns.pdbx_scaling_rejects         ? 
_reflns.pdbx_diffrn_id               1 
_reflns.pdbx_ordinal                 1 
# 
_reflns_shell.d_res_high                  2.34 
_reflns_shell.d_res_low                   2.38 
_reflns_shell.percent_possible_all        100 
_reflns_shell.Rmerge_I_obs                0.385 
_reflns_shell.pdbx_Rsym_value             ? 
_reflns_shell.meanI_over_sigI_obs         7.4 
_reflns_shell.pdbx_redundancy             11.2 
_reflns_shell.percent_possible_obs        ? 
_reflns_shell.number_unique_all           ? 
_reflns_shell.number_measured_all         ? 
_reflns_shell.number_measured_obs         ? 
_reflns_shell.number_unique_obs           ? 
_reflns_shell.pdbx_chi_squared            ? 
_reflns_shell.pdbx_rejects                ? 
_reflns_shell.pdbx_netI_over_sigmaI_obs   ? 
_reflns_shell.number_possible             ? 
_reflns_shell.Rmerge_F_all                ? 
_reflns_shell.Rmerge_F_obs                ? 
_reflns_shell.Rmerge_I_all                ? 
_reflns_shell.meanI_over_sigI_all         ? 
_reflns_shell.pdbx_Rrim_I_all             ? 
_reflns_shell.pdbx_Rpim_I_all             ? 
_reflns_shell.pdbx_diffrn_id              ? 
_reflns_shell.pdbx_ordinal                1 
# 
_refine.entry_id                                 3NV2 
_refine.ls_number_reflns_obs                     5989 
_refine.ls_number_reflns_all                     5989 
_refine.pdbx_ls_sigma_I                          ? 
_refine.pdbx_ls_sigma_F                          0.0 
_refine.pdbx_data_cutoff_high_absF               40669.38 
_refine.pdbx_data_cutoff_low_absF                0.000000 
_refine.pdbx_data_cutoff_high_rms_absF           ? 
_refine.ls_d_res_low                             38.85 
_refine.ls_d_res_high                            2.34 
_refine.ls_percent_reflns_obs                    97.5 
_refine.ls_R_factor_obs                          0.179 
_refine.ls_R_factor_all                          0.185 
_refine.ls_R_factor_R_work                       0.179 
_refine.ls_R_factor_R_free                       0.231 
_refine.ls_R_factor_R_free_error                 0.009 
_refine.ls_R_factor_R_free_error_details         ? 
_refine.ls_percent_reflns_R_free                 11.0 
_refine.ls_number_reflns_R_free                  659 
_refine.ls_number_parameters                     ? 
_refine.ls_number_restraints                     ? 
_refine.occupancy_min                            ? 
_refine.occupancy_max                            ? 
_refine.correlation_coeff_Fo_to_Fc               ? 
_refine.correlation_coeff_Fo_to_Fc_free          ? 
_refine.B_iso_mean                               ? 
_refine.aniso_B[1][1]                            1.56 
_refine.aniso_B[2][2]                            1.56 
_refine.aniso_B[3][3]                            -3.12 
_refine.aniso_B[1][2]                            2.79 
_refine.aniso_B[1][3]                            0.00 
_refine.aniso_B[2][3]                            0.00 
_refine.solvent_model_details                    'FLAT MODEL' 
_refine.solvent_model_param_ksol                 0.364624 
_refine.solvent_model_param_bsol                 60.142 
_refine.pdbx_solvent_vdw_probe_radii             ? 
_refine.pdbx_solvent_ion_probe_radii             ? 
_refine.pdbx_solvent_shrinkage_radii             ? 
_refine.pdbx_ls_cross_valid_method               THROUGHOUT 
_refine.details                                  ? 
_refine.pdbx_starting_model                      'PDB entry 3KOE' 
_refine.pdbx_method_to_determine_struct          'MOLECULAR REPLACEMENT' 
_refine.pdbx_isotropic_thermal_model             RESTRAINED 
_refine.pdbx_stereochemistry_target_values       'Engh & Huber' 
_refine.pdbx_stereochem_target_val_spec_case     ? 
_refine.pdbx_R_Free_selection_details            RANDOM 
_refine.pdbx_overall_ESU_R_Free                  ? 
_refine.overall_SU_ML                            ? 
_refine.overall_SU_B                             ? 
_refine.overall_SU_R_Cruickshank_DPI             ? 
_refine.ls_redundancy_reflns_obs                 ? 
_refine.B_iso_min                                ? 
_refine.B_iso_max                                ? 
_refine.overall_SU_R_free                        ? 
_refine.ls_wR_factor_R_free                      ? 
_refine.ls_wR_factor_R_work                      ? 
_refine.overall_FOM_free_R_set                   ? 
_refine.overall_FOM_work_R_set                   ? 
_refine.pdbx_refine_id                           'X-RAY DIFFRACTION' 
_refine.pdbx_overall_phase_error                 ? 
_refine.pdbx_overall_ESU_R                       ? 
_refine.pdbx_diffrn_id                           1 
_refine.pdbx_TLS_residual_ADP_flag               ? 
_refine.pdbx_overall_SU_R_free_Cruickshank_DPI   ? 
_refine.pdbx_overall_SU_R_Blow_DPI               ? 
_refine.pdbx_overall_SU_R_free_Blow_DPI          ? 
# 
_refine_analyze.entry_id                        3NV2 
_refine_analyze.Luzzati_coordinate_error_obs    0.21 
_refine_analyze.Luzzati_sigma_a_obs             0.12 
_refine_analyze.Luzzati_d_res_low_obs           5.00 
_refine_analyze.Luzzati_coordinate_error_free   0.30 
_refine_analyze.Luzzati_sigma_a_free            0.25 
_refine_analyze.Luzzati_d_res_low_free          ? 
_refine_analyze.number_disordered_residues      ? 
_refine_analyze.occupancy_sum_hydrogen          ? 
_refine_analyze.occupancy_sum_non_hydrogen      ? 
_refine_analyze.pdbx_Luzzati_d_res_high_obs     ? 
_refine_analyze.pdbx_refine_id                  'X-RAY DIFFRACTION' 
# 
_refine_hist.pdbx_refine_id                   'X-RAY DIFFRACTION' 
_refine_hist.cycle_id                         LAST 
_refine_hist.pdbx_number_atoms_protein        1090 
_refine_hist.pdbx_number_atoms_nucleic_acid   0 
_refine_hist.pdbx_number_atoms_ligand         27 
_refine_hist.number_atoms_solvent             140 
_refine_hist.number_atoms_total               1257 
_refine_hist.d_res_high                       2.34 
_refine_hist.d_res_low                        38.85 
# 
loop_
_refine_ls_restr.type 
_refine_ls_restr.dev_ideal 
_refine_ls_restr.dev_ideal_target 
_refine_ls_restr.weight 
_refine_ls_restr.number 
_refine_ls_restr.pdbx_refine_id 
_refine_ls_restr.pdbx_restraint_function 
c_bond_d           0.005 ? ? ? 'X-RAY DIFFRACTION' ? 
c_angle_deg        1.5   ? ? ? 'X-RAY DIFFRACTION' ? 
c_dihedral_angle_d 27.2  ? ? ? 'X-RAY DIFFRACTION' ? 
c_improper_angle_d 0.76  ? ? ? 'X-RAY DIFFRACTION' ? 
# 
_refine_ls_shell.pdbx_refine_id                   'X-RAY DIFFRACTION' 
_refine_ls_shell.pdbx_total_number_of_bins_used   6 
_refine_ls_shell.d_res_high                       2.34 
_refine_ls_shell.d_res_low                        2.49 
_refine_ls_shell.number_reflns_R_work             829 
_refine_ls_shell.R_factor_R_work                  0.171 
_refine_ls_shell.percent_reflns_obs               92.8 
_refine_ls_shell.R_factor_R_free                  0.256 
_refine_ls_shell.R_factor_R_free_error            0.025 
_refine_ls_shell.percent_reflns_R_free            11.5 
_refine_ls_shell.number_reflns_R_free             108 
_refine_ls_shell.number_reflns_all                ? 
_refine_ls_shell.R_factor_all                     ? 
_refine_ls_shell.number_reflns_obs                829 
_refine_ls_shell.redundancy_reflns_obs            ? 
# 
loop_
_pdbx_xplor_file.pdbx_refine_id 
_pdbx_xplor_file.serial_no 
_pdbx_xplor_file.param_file 
_pdbx_xplor_file.topol_file 
'X-RAY DIFFRACTION' 1 protein_rep.param  protein.top      
'X-RAY DIFFRACTION' 2 carbohydrate.param carbohydrate.top 
'X-RAY DIFFRACTION' 3 ion.param          ion.top          
'X-RAY DIFFRACTION' 4 water_rep.param    water.top        
# 
_struct.entry_id                  3NV2 
_struct.title                     'Crystal structure of human galectin-9 C-terminal CRD in complex with N-acetyllactosamine' 
_struct.pdbx_model_details        ? 
_struct.pdbx_CASP_flag            ? 
_struct.pdbx_model_type_details   ? 
# 
_struct_keywords.entry_id        3NV2 
_struct_keywords.pdbx_keywords   'SUGAR BINDING PROTEIN' 
_struct_keywords.text            'Sugar binding, Sugar Binding Protein' 
# 
loop_
_struct_asym.id 
_struct_asym.pdbx_blank_PDB_chainid_flag 
_struct_asym.pdbx_modified 
_struct_asym.entity_id 
_struct_asym.details 
A N N 1 ? 
B N N 2 ? 
C N N 3 ? 
D N N 4 ? 
# 
_struct_biol.id        1 
_struct_biol.details   'AUTHOR STATES THAT THE BIOLOGICAL ASSEMBLY IS UNKNOWN.' 
# 
_struct_conf.conf_type_id            HELX_P 
_struct_conf.id                      HELX_P1 
_struct_conf.pdbx_PDB_helix_id       1 
_struct_conf.beg_label_comp_id       ASN 
_struct_conf.beg_label_asym_id       A 
_struct_conf.beg_label_seq_id        118 
_struct_conf.pdbx_beg_PDB_ins_code   ? 
_struct_conf.end_label_comp_id       ILE 
_struct_conf.end_label_asym_id       A 
_struct_conf.end_label_seq_id        122 
_struct_conf.pdbx_end_PDB_ins_code   ? 
_struct_conf.beg_auth_comp_id        ASN 
_struct_conf.beg_auth_asym_id        A 
_struct_conf.beg_auth_seq_id         303 
_struct_conf.end_auth_comp_id        ILE 
_struct_conf.end_auth_asym_id        A 
_struct_conf.end_auth_seq_id         307 
_struct_conf.pdbx_PDB_helix_class    5 
_struct_conf.details                 ? 
_struct_conf.pdbx_PDB_helix_length   5 
# 
_struct_conf_type.id          HELX_P 
_struct_conf_type.criteria    ? 
_struct_conf_type.reference   ? 
# 
loop_
_struct_conn.id 
_struct_conn.conn_type_id 
_struct_conn.pdbx_leaving_atom_flag 
_struct_conn.pdbx_PDB_id 
_struct_conn.ptnr1_label_asym_id 
_struct_conn.ptnr1_label_comp_id 
_struct_conn.ptnr1_label_seq_id 
_struct_conn.ptnr1_label_atom_id 
_struct_conn.pdbx_ptnr1_label_alt_id 
_struct_conn.pdbx_ptnr1_PDB_ins_code 
_struct_conn.pdbx_ptnr1_standard_comp_id 
_struct_conn.ptnr1_symmetry 
_struct_conn.ptnr2_label_asym_id 
_struct_conn.ptnr2_label_comp_id 
_struct_conn.ptnr2_label_seq_id 
_struct_conn.ptnr2_label_atom_id 
_struct_conn.pdbx_ptnr2_label_alt_id 
_struct_conn.pdbx_ptnr2_PDB_ins_code 
_struct_conn.ptnr1_auth_asym_id 
_struct_conn.ptnr1_auth_comp_id 
_struct_conn.ptnr1_auth_seq_id 
_struct_conn.ptnr2_auth_asym_id 
_struct_conn.ptnr2_auth_comp_id 
_struct_conn.ptnr2_auth_seq_id 
_struct_conn.ptnr2_symmetry 
_struct_conn.pdbx_ptnr3_label_atom_id 
_struct_conn.pdbx_ptnr3_label_seq_id 
_struct_conn.pdbx_ptnr3_label_comp_id 
_struct_conn.pdbx_ptnr3_label_asym_id 
_struct_conn.pdbx_ptnr3_label_alt_id 
_struct_conn.pdbx_ptnr3_PDB_ins_code 
_struct_conn.details 
_struct_conn.pdbx_dist_value 
_struct_conn.pdbx_value_order 
_struct_conn.pdbx_role 
covale1 covale both ? B NDG .   O4  ? ? ? 1_555 B GAL . C1 ? ? B NDG 1   B GAL 2   1_555 ? ? ? ? ? ? ? 1.388 ? ? 
metalc1 metalc ?    ? D HOH .   O   ? ? ? 1_555 C NI  . NI ? ? A HOH 16  A NI  401 1_555 ? ? ? ? ? ? ? 2.183 ? ? 
metalc2 metalc ?    ? A HIS 135 NE2 ? ? ? 1_555 C NI  . NI ? ? A HIS 320 A NI  401 1_555 ? ? ? ? ? ? ? 2.246 ? ? 
# 
loop_
_struct_conn_type.id 
_struct_conn_type.criteria 
_struct_conn_type.reference 
covale ? ? 
metalc ? ? 
# 
_struct_mon_prot_cis.pdbx_id                1 
_struct_mon_prot_cis.label_comp_id          MET 
_struct_mon_prot_cis.label_seq_id           8 
_struct_mon_prot_cis.label_asym_id          A 
_struct_mon_prot_cis.label_alt_id           . 
_struct_mon_prot_cis.pdbx_PDB_ins_code      ? 
_struct_mon_prot_cis.auth_comp_id           MET 
_struct_mon_prot_cis.auth_seq_id            193 
_struct_mon_prot_cis.auth_asym_id           A 
_struct_mon_prot_cis.pdbx_label_comp_id_2   PRO 
_struct_mon_prot_cis.pdbx_label_seq_id_2    9 
_struct_mon_prot_cis.pdbx_label_asym_id_2   A 
_struct_mon_prot_cis.pdbx_PDB_ins_code_2    ? 
_struct_mon_prot_cis.pdbx_auth_comp_id_2    PRO 
_struct_mon_prot_cis.pdbx_auth_seq_id_2     194 
_struct_mon_prot_cis.pdbx_auth_asym_id_2    A 
_struct_mon_prot_cis.pdbx_PDB_model_num     1 
_struct_mon_prot_cis.pdbx_omega_angle       0.08 
# 
loop_
_struct_sheet.id 
_struct_sheet.type 
_struct_sheet.number_strands 
_struct_sheet.details 
A ? 6 ? 
B ? 5 ? 
# 
loop_
_struct_sheet_order.sheet_id 
_struct_sheet_order.range_id_1 
_struct_sheet_order.range_id_2 
_struct_sheet_order.offset 
_struct_sheet_order.sense 
A 1 2 ? anti-parallel 
A 2 3 ? anti-parallel 
A 3 4 ? anti-parallel 
A 4 5 ? anti-parallel 
A 5 6 ? anti-parallel 
B 1 2 ? anti-parallel 
B 2 3 ? anti-parallel 
B 3 4 ? anti-parallel 
B 4 5 ? anti-parallel 
# 
loop_
_struct_sheet_range.sheet_id 
_struct_sheet_range.id 
_struct_sheet_range.beg_label_comp_id 
_struct_sheet_range.beg_label_asym_id 
_struct_sheet_range.beg_label_seq_id 
_struct_sheet_range.pdbx_beg_PDB_ins_code 
_struct_sheet_range.end_label_comp_id 
_struct_sheet_range.end_label_asym_id 
_struct_sheet_range.end_label_seq_id 
_struct_sheet_range.pdbx_end_PDB_ins_code 
_struct_sheet_range.beg_auth_comp_id 
_struct_sheet_range.beg_auth_asym_id 
_struct_sheet_range.beg_auth_seq_id 
_struct_sheet_range.end_auth_comp_id 
_struct_sheet_range.end_auth_asym_id 
_struct_sheet_range.end_auth_seq_id 
A 1 PHE A 10  ? THR A 13  ? PHE A 195 THR A 198 
A 2 ARG A 124 ? GLY A 129 ? ARG A 309 GLY A 314 
A 3 PHE A 37  ? SER A 43  ? PHE A 222 SER A 228 
A 4 HIS A 46  ? ARG A 54  ? HIS A 231 ARG A 239 
A 5 ALA A 59  ? ILE A 66  ? ALA A 244 ILE A 251 
A 6 SER A 69  ? TRP A 70  ? SER A 254 TRP A 255 
B 1 GLN A 107 ? TYR A 113 ? GLN A 292 TYR A 298 
B 2 CYS A 99  ? VAL A 104 ? CYS A 284 VAL A 289 
B 3 SER A 88  ? CYS A 95  ? SER A 273 CYS A 280 
B 4 SER A 23  ? VAL A 30  ? SER A 208 VAL A 215 
B 5 ILE A 131 ? GLN A 137 ? ILE A 316 GLN A 322 
# 
loop_
_pdbx_struct_sheet_hbond.sheet_id 
_pdbx_struct_sheet_hbond.range_id_1 
_pdbx_struct_sheet_hbond.range_id_2 
_pdbx_struct_sheet_hbond.range_1_label_atom_id 
_pdbx_struct_sheet_hbond.range_1_label_comp_id 
_pdbx_struct_sheet_hbond.range_1_label_asym_id 
_pdbx_struct_sheet_hbond.range_1_label_seq_id 
_pdbx_struct_sheet_hbond.range_1_PDB_ins_code 
_pdbx_struct_sheet_hbond.range_1_auth_atom_id 
_pdbx_struct_sheet_hbond.range_1_auth_comp_id 
_pdbx_struct_sheet_hbond.range_1_auth_asym_id 
_pdbx_struct_sheet_hbond.range_1_auth_seq_id 
_pdbx_struct_sheet_hbond.range_2_label_atom_id 
_pdbx_struct_sheet_hbond.range_2_label_comp_id 
_pdbx_struct_sheet_hbond.range_2_label_asym_id 
_pdbx_struct_sheet_hbond.range_2_label_seq_id 
_pdbx_struct_sheet_hbond.range_2_PDB_ins_code 
_pdbx_struct_sheet_hbond.range_2_auth_atom_id 
_pdbx_struct_sheet_hbond.range_2_auth_comp_id 
_pdbx_struct_sheet_hbond.range_2_auth_asym_id 
_pdbx_struct_sheet_hbond.range_2_auth_seq_id 
A 1 2 N THR A 12  ? N THR A 197 O LEU A 125 ? O LEU A 310 
A 2 3 O ARG A 124 ? O ARG A 309 N CYS A 42  ? N CYS A 227 
A 3 4 N SER A 43  ? N SER A 228 O HIS A 46  ? O HIS A 231 
A 4 5 N ARG A 54  ? N ARG A 239 O ALA A 59  ? O ALA A 244 
A 5 6 N ILE A 66  ? N ILE A 251 O SER A 69  ? O SER A 254 
B 1 2 O LEU A 109 ? O LEU A 294 N VAL A 102 ? N VAL A 287 
B 2 3 O LYS A 101 ? O LYS A 286 N LEU A 94  ? N LEU A 279 
B 3 4 O VAL A 91  ? O VAL A 276 N LEU A 26  ? N LEU A 211 
B 4 5 N THR A 29  ? N THR A 214 O GLN A 132 ? O GLN A 317 
# 
_atom_sites.entry_id                    3NV2 
_atom_sites.fract_transf_matrix[1][1]   0.00367834 
_atom_sites.fract_transf_matrix[1][2]   -0.01586246 
_atom_sites.fract_transf_matrix[1][3]   0.00089387 
_atom_sites.fract_transf_matrix[2][1]   0.00143501 
_atom_sites.fract_transf_matrix[2][2]   -0.00881903 
_atom_sites.fract_transf_matrix[2][3]   -0.01364245 
_atom_sites.fract_transf_matrix[3][1]   0.01939537 
_atom_sites.fract_transf_matrix[3][2]   0.00445043 
_atom_sites.fract_transf_matrix[3][3]   -0.00083679 
_atom_sites.fract_transf_vector[1]      0.603606 
_atom_sites.fract_transf_vector[2]      0.731053 
_atom_sites.fract_transf_vector[3]      0.490732 
# 
loop_
_atom_type.symbol 
C  
N  
NI 
O  
S  
# 
loop_
_atom_site.group_PDB 
_atom_site.id 
_atom_site.type_symbol 
_atom_site.label_atom_id 
_atom_site.label_alt_id 
_atom_site.label_comp_id 
_atom_site.label_asym_id 
_atom_site.label_entity_id 
_atom_site.label_seq_id 
_atom_site.pdbx_PDB_ins_code 
_atom_site.Cartn_x 
_atom_site.Cartn_y 
_atom_site.Cartn_z 
_atom_site.occupancy 
_atom_site.B_iso_or_equiv 
_atom_site.pdbx_formal_charge 
_atom_site.auth_seq_id 
_atom_site.auth_comp_id 
_atom_site.auth_asym_id 
_atom_site.auth_atom_id 
_atom_site.pdbx_PDB_model_num 
ATOM   1    N  N   . HIS A 1 3   ? -17.197 10.391  -9.687  1.00 66.89 ? 188 HIS A N   1 
ATOM   2    C  CA  . HIS A 1 3   ? -15.752 10.237  -9.339  1.00 66.07 ? 188 HIS A CA  1 
ATOM   3    C  C   . HIS A 1 3   ? -15.086 9.328   -10.367 1.00 64.24 ? 188 HIS A C   1 
ATOM   4    O  O   . HIS A 1 3   ? -14.907 8.135   -10.120 1.00 64.29 ? 188 HIS A O   1 
ATOM   5    C  CB  . HIS A 1 3   ? -15.577 9.587   -7.958  1.00 66.97 ? 188 HIS A CB  1 
ATOM   6    C  CG  . HIS A 1 3   ? -16.647 9.933   -6.968  1.00 68.44 ? 188 HIS A CG  1 
ATOM   7    N  ND1 . HIS A 1 3   ? -16.872 9.180   -5.836  1.00 68.70 ? 188 HIS A ND1 1 
ATOM   8    C  CD2 . HIS A 1 3   ? -17.557 10.936  -6.939  1.00 69.17 ? 188 HIS A CD2 1 
ATOM   9    C  CE1 . HIS A 1 3   ? -17.876 9.701   -5.155  1.00 68.93 ? 188 HIS A CE1 1 
ATOM   10   N  NE2 . HIS A 1 3   ? -18.309 10.768  -5.802  1.00 69.39 ? 188 HIS A NE2 1 
ATOM   11   N  N   . PRO A 1 4   ? -14.728 9.871   -11.540 1.00 62.56 ? 189 PRO A N   1 
ATOM   12   C  CA  . PRO A 1 4   ? -14.079 9.041   -12.559 1.00 60.43 ? 189 PRO A CA  1 
ATOM   13   C  C   . PRO A 1 4   ? -12.868 8.322   -11.980 1.00 57.69 ? 189 PRO A C   1 
ATOM   14   O  O   . PRO A 1 4   ? -12.116 8.887   -11.183 1.00 58.72 ? 189 PRO A O   1 
ATOM   15   C  CB  . PRO A 1 4   ? -13.704 10.052  -13.633 1.00 61.09 ? 189 PRO A CB  1 
ATOM   16   C  CG  . PRO A 1 4   ? -14.849 11.013  -13.561 1.00 62.03 ? 189 PRO A CG  1 
ATOM   17   C  CD  . PRO A 1 4   ? -15.011 11.218  -12.067 1.00 62.38 ? 189 PRO A CD  1 
ATOM   18   N  N   . ALA A 1 5   ? -12.687 7.073   -12.388 1.00 53.62 ? 190 ALA A N   1 
ATOM   19   C  CA  . ALA A 1 5   ? -11.588 6.257   -11.898 1.00 49.14 ? 190 ALA A CA  1 
ATOM   20   C  C   . ALA A 1 5   ? -10.238 6.605   -12.513 1.00 45.73 ? 190 ALA A C   1 
ATOM   21   O  O   . ALA A 1 5   ? -10.153 7.241   -13.565 1.00 45.97 ? 190 ALA A O   1 
ATOM   22   C  CB  . ALA A 1 5   ? -11.900 4.785   -12.141 1.00 48.53 ? 190 ALA A CB  1 
ATOM   23   N  N   . TYR A 1 6   ? -9.183  6.183   -11.827 1.00 40.42 ? 191 TYR A N   1 
ATOM   24   C  CA  . TYR A 1 6   ? -7.820  6.391   -12.286 1.00 34.23 ? 191 TYR A CA  1 
ATOM   25   C  C   . TYR A 1 6   ? -7.491  5.203   -13.181 1.00 32.80 ? 191 TYR A C   1 
ATOM   26   O  O   . TYR A 1 6   ? -8.163  4.171   -13.132 1.00 30.99 ? 191 TYR A O   1 
ATOM   27   C  CB  . TYR A 1 6   ? -6.834  6.366   -11.112 1.00 30.46 ? 191 TYR A CB  1 
ATOM   28   C  CG  . TYR A 1 6   ? -6.713  7.634   -10.297 1.00 28.60 ? 191 TYR A CG  1 
ATOM   29   C  CD1 . TYR A 1 6   ? -5.455  8.110   -9.928  1.00 25.98 ? 191 TYR A CD1 1 
ATOM   30   C  CD2 . TYR A 1 6   ? -7.840  8.341   -9.871  1.00 27.59 ? 191 TYR A CD2 1 
ATOM   31   C  CE1 . TYR A 1 6   ? -5.312  9.252   -9.159  1.00 27.22 ? 191 TYR A CE1 1 
ATOM   32   C  CE2 . TYR A 1 6   ? -7.710  9.495   -9.090  1.00 27.91 ? 191 TYR A CE2 1 
ATOM   33   C  CZ  . TYR A 1 6   ? -6.439  9.942   -8.739  1.00 29.74 ? 191 TYR A CZ  1 
ATOM   34   O  OH  . TYR A 1 6   ? -6.280  11.073  -7.968  1.00 28.69 ? 191 TYR A OH  1 
ATOM   35   N  N   . PRO A 1 7   ? -6.462  5.331   -14.025 1.00 30.96 ? 192 PRO A N   1 
ATOM   36   C  CA  . PRO A 1 7   ? -6.147  4.180   -14.861 1.00 30.99 ? 192 PRO A CA  1 
ATOM   37   C  C   . PRO A 1 7   ? -5.523  3.127   -13.945 1.00 31.08 ? 192 PRO A C   1 
ATOM   38   O  O   . PRO A 1 7   ? -4.984  3.454   -12.885 1.00 29.13 ? 192 PRO A O   1 
ATOM   39   C  CB  . PRO A 1 7   ? -5.144  4.748   -15.861 1.00 30.64 ? 192 PRO A CB  1 
ATOM   40   C  CG  . PRO A 1 7   ? -4.427  5.783   -15.051 1.00 31.05 ? 192 PRO A CG  1 
ATOM   41   C  CD  . PRO A 1 7   ? -5.581  6.468   -14.342 1.00 31.70 ? 192 PRO A CD  1 
ATOM   42   N  N   . MET A 1 8   ? -5.612  1.865   -14.343 1.00 32.16 ? 193 MET A N   1 
ATOM   43   C  CA  . MET A 1 8   ? -5.038  0.783   -13.557 1.00 30.97 ? 193 MET A CA  1 
ATOM   44   C  C   . MET A 1 8   ? -4.213  -0.110  -14.475 1.00 31.11 ? 193 MET A C   1 
ATOM   45   O  O   . MET A 1 8   ? -4.687  -0.538  -15.526 1.00 31.07 ? 193 MET A O   1 
ATOM   46   C  CB  . MET A 1 8   ? -6.144  -0.025  -12.879 1.00 30.06 ? 193 MET A CB  1 
ATOM   47   C  CG  . MET A 1 8   ? -6.824  0.682   -11.703 1.00 31.28 ? 193 MET A CG  1 
ATOM   48   S  SD  . MET A 1 8   ? -5.743  0.929   -10.255 1.00 31.50 ? 193 MET A SD  1 
ATOM   49   C  CE  . MET A 1 8   ? -5.565  -0.744  -9.690  1.00 28.70 ? 193 MET A CE  1 
ATOM   50   N  N   . PRO A 1 9   ? -2.960  -0.403  -14.085 1.00 31.16 ? 194 PRO A N   1 
ATOM   51   C  CA  . PRO A 1 9   ? -2.349  0.080   -12.842 1.00 30.28 ? 194 PRO A CA  1 
ATOM   52   C  C   . PRO A 1 9   ? -1.994  1.559   -12.897 1.00 30.03 ? 194 PRO A C   1 
ATOM   53   O  O   . PRO A 1 9   ? -1.763  2.110   -13.971 1.00 31.13 ? 194 PRO A O   1 
ATOM   54   C  CB  . PRO A 1 9   ? -1.109  -0.800  -12.707 1.00 30.22 ? 194 PRO A CB  1 
ATOM   55   C  CG  . PRO A 1 9   ? -0.694  -0.978  -14.137 1.00 31.89 ? 194 PRO A CG  1 
ATOM   56   C  CD  . PRO A 1 9   ? -2.023  -1.267  -14.826 1.00 30.36 ? 194 PRO A CD  1 
ATOM   57   N  N   . PHE A 1 10  ? -1.961  2.197   -11.731 1.00 28.87 ? 195 PHE A N   1 
ATOM   58   C  CA  . PHE A 1 10  ? -1.610  3.604   -11.643 1.00 27.66 ? 195 PHE A CA  1 
ATOM   59   C  C   . PHE A 1 10  ? -0.186  3.714   -11.111 1.00 28.72 ? 195 PHE A C   1 
ATOM   60   O  O   . PHE A 1 10  ? 0.144   3.164   -10.055 1.00 25.86 ? 195 PHE A O   1 
ATOM   61   C  CB  . PHE A 1 10  ? -2.565  4.360   -10.715 1.00 27.40 ? 195 PHE A CB  1 
ATOM   62   C  CG  . PHE A 1 10  ? -2.208  5.806   -10.543 1.00 27.60 ? 195 PHE A CG  1 
ATOM   63   C  CD1 . PHE A 1 10  ? -2.212  6.665   -11.635 1.00 27.74 ? 195 PHE A CD1 1 
ATOM   64   C  CD2 . PHE A 1 10  ? -1.822  6.300   -9.304  1.00 28.05 ? 195 PHE A CD2 1 
ATOM   65   C  CE1 . PHE A 1 10  ? -1.830  7.997   -11.499 1.00 28.18 ? 195 PHE A CE1 1 
ATOM   66   C  CE2 . PHE A 1 10  ? -1.437  7.633   -9.157  1.00 30.03 ? 195 PHE A CE2 1 
ATOM   67   C  CZ  . PHE A 1 10  ? -1.442  8.482   -10.258 1.00 28.68 ? 195 PHE A CZ  1 
ATOM   68   N  N   . ILE A 1 11  ? 0.653   4.428   -11.851 1.00 29.48 ? 196 ILE A N   1 
ATOM   69   C  CA  . ILE A 1 11  ? 2.044   4.597   -11.469 1.00 31.62 ? 196 ILE A CA  1 
ATOM   70   C  C   . ILE A 1 11  ? 2.418   6.065   -11.498 1.00 34.86 ? 196 ILE A C   1 
ATOM   71   O  O   . ILE A 1 11  ? 2.263   6.744   -12.518 1.00 36.86 ? 196 ILE A O   1 
ATOM   72   C  CB  . ILE A 1 11  ? 2.959   3.819   -12.418 1.00 31.47 ? 196 ILE A CB  1 
ATOM   73   C  CG1 . ILE A 1 11  ? 2.602   2.331   -12.354 1.00 32.21 ? 196 ILE A CG1 1 
ATOM   74   C  CG2 . ILE A 1 11  ? 4.416   4.056   -12.054 1.00 31.86 ? 196 ILE A CG2 1 
ATOM   75   C  CD1 . ILE A 1 11  ? 3.330   1.468   -13.361 1.00 34.16 ? 196 ILE A CD1 1 
ATOM   76   N  N   . THR A 1 12  ? 2.908   6.557   -10.368 1.00 34.23 ? 197 THR A N   1 
ATOM   77   C  CA  . THR A 1 12  ? 3.293   7.949   -10.271 1.00 35.38 ? 197 THR A CA  1 
ATOM   78   C  C   . THR A 1 12  ? 4.502   8.114   -9.370  1.00 37.36 ? 197 THR A C   1 
ATOM   79   O  O   . THR A 1 12  ? 4.666   7.390   -8.386  1.00 35.99 ? 197 THR A O   1 
ATOM   80   C  CB  . THR A 1 12  ? 2.142   8.803   -9.713  1.00 34.73 ? 197 THR A CB  1 
ATOM   81   O  OG1 . THR A 1 12  ? 2.509   10.184  -9.766  1.00 34.25 ? 197 THR A OG1 1 
ATOM   82   C  CG2 . THR A 1 12  ? 1.838   8.417   -8.269  1.00 33.64 ? 197 THR A CG2 1 
ATOM   83   N  N   . THR A 1 13  ? 5.350   9.072   -9.720  1.00 38.94 ? 198 THR A N   1 
ATOM   84   C  CA  . THR A 1 13  ? 6.547   9.349   -8.946  1.00 41.53 ? 198 THR A CA  1 
ATOM   85   C  C   . THR A 1 13  ? 6.182   10.240  -7.760  1.00 40.33 ? 198 THR A C   1 
ATOM   86   O  O   . THR A 1 13  ? 5.310   11.103  -7.868  1.00 39.82 ? 198 THR A O   1 
ATOM   87   C  CB  . THR A 1 13  ? 7.603   10.075  -9.806  1.00 42.77 ? 198 THR A CB  1 
ATOM   88   O  OG1 . THR A 1 13  ? 7.207   10.031  -11.179 1.00 45.52 ? 198 THR A OG1 1 
ATOM   89   C  CG2 . THR A 1 13  ? 8.959   9.403   -9.676  1.00 45.05 ? 198 THR A CG2 1 
ATOM   90   N  N   . ILE A 1 14  ? 6.834   9.999   -6.627  1.00 39.73 ? 199 ILE A N   1 
ATOM   91   C  CA  . ILE A 1 14  ? 6.627   10.784  -5.414  1.00 38.37 ? 199 ILE A CA  1 
ATOM   92   C  C   . ILE A 1 14  ? 7.863   11.669  -5.327  1.00 38.85 ? 199 ILE A C   1 
ATOM   93   O  O   . ILE A 1 14  ? 8.878   11.266  -4.761  1.00 36.99 ? 199 ILE A O   1 
ATOM   94   C  CB  . ILE A 1 14  ? 6.588   9.892   -4.156  1.00 38.41 ? 199 ILE A CB  1 
ATOM   95   C  CG1 . ILE A 1 14  ? 5.586   8.754   -4.353  1.00 39.16 ? 199 ILE A CG1 1 
ATOM   96   C  CG2 . ILE A 1 14  ? 6.223   10.729  -2.936  1.00 36.84 ? 199 ILE A CG2 1 
ATOM   97   C  CD1 . ILE A 1 14  ? 5.567   7.758   -3.208  1.00 39.56 ? 199 ILE A CD1 1 
ATOM   98   N  N   . LEU A 1 15  ? 7.781   12.860  -5.913  1.00 40.87 ? 200 LEU A N   1 
ATOM   99   C  CA  . LEU A 1 15  ? 8.902   13.794  -5.923  1.00 41.80 ? 200 LEU A CA  1 
ATOM   100  C  C   . LEU A 1 15  ? 9.436   14.056  -4.520  1.00 41.68 ? 200 LEU A C   1 
ATOM   101  O  O   . LEU A 1 15  ? 8.686   14.428  -3.615  1.00 41.99 ? 200 LEU A O   1 
ATOM   102  C  CB  . LEU A 1 15  ? 8.484   15.117  -6.575  1.00 44.01 ? 200 LEU A CB  1 
ATOM   103  C  CG  . LEU A 1 15  ? 7.929   15.056  -8.004  1.00 44.28 ? 200 LEU A CG  1 
ATOM   104  C  CD1 . LEU A 1 15  ? 7.494   16.447  -8.427  1.00 45.68 ? 200 LEU A CD1 1 
ATOM   105  C  CD2 . LEU A 1 15  ? 8.979   14.510  -8.963  1.00 45.92 ? 200 LEU A CD2 1 
ATOM   106  N  N   . GLY A 1 16  ? 10.738  13.858  -4.347  1.00 41.90 ? 201 GLY A N   1 
ATOM   107  C  CA  . GLY A 1 16  ? 11.347  14.072  -3.048  1.00 42.46 ? 201 GLY A CA  1 
ATOM   108  C  C   . GLY A 1 16  ? 11.373  12.803  -2.216  1.00 42.63 ? 201 GLY A C   1 
ATOM   109  O  O   . GLY A 1 16  ? 12.070  12.732  -1.203  1.00 43.39 ? 201 GLY A O   1 
ATOM   110  N  N   . GLY A 1 17  ? 10.610  11.800  -2.644  1.00 40.90 ? 202 GLY A N   1 
ATOM   111  C  CA  . GLY A 1 17  ? 10.568  10.541  -1.924  1.00 39.90 ? 202 GLY A CA  1 
ATOM   112  C  C   . GLY A 1 17  ? 9.846   10.632  -0.591  1.00 38.40 ? 202 GLY A C   1 
ATOM   113  O  O   . GLY A 1 17  ? 8.993   11.492  -0.385  1.00 37.28 ? 202 GLY A O   1 
ATOM   114  N  N   . LEU A 1 18  ? 10.190  9.734   0.322   1.00 37.43 ? 203 LEU A N   1 
ATOM   115  C  CA  . LEU A 1 18  ? 9.562   9.716   1.634   1.00 37.10 ? 203 LEU A CA  1 
ATOM   116  C  C   . LEU A 1 18  ? 10.437  10.368  2.700   1.00 36.38 ? 203 LEU A C   1 
ATOM   117  O  O   . LEU A 1 18  ? 11.617  10.628  2.480   1.00 36.36 ? 203 LEU A O   1 
ATOM   118  C  CB  . LEU A 1 18  ? 9.245   8.273   2.041   1.00 36.41 ? 203 LEU A CB  1 
ATOM   119  C  CG  . LEU A 1 18  ? 8.295   7.486   1.134   1.00 34.19 ? 203 LEU A CG  1 
ATOM   120  C  CD1 . LEU A 1 18  ? 8.136   6.071   1.675   1.00 33.50 ? 203 LEU A CD1 1 
ATOM   121  C  CD2 . LEU A 1 18  ? 6.949   8.184   1.067   1.00 32.16 ? 203 LEU A CD2 1 
ATOM   122  N  N   . TYR A 1 19  ? 9.838   10.626  3.857   1.00 36.54 ? 204 TYR A N   1 
ATOM   123  C  CA  . TYR A 1 19  ? 10.530  11.237  4.987   1.00 35.97 ? 204 TYR A CA  1 
ATOM   124  C  C   . TYR A 1 19  ? 9.534   11.305  6.134   1.00 34.84 ? 204 TYR A C   1 
ATOM   125  O  O   . TYR A 1 19  ? 8.324   11.302  5.908   1.00 34.84 ? 204 TYR A O   1 
ATOM   126  C  CB  . TYR A 1 19  ? 11.028  12.642  4.620   1.00 34.52 ? 204 TYR A CB  1 
ATOM   127  C  CG  . TYR A 1 19  ? 9.972   13.525  4.006   1.00 33.55 ? 204 TYR A CG  1 
ATOM   128  C  CD1 . TYR A 1 19  ? 9.001   14.146  4.795   1.00 35.77 ? 204 TYR A CD1 1 
ATOM   129  C  CD2 . TYR A 1 19  ? 9.913   13.703  2.627   1.00 34.06 ? 204 TYR A CD2 1 
ATOM   130  C  CE1 . TYR A 1 19  ? 7.991   14.922  4.218   1.00 35.49 ? 204 TYR A CE1 1 
ATOM   131  C  CE2 . TYR A 1 19  ? 8.915   14.471  2.042   1.00 35.13 ? 204 TYR A CE2 1 
ATOM   132  C  CZ  . TYR A 1 19  ? 7.957   15.075  2.839   1.00 35.78 ? 204 TYR A CZ  1 
ATOM   133  O  OH  . TYR A 1 19  ? 6.965   15.813  2.242   1.00 38.63 ? 204 TYR A OH  1 
ATOM   134  N  N   . PRO A 1 20  ? 10.027  11.363  7.379   1.00 34.46 ? 205 PRO A N   1 
ATOM   135  C  CA  . PRO A 1 20  ? 9.106   11.428  8.519   1.00 33.58 ? 205 PRO A CA  1 
ATOM   136  C  C   . PRO A 1 20  ? 8.030   12.504  8.347   1.00 33.78 ? 205 PRO A C   1 
ATOM   137  O  O   . PRO A 1 20  ? 8.318   13.632  7.954   1.00 32.51 ? 205 PRO A O   1 
ATOM   138  C  CB  . PRO A 1 20  ? 10.037  11.694  9.694   1.00 33.12 ? 205 PRO A CB  1 
ATOM   139  C  CG  . PRO A 1 20  ? 11.294  10.963  9.286   1.00 34.67 ? 205 PRO A CG  1 
ATOM   140  C  CD  . PRO A 1 20  ? 11.430  11.376  7.831   1.00 34.10 ? 205 PRO A CD  1 
ATOM   141  N  N   . SER A 1 21  ? 6.793   12.118  8.644   1.00 34.50 ? 206 SER A N   1 
ATOM   142  C  CA  . SER A 1 21  ? 5.605   12.971  8.540   1.00 36.04 ? 206 SER A CA  1 
ATOM   143  C  C   . SER A 1 21  ? 4.993   12.958  7.141   1.00 35.22 ? 206 SER A C   1 
ATOM   144  O  O   . SER A 1 21  ? 3.929   13.532  6.928   1.00 35.44 ? 206 SER A O   1 
ATOM   145  C  CB  . SER A 1 21  ? 5.923   14.419  8.930   1.00 37.37 ? 206 SER A CB  1 
ATOM   146  O  OG  . SER A 1 21  ? 6.478   15.133  7.840   1.00 37.97 ? 206 SER A OG  1 
ATOM   147  N  N   . LYS A 1 22  ? 5.660   12.303  6.196   1.00 35.67 ? 207 LYS A N   1 
ATOM   148  C  CA  . LYS A 1 22  ? 5.142   12.213  4.837   1.00 35.79 ? 207 LYS A CA  1 
ATOM   149  C  C   . LYS A 1 22  ? 3.972   11.229  4.802   1.00 35.42 ? 207 LYS A C   1 
ATOM   150  O  O   . LYS A 1 22  ? 4.056   10.133  5.352   1.00 35.34 ? 207 LYS A O   1 
ATOM   151  C  CB  . LYS A 1 22  ? 6.247   11.756  3.876   1.00 36.76 ? 207 LYS A CB  1 
ATOM   152  C  CG  . LYS A 1 22  ? 5.775   11.470  2.455   1.00 40.71 ? 207 LYS A CG  1 
ATOM   153  C  CD  . LYS A 1 22  ? 5.120   12.684  1.808   1.00 44.98 ? 207 LYS A CD  1 
ATOM   154  C  CE  . LYS A 1 22  ? 4.637   12.358  0.399   1.00 47.46 ? 207 LYS A CE  1 
ATOM   155  N  NZ  . LYS A 1 22  ? 3.891   13.494  -0.209  1.00 49.58 ? 207 LYS A NZ  1 
ATOM   156  N  N   . SER A 1 23  ? 2.882   11.629  4.157   1.00 34.94 ? 208 SER A N   1 
ATOM   157  C  CA  . SER A 1 23  ? 1.701   10.781  4.057   1.00 35.45 ? 208 SER A CA  1 
ATOM   158  C  C   . SER A 1 23  ? 1.229   10.557  2.624   1.00 33.56 ? 208 SER A C   1 
ATOM   159  O  O   . SER A 1 23  ? 1.259   11.468  1.795   1.00 33.30 ? 208 SER A O   1 
ATOM   160  C  CB  . SER A 1 23  ? 0.546   11.382  4.862   1.00 37.15 ? 208 SER A CB  1 
ATOM   161  O  OG  . SER A 1 23  ? 0.800   11.316  6.253   1.00 44.53 ? 208 SER A OG  1 
ATOM   162  N  N   . ILE A 1 24  ? 0.800   9.330   2.345   1.00 31.73 ? 209 ILE A N   1 
ATOM   163  C  CA  . ILE A 1 24  ? 0.262   8.960   1.037   1.00 29.74 ? 209 ILE A CA  1 
ATOM   164  C  C   . ILE A 1 24  ? -1.149  8.470   1.340   1.00 28.08 ? 209 ILE A C   1 
ATOM   165  O  O   . ILE A 1 24  ? -1.329  7.574   2.162   1.00 27.57 ? 209 ILE A O   1 
ATOM   166  C  CB  . ILE A 1 24  ? 1.047   7.786   0.362   1.00 31.12 ? 209 ILE A CB  1 
ATOM   167  C  CG1 . ILE A 1 24  ? 2.459   8.227   -0.020  1.00 30.59 ? 209 ILE A CG1 1 
ATOM   168  C  CG2 . ILE A 1 24  ? 0.308   7.312   -0.886  1.00 28.51 ? 209 ILE A CG2 1 
ATOM   169  C  CD1 . ILE A 1 24  ? 3.374   8.382   1.156   1.00 40.37 ? 209 ILE A CD1 1 
ATOM   170  N  N   . LEU A 1 25  ? -2.144  9.065   0.694   1.00 27.00 ? 210 LEU A N   1 
ATOM   171  C  CA  . LEU A 1 25  ? -3.528  8.665   0.913   1.00 26.48 ? 210 LEU A CA  1 
ATOM   172  C  C   . LEU A 1 25  ? -4.115  8.113   -0.381  1.00 25.54 ? 210 LEU A C   1 
ATOM   173  O  O   . LEU A 1 25  ? -3.794  8.583   -1.471  1.00 25.23 ? 210 LEU A O   1 
ATOM   174  C  CB  . LEU A 1 25  ? -4.373  9.864   1.367   1.00 27.21 ? 210 LEU A CB  1 
ATOM   175  C  CG  . LEU A 1 25  ? -3.823  10.831  2.427   1.00 27.72 ? 210 LEU A CG  1 
ATOM   176  C  CD1 . LEU A 1 25  ? -4.810  11.985  2.601   1.00 26.97 ? 210 LEU A CD1 1 
ATOM   177  C  CD2 . LEU A 1 25  ? -3.603  10.116  3.749   1.00 24.51 ? 210 LEU A CD2 1 
ATOM   178  N  N   . LEU A 1 26  ? -4.974  7.110   -0.251  1.00 25.89 ? 211 LEU A N   1 
ATOM   179  C  CA  . LEU A 1 26  ? -5.636  6.509   -1.402  1.00 27.30 ? 211 LEU A CA  1 
ATOM   180  C  C   . LEU A 1 26  ? -7.043  6.100   -1.005  1.00 27.73 ? 211 LEU A C   1 
ATOM   181  O  O   . LEU A 1 26  ? -7.288  5.711   0.137   1.00 29.28 ? 211 LEU A O   1 
ATOM   182  C  CB  . LEU A 1 26  ? -4.903  5.254   -1.892  1.00 25.88 ? 211 LEU A CB  1 
ATOM   183  C  CG  . LEU A 1 26  ? -3.420  5.285   -2.264  1.00 25.36 ? 211 LEU A CG  1 
ATOM   184  C  CD1 . LEU A 1 26  ? -2.578  5.222   -0.996  1.00 25.74 ? 211 LEU A CD1 1 
ATOM   185  C  CD2 . LEU A 1 26  ? -3.097  4.094   -3.156  1.00 23.54 ? 211 LEU A CD2 1 
ATOM   186  N  N   . SER A 1 27  ? -7.967  6.198   -1.951  1.00 27.17 ? 212 SER A N   1 
ATOM   187  C  CA  . SER A 1 27  ? -9.340  5.788   -1.711  1.00 26.94 ? 212 SER A CA  1 
ATOM   188  C  C   . SER A 1 27  ? -9.790  5.102   -2.989  1.00 26.65 ? 212 SER A C   1 
ATOM   189  O  O   . SER A 1 27  ? -9.164  5.253   -4.039  1.00 25.90 ? 212 SER A O   1 
ATOM   190  C  CB  . SER A 1 27  ? -10.238 6.990   -1.394  1.00 24.89 ? 212 SER A CB  1 
ATOM   191  O  OG  . SER A 1 27  ? -10.290 7.902   -2.472  1.00 28.28 ? 212 SER A OG  1 
ATOM   192  N  N   . GLY A 1 28  ? -10.866 4.338   -2.895  1.00 26.85 ? 213 GLY A N   1 
ATOM   193  C  CA  . GLY A 1 28  ? -11.363 3.633   -4.055  1.00 28.66 ? 213 GLY A CA  1 
ATOM   194  C  C   . GLY A 1 28  ? -12.346 2.584   -3.605  1.00 29.65 ? 213 GLY A C   1 
ATOM   195  O  O   . GLY A 1 28  ? -12.773 2.573   -2.448  1.00 30.97 ? 213 GLY A O   1 
ATOM   196  N  N   . THR A 1 29  ? -12.704 1.688   -4.511  1.00 28.55 ? 214 THR A N   1 
ATOM   197  C  CA  . THR A 1 29  ? -13.658 0.647   -4.177  1.00 27.51 ? 214 THR A CA  1 
ATOM   198  C  C   . THR A 1 29  ? -13.128 -0.715  -4.603  1.00 27.28 ? 214 THR A C   1 
ATOM   199  O  O   . THR A 1 29  ? -12.628 -0.873  -5.715  1.00 26.44 ? 214 THR A O   1 
ATOM   200  C  CB  . THR A 1 29  ? -15.014 0.924   -4.874  1.00 28.06 ? 214 THR A CB  1 
ATOM   201  O  OG1 . THR A 1 29  ? -15.537 2.178   -4.411  1.00 29.65 ? 214 THR A OG1 1 
ATOM   202  C  CG2 . THR A 1 29  ? -16.020 -0.180  -4.573  1.00 27.36 ? 214 THR A CG2 1 
ATOM   203  N  N   . VAL A 1 30  ? -13.217 -1.688  -3.702  1.00 27.05 ? 215 VAL A N   1 
ATOM   204  C  CA  . VAL A 1 30  ? -12.784 -3.051  -3.994  1.00 26.44 ? 215 VAL A CA  1 
ATOM   205  C  C   . VAL A 1 30  ? -13.843 -3.628  -4.937  1.00 26.51 ? 215 VAL A C   1 
ATOM   206  O  O   . VAL A 1 30  ? -15.039 -3.512  -4.669  1.00 27.35 ? 215 VAL A O   1 
ATOM   207  C  CB  . VAL A 1 30  ? -12.723 -3.906  -2.695  1.00 26.29 ? 215 VAL A CB  1 
ATOM   208  C  CG1 . VAL A 1 30  ? -12.284 -5.329  -3.016  1.00 25.82 ? 215 VAL A CG1 1 
ATOM   209  C  CG2 . VAL A 1 30  ? -11.761 -3.273  -1.692  1.00 23.49 ? 215 VAL A CG2 1 
ATOM   210  N  N   . LEU A 1 31  ? -13.415 -4.227  -6.045  1.00 26.08 ? 216 LEU A N   1 
ATOM   211  C  CA  . LEU A 1 31  ? -14.356 -4.802  -7.006  1.00 25.99 ? 216 LEU A CA  1 
ATOM   212  C  C   . LEU A 1 31  ? -15.160 -5.928  -6.354  1.00 26.88 ? 216 LEU A C   1 
ATOM   213  O  O   . LEU A 1 31  ? -14.699 -6.555  -5.399  1.00 26.03 ? 216 LEU A O   1 
ATOM   214  C  CB  . LEU A 1 31  ? -13.607 -5.313  -8.246  1.00 24.50 ? 216 LEU A CB  1 
ATOM   215  C  CG  . LEU A 1 31  ? -12.877 -4.208  -9.024  1.00 27.14 ? 216 LEU A CG  1 
ATOM   216  C  CD1 . LEU A 1 31  ? -12.090 -4.802  -10.176 1.00 25.18 ? 216 LEU A CD1 1 
ATOM   217  C  CD2 . LEU A 1 31  ? -13.889 -3.181  -9.532  1.00 27.05 ? 216 LEU A CD2 1 
ATOM   218  N  N   . PRO A 1 32  ? -16.374 -6.199  -6.868  1.00 27.54 ? 217 PRO A N   1 
ATOM   219  C  CA  . PRO A 1 32  ? -17.281 -7.238  -6.358  1.00 27.34 ? 217 PRO A CA  1 
ATOM   220  C  C   . PRO A 1 32  ? -16.685 -8.633  -6.192  1.00 26.35 ? 217 PRO A C   1 
ATOM   221  O  O   . PRO A 1 32  ? -16.974 -9.328  -5.220  1.00 25.66 ? 217 PRO A O   1 
ATOM   222  C  CB  . PRO A 1 32  ? -18.427 -7.228  -7.374  1.00 28.65 ? 217 PRO A CB  1 
ATOM   223  C  CG  . PRO A 1 32  ? -18.423 -5.817  -7.888  1.00 26.77 ? 217 PRO A CG  1 
ATOM   224  C  CD  . PRO A 1 32  ? -16.949 -5.557  -8.066  1.00 27.11 ? 217 PRO A CD  1 
ATOM   225  N  N   . SER A 1 33  ? -15.856 -9.041  -7.143  1.00 25.77 ? 218 SER A N   1 
ATOM   226  C  CA  . SER A 1 33  ? -15.254 -10.364 -7.093  1.00 25.14 ? 218 SER A CA  1 
ATOM   227  C  C   . SER A 1 33  ? -13.734 -10.309 -7.013  1.00 24.64 ? 218 SER A C   1 
ATOM   228  O  O   . SER A 1 33  ? -13.039 -11.211 -7.493  1.00 22.23 ? 218 SER A O   1 
ATOM   229  C  CB  . SER A 1 33  ? -15.687 -11.156 -8.325  1.00 24.98 ? 218 SER A CB  1 
ATOM   230  O  OG  . SER A 1 33  ? -17.096 -11.243 -8.369  1.00 27.10 ? 218 SER A OG  1 
ATOM   231  N  N   . ALA A 1 34  ? -13.229 -9.245  -6.400  1.00 24.69 ? 219 ALA A N   1 
ATOM   232  C  CA  . ALA A 1 34  ? -11.793 -9.046  -6.249  1.00 25.83 ? 219 ALA A CA  1 
ATOM   233  C  C   . ALA A 1 34  ? -11.082 -10.257 -5.663  1.00 24.79 ? 219 ALA A C   1 
ATOM   234  O  O   . ALA A 1 34  ? -11.599 -10.931 -4.777  1.00 23.21 ? 219 ALA A O   1 
ATOM   235  C  CB  . ALA A 1 34  ? -11.528 -7.829  -5.362  1.00 26.20 ? 219 ALA A CB  1 
ATOM   236  N  N   . GLN A 1 35  ? -9.893  -10.528 -6.177  1.00 25.40 ? 220 GLN A N   1 
ATOM   237  C  CA  . GLN A 1 35  ? -9.075  -11.621 -5.674  1.00 27.45 ? 220 GLN A CA  1 
ATOM   238  C  C   . GLN A 1 35  ? -8.007  -10.967 -4.802  1.00 26.10 ? 220 GLN A C   1 
ATOM   239  O  O   . GLN A 1 35  ? -7.821  -11.321 -3.635  1.00 26.28 ? 220 GLN A O   1 
ATOM   240  C  CB  . GLN A 1 35  ? -8.411  -12.372 -6.832  1.00 29.33 ? 220 GLN A CB  1 
ATOM   241  C  CG  . GLN A 1 35  ? -9.292  -13.421 -7.491  1.00 34.82 ? 220 GLN A CG  1 
ATOM   242  C  CD  . GLN A 1 35  ? -9.585  -14.588 -6.567  1.00 36.39 ? 220 GLN A CD  1 
ATOM   243  O  OE1 . GLN A 1 35  ? -10.686 -14.716 -6.031  1.00 37.04 ? 220 GLN A OE1 1 
ATOM   244  N  NE2 . GLN A 1 35  ? -8.587  -15.442 -6.367  1.00 41.32 ? 220 GLN A NE2 1 
ATOM   245  N  N   . ARG A 1 36  ? -7.326  -9.985  -5.383  1.00 24.08 ? 221 ARG A N   1 
ATOM   246  C  CA  . ARG A 1 36  ? -6.262  -9.268  -4.695  1.00 23.96 ? 221 ARG A CA  1 
ATOM   247  C  C   . ARG A 1 36  ? -6.028  -7.921  -5.360  1.00 21.55 ? 221 ARG A C   1 
ATOM   248  O  O   . ARG A 1 36  ? -6.482  -7.675  -6.472  1.00 19.61 ? 221 ARG A O   1 
ATOM   249  C  CB  . ARG A 1 36  ? -4.945  -10.054 -4.772  1.00 24.15 ? 221 ARG A CB  1 
ATOM   250  C  CG  . ARG A 1 36  ? -5.004  -11.495 -4.305  1.00 27.00 ? 221 ARG A CG  1 
ATOM   251  C  CD  . ARG A 1 36  ? -3.650  -12.173 -4.482  1.00 27.36 ? 221 ARG A CD  1 
ATOM   252  N  NE  . ARG A 1 36  ? -3.630  -13.528 -3.936  1.00 27.57 ? 221 ARG A NE  1 
ATOM   253  C  CZ  . ARG A 1 36  ? -2.569  -14.326 -3.965  1.00 30.58 ? 221 ARG A CZ  1 
ATOM   254  N  NH1 . ARG A 1 36  ? -1.433  -13.908 -4.513  1.00 28.09 ? 221 ARG A NH1 1 
ATOM   255  N  NH2 . ARG A 1 36  ? -2.642  -15.546 -3.446  1.00 31.68 ? 221 ARG A NH2 1 
ATOM   256  N  N   . PHE A 1 37  ? -5.305  -7.059  -4.663  1.00 20.83 ? 222 PHE A N   1 
ATOM   257  C  CA  . PHE A 1 37  ? -4.934  -5.755  -5.182  1.00 20.61 ? 222 PHE A CA  1 
ATOM   258  C  C   . PHE A 1 37  ? -3.729  -5.355  -4.350  1.00 19.65 ? 222 PHE A C   1 
ATOM   259  O  O   . PHE A 1 37  ? -3.520  -5.901  -3.267  1.00 17.28 ? 222 PHE A O   1 
ATOM   260  C  CB  . PHE A 1 37  ? -6.111  -4.755  -5.082  1.00 20.15 ? 222 PHE A CB  1 
ATOM   261  C  CG  . PHE A 1 37  ? -6.231  -4.028  -3.762  1.00 20.80 ? 222 PHE A CG  1 
ATOM   262  C  CD1 . PHE A 1 37  ? -5.420  -2.930  -3.475  1.00 21.62 ? 222 PHE A CD1 1 
ATOM   263  C  CD2 . PHE A 1 37  ? -7.227  -4.377  -2.851  1.00 18.61 ? 222 PHE A CD2 1 
ATOM   264  C  CE1 . PHE A 1 37  ? -5.605  -2.181  -2.303  1.00 19.41 ? 222 PHE A CE1 1 
ATOM   265  C  CE2 . PHE A 1 37  ? -7.423  -3.640  -1.678  1.00 20.53 ? 222 PHE A CE2 1 
ATOM   266  C  CZ  . PHE A 1 37  ? -6.610  -2.536  -1.404  1.00 20.53 ? 222 PHE A CZ  1 
ATOM   267  N  N   . HIS A 1 38  ? -2.910  -4.447  -4.866  1.00 20.76 ? 223 HIS A N   1 
ATOM   268  C  CA  . HIS A 1 38  ? -1.729  -4.026  -4.133  1.00 20.46 ? 223 HIS A CA  1 
ATOM   269  C  C   . HIS A 1 38  ? -1.393  -2.545  -4.267  1.00 21.71 ? 223 HIS A C   1 
ATOM   270  O  O   . HIS A 1 38  ? -1.876  -1.850  -5.166  1.00 20.65 ? 223 HIS A O   1 
ATOM   271  C  CB  . HIS A 1 38  ? -0.519  -4.846  -4.578  1.00 20.36 ? 223 HIS A CB  1 
ATOM   272  C  CG  . HIS A 1 38  ? -0.179  -4.682  -6.027  1.00 20.18 ? 223 HIS A CG  1 
ATOM   273  N  ND1 . HIS A 1 38  ? -0.767  -5.433  -7.022  1.00 22.37 ? 223 HIS A ND1 1 
ATOM   274  C  CD2 . HIS A 1 38  ? 0.677   -3.836  -6.650  1.00 19.68 ? 223 HIS A CD2 1 
ATOM   275  C  CE1 . HIS A 1 38  ? -0.285  -5.060  -8.196  1.00 19.73 ? 223 HIS A CE1 1 
ATOM   276  N  NE2 . HIS A 1 38  ? 0.591   -4.093  -7.997  1.00 20.47 ? 223 HIS A NE2 1 
ATOM   277  N  N   . ILE A 1 39  ? -0.551  -2.088  -3.344  1.00 22.27 ? 224 ILE A N   1 
ATOM   278  C  CA  . ILE A 1 39  ? -0.059  -0.721  -3.299  1.00 20.60 ? 224 ILE A CA  1 
ATOM   279  C  C   . ILE A 1 39  ? 1.436   -0.865  -3.039  1.00 21.90 ? 224 ILE A C   1 
ATOM   280  O  O   . ILE A 1 39  ? 1.842   -1.456  -2.040  1.00 21.40 ? 224 ILE A O   1 
ATOM   281  C  CB  . ILE A 1 39  ? -0.721  0.071   -2.151  1.00 21.74 ? 224 ILE A CB  1 
ATOM   282  C  CG1 . ILE A 1 39  ? -2.205  0.282   -2.465  1.00 19.90 ? 224 ILE A CG1 1 
ATOM   283  C  CG2 . ILE A 1 39  ? 0.001   1.407   -1.939  1.00 19.18 ? 224 ILE A CG2 1 
ATOM   284  C  CD1 . ILE A 1 39  ? -2.978  0.922   -1.347  1.00 21.88 ? 224 ILE A CD1 1 
ATOM   285  N  N   . ASN A 1 40  ? 2.258   -0.358  -3.952  1.00 22.46 ? 225 ASN A N   1 
ATOM   286  C  CA  . ASN A 1 40  ? 3.700   -0.461  -3.789  1.00 22.11 ? 225 ASN A CA  1 
ATOM   287  C  C   . ASN A 1 40  ? 4.364   0.896   -3.692  1.00 23.03 ? 225 ASN A C   1 
ATOM   288  O  O   . ASN A 1 40  ? 3.968   1.853   -4.356  1.00 25.36 ? 225 ASN A O   1 
ATOM   289  C  CB  . ASN A 1 40  ? 4.351   -1.221  -4.956  1.00 21.71 ? 225 ASN A CB  1 
ATOM   290  C  CG  . ASN A 1 40  ? 3.838   -2.648  -5.101  1.00 21.80 ? 225 ASN A CG  1 
ATOM   291  O  OD1 . ASN A 1 40  ? 3.280   -3.220  -4.167  1.00 19.17 ? 225 ASN A OD1 1 
ATOM   292  N  ND2 . ASN A 1 40  ? 4.045   -3.233  -6.278  1.00 18.53 ? 225 ASN A ND2 1 
ATOM   293  N  N   . LEU A 1 41  ? 5.372   0.960   -2.838  1.00 22.60 ? 226 LEU A N   1 
ATOM   294  C  CA  . LEU A 1 41  ? 6.180   2.152   -2.650  1.00 22.52 ? 226 LEU A CA  1 
ATOM   295  C  C   . LEU A 1 41  ? 7.500   1.611   -3.157  1.00 23.00 ? 226 LEU A C   1 
ATOM   296  O  O   . LEU A 1 41  ? 8.121   0.755   -2.519  1.00 21.30 ? 226 LEU A O   1 
ATOM   297  C  CB  . LEU A 1 41  ? 6.264   2.528   -1.169  1.00 23.05 ? 226 LEU A CB  1 
ATOM   298  C  CG  . LEU A 1 41  ? 4.946   3.054   -0.593  1.00 23.99 ? 226 LEU A CG  1 
ATOM   299  C  CD1 . LEU A 1 41  ? 5.096   3.420   0.881   1.00 21.52 ? 226 LEU A CD1 1 
ATOM   300  C  CD2 . LEU A 1 41  ? 4.531   4.269   -1.405  1.00 25.81 ? 226 LEU A CD2 1 
ATOM   301  N  N   . CYS A 1 42  ? 7.908   2.090   -4.324  1.00 25.22 ? 227 CYS A N   1 
ATOM   302  C  CA  . CYS A 1 42  ? 9.117   1.606   -4.962  1.00 26.22 ? 227 CYS A CA  1 
ATOM   303  C  C   . CYS A 1 42  ? 10.292  2.558   -4.948  1.00 27.68 ? 227 CYS A C   1 
ATOM   304  O  O   . CYS A 1 42  ? 10.138  3.769   -4.804  1.00 30.01 ? 227 CYS A O   1 
ATOM   305  C  CB  . CYS A 1 42  ? 8.800   1.224   -6.410  1.00 28.22 ? 227 CYS A CB  1 
ATOM   306  S  SG  . CYS A 1 42  ? 7.379   0.113   -6.601  1.00 28.48 ? 227 CYS A SG  1 
ATOM   307  N  N   . SER A 1 43  ? 11.474  1.977   -5.104  1.00 28.65 ? 228 SER A N   1 
ATOM   308  C  CA  . SER A 1 43  ? 12.723  2.710   -5.152  1.00 30.76 ? 228 SER A CA  1 
ATOM   309  C  C   . SER A 1 43  ? 13.512  2.088   -6.290  1.00 31.18 ? 228 SER A C   1 
ATOM   310  O  O   . SER A 1 43  ? 13.991  0.958   -6.174  1.00 31.81 ? 228 SER A O   1 
ATOM   311  C  CB  . SER A 1 43  ? 13.499  2.552   -3.846  1.00 33.12 ? 228 SER A CB  1 
ATOM   312  O  OG  . SER A 1 43  ? 14.771  3.166   -3.954  1.00 36.28 ? 228 SER A OG  1 
ATOM   313  N  N   . GLY A 1 44  ? 13.634  2.816   -7.395  1.00 30.40 ? 229 GLY A N   1 
ATOM   314  C  CA  . GLY A 1 44  ? 14.352  2.287   -8.534  1.00 30.60 ? 229 GLY A CA  1 
ATOM   315  C  C   . GLY A 1 44  ? 13.740  0.970   -8.967  1.00 32.09 ? 229 GLY A C   1 
ATOM   316  O  O   . GLY A 1 44  ? 12.592  0.930   -9.419  1.00 33.00 ? 229 GLY A O   1 
ATOM   317  N  N   . ASN A 1 45  ? 14.488  -0.117  -8.804  1.00 30.24 ? 230 ASN A N   1 
ATOM   318  C  CA  . ASN A 1 45  ? 14.001  -1.428  -9.204  1.00 30.27 ? 230 ASN A CA  1 
ATOM   319  C  C   . ASN A 1 45  ? 13.540  -2.301  -8.031  1.00 29.84 ? 230 ASN A C   1 
ATOM   320  O  O   . ASN A 1 45  ? 13.248  -3.476  -8.214  1.00 28.88 ? 230 ASN A O   1 
ATOM   321  C  CB  . ASN A 1 45  ? 15.089  -2.160  -9.995  1.00 30.46 ? 230 ASN A CB  1 
ATOM   322  C  CG  . ASN A 1 45  ? 14.534  -3.275  -10.848 1.00 31.82 ? 230 ASN A CG  1 
ATOM   323  O  OD1 . ASN A 1 45  ? 13.664  -3.051  -11.700 1.00 31.97 ? 230 ASN A OD1 1 
ATOM   324  N  ND2 . ASN A 1 45  ? 15.030  -4.488  -10.631 1.00 31.03 ? 230 ASN A ND2 1 
ATOM   325  N  N   . HIS A 1 46  ? 13.474  -1.730  -6.834  1.00 28.80 ? 231 HIS A N   1 
ATOM   326  C  CA  . HIS A 1 46  ? 13.038  -2.487  -5.665  1.00 29.30 ? 231 HIS A CA  1 
ATOM   327  C  C   . HIS A 1 46  ? 11.666  -2.028  -5.193  1.00 28.17 ? 231 HIS A C   1 
ATOM   328  O  O   . HIS A 1 46  ? 11.259  -0.892  -5.449  1.00 26.69 ? 231 HIS A O   1 
ATOM   329  C  CB  . HIS A 1 46  ? 13.995  -2.298  -4.483  1.00 30.46 ? 231 HIS A CB  1 
ATOM   330  C  CG  . HIS A 1 46  ? 15.442  -2.414  -4.833  1.00 33.92 ? 231 HIS A CG  1 
ATOM   331  N  ND1 . HIS A 1 46  ? 15.942  -3.433  -5.613  1.00 35.75 ? 231 HIS A ND1 1 
ATOM   332  C  CD2 . HIS A 1 46  ? 16.504  -1.654  -4.479  1.00 34.01 ? 231 HIS A CD2 1 
ATOM   333  C  CE1 . HIS A 1 46  ? 17.251  -3.295  -5.728  1.00 35.76 ? 231 HIS A CE1 1 
ATOM   334  N  NE2 . HIS A 1 46  ? 17.616  -2.223  -5.047  1.00 36.41 ? 231 HIS A NE2 1 
ATOM   335  N  N   . ILE A 1 47  ? 10.951  -2.919  -4.509  1.00 26.06 ? 232 ILE A N   1 
ATOM   336  C  CA  . ILE A 1 47  ? 9.660   -2.557  -3.938  1.00 25.69 ? 232 ILE A CA  1 
ATOM   337  C  C   . ILE A 1 47  ? 9.938   -2.425  -2.445  1.00 23.94 ? 232 ILE A C   1 
ATOM   338  O  O   . ILE A 1 47  ? 10.024  -3.424  -1.733  1.00 21.04 ? 232 ILE A O   1 
ATOM   339  C  CB  . ILE A 1 47  ? 8.565   -3.637  -4.146  1.00 27.02 ? 232 ILE A CB  1 
ATOM   340  C  CG1 . ILE A 1 47  ? 8.164   -3.733  -5.620  1.00 27.35 ? 232 ILE A CG1 1 
ATOM   341  C  CG2 . ILE A 1 47  ? 7.315   -3.258  -3.365  1.00 26.59 ? 232 ILE A CG2 1 
ATOM   342  C  CD1 . ILE A 1 47  ? 8.946   -4.723  -6.409  1.00 33.51 ? 232 ILE A CD1 1 
ATOM   343  N  N   . ALA A 1 48  ? 10.103  -1.192  -1.980  1.00 23.24 ? 233 ALA A N   1 
ATOM   344  C  CA  . ALA A 1 48  ? 10.381  -0.945  -0.571  1.00 24.30 ? 233 ALA A CA  1 
ATOM   345  C  C   . ALA A 1 48  ? 9.244   -1.456  0.307   1.00 24.53 ? 233 ALA A C   1 
ATOM   346  O  O   . ALA A 1 48  ? 9.475   -2.099  1.331   1.00 26.47 ? 233 ALA A O   1 
ATOM   347  C  CB  . ALA A 1 48  ? 10.602  0.552   -0.329  1.00 23.25 ? 233 ALA A CB  1 
ATOM   348  N  N   . PHE A 1 49  ? 8.014   -1.167  -0.104  1.00 24.55 ? 234 PHE A N   1 
ATOM   349  C  CA  . PHE A 1 49  ? 6.835   -1.591  0.643   1.00 21.63 ? 234 PHE A CA  1 
ATOM   350  C  C   . PHE A 1 49  ? 5.762   -2.129  -0.299  1.00 21.92 ? 234 PHE A C   1 
ATOM   351  O  O   . PHE A 1 49  ? 5.383   -1.473  -1.270  1.00 20.00 ? 234 PHE A O   1 
ATOM   352  C  CB  . PHE A 1 49  ? 6.277   -0.416  1.442   1.00 19.05 ? 234 PHE A CB  1 
ATOM   353  C  CG  . PHE A 1 49  ? 5.045   -0.747  2.234   1.00 20.26 ? 234 PHE A CG  1 
ATOM   354  C  CD1 . PHE A 1 49  ? 5.068   -1.753  3.199   1.00 16.23 ? 234 PHE A CD1 1 
ATOM   355  C  CD2 . PHE A 1 49  ? 3.864   -0.031  2.031   1.00 18.75 ? 234 PHE A CD2 1 
ATOM   356  C  CE1 . PHE A 1 49  ? 3.935   -2.041  3.949   1.00 18.47 ? 234 PHE A CE1 1 
ATOM   357  C  CE2 . PHE A 1 49  ? 2.723   -0.310  2.775   1.00 19.39 ? 234 PHE A CE2 1 
ATOM   358  C  CZ  . PHE A 1 49  ? 2.755   -1.316  3.739   1.00 19.69 ? 234 PHE A CZ  1 
ATOM   359  N  N   . HIS A 1 50  ? 5.278   -3.324  0.013   1.00 21.62 ? 235 HIS A N   1 
ATOM   360  C  CA  . HIS A 1 50  ? 4.250   -3.991  -0.774  1.00 20.46 ? 235 HIS A CA  1 
ATOM   361  C  C   . HIS A 1 50  ? 3.052   -4.303  0.136   1.00 20.86 ? 235 HIS A C   1 
ATOM   362  O  O   . HIS A 1 50  ? 3.159   -5.128  1.046   1.00 21.80 ? 235 HIS A O   1 
ATOM   363  C  CB  . HIS A 1 50  ? 4.841   -5.278  -1.358  1.00 19.99 ? 235 HIS A CB  1 
ATOM   364  C  CG  . HIS A 1 50  ? 3.876   -6.102  -2.152  1.00 20.37 ? 235 HIS A CG  1 
ATOM   365  N  ND1 . HIS A 1 50  ? 3.243   -5.630  -3.282  1.00 20.23 ? 235 HIS A ND1 1 
ATOM   366  C  CD2 . HIS A 1 50  ? 3.484   -7.391  -2.013  1.00 19.73 ? 235 HIS A CD2 1 
ATOM   367  C  CE1 . HIS A 1 50  ? 2.506   -6.593  -3.806  1.00 20.41 ? 235 HIS A CE1 1 
ATOM   368  N  NE2 . HIS A 1 50  ? 2.635   -7.672  -3.056  1.00 22.06 ? 235 HIS A NE2 1 
ATOM   369  N  N   . LEU A 1 51  ? 1.933   -3.618  -0.106  1.00 18.98 ? 236 LEU A N   1 
ATOM   370  C  CA  . LEU A 1 51  ? 0.693   -3.797  0.654   1.00 16.54 ? 236 LEU A CA  1 
ATOM   371  C  C   . LEU A 1 51  ? -0.229  -4.594  -0.263  1.00 18.25 ? 236 LEU A C   1 
ATOM   372  O  O   . LEU A 1 51  ? -0.749  -4.075  -1.251  1.00 17.49 ? 236 LEU A O   1 
ATOM   373  C  CB  . LEU A 1 51  ? 0.076   -2.433  0.999   1.00 15.59 ? 236 LEU A CB  1 
ATOM   374  C  CG  . LEU A 1 51  ? -1.289  -2.373  1.713   1.00 15.20 ? 236 LEU A CG  1 
ATOM   375  C  CD1 . LEU A 1 51  ? -1.349  -3.387  2.844   1.00 15.54 ? 236 LEU A CD1 1 
ATOM   376  C  CD2 . LEU A 1 51  ? -1.524  -0.956  2.252   1.00 13.14 ? 236 LEU A CD2 1 
ATOM   377  N  N   . ASN A 1 52  ? -0.440  -5.856  0.082   1.00 20.07 ? 237 ASN A N   1 
ATOM   378  C  CA  . ASN A 1 52  ? -1.217  -6.754  -0.755  1.00 21.08 ? 237 ASN A CA  1 
ATOM   379  C  C   . ASN A 1 52  ? -2.418  -7.428  -0.079  1.00 21.70 ? 237 ASN A C   1 
ATOM   380  O  O   . ASN A 1 52  ? -2.301  -8.534  0.450   1.00 19.57 ? 237 ASN A O   1 
ATOM   381  C  CB  . ASN A 1 52  ? -0.244  -7.814  -1.302  1.00 22.12 ? 237 ASN A CB  1 
ATOM   382  C  CG  . ASN A 1 52  ? -0.873  -8.734  -2.325  1.00 23.95 ? 237 ASN A CG  1 
ATOM   383  O  OD1 . ASN A 1 52  ? -0.509  -9.906  -2.417  1.00 26.59 ? 237 ASN A OD1 1 
ATOM   384  N  ND2 . ASN A 1 52  ? -1.802  -8.209  -3.111  1.00 21.91 ? 237 ASN A ND2 1 
ATOM   385  N  N   . PRO A 1 53  ? -3.585  -6.755  -0.064  1.00 21.66 ? 238 PRO A N   1 
ATOM   386  C  CA  . PRO A 1 53  ? -4.772  -7.360  0.556   1.00 22.39 ? 238 PRO A CA  1 
ATOM   387  C  C   . PRO A 1 53  ? -5.214  -8.542  -0.318  1.00 23.37 ? 238 PRO A C   1 
ATOM   388  O  O   . PRO A 1 53  ? -5.299  -8.409  -1.537  1.00 24.30 ? 238 PRO A O   1 
ATOM   389  C  CB  . PRO A 1 53  ? -5.793  -6.222  0.528   1.00 22.59 ? 238 PRO A CB  1 
ATOM   390  C  CG  . PRO A 1 53  ? -4.937  -5.001  0.614   1.00 20.96 ? 238 PRO A CG  1 
ATOM   391  C  CD  . PRO A 1 53  ? -3.809  -5.324  -0.327  1.00 19.10 ? 238 PRO A CD  1 
ATOM   392  N  N   . ARG A 1 54  ? -5.489  -9.690  0.294   1.00 24.22 ? 239 ARG A N   1 
ATOM   393  C  CA  . ARG A 1 54  ? -5.896  -10.875 -0.460  1.00 24.46 ? 239 ARG A CA  1 
ATOM   394  C  C   . ARG A 1 54  ? -7.235  -11.424 0.012   1.00 25.82 ? 239 ARG A C   1 
ATOM   395  O  O   . ARG A 1 54  ? -7.370  -11.853 1.158   1.00 25.62 ? 239 ARG A O   1 
ATOM   396  C  CB  . ARG A 1 54  ? -4.839  -11.971 -0.329  1.00 24.91 ? 239 ARG A CB  1 
ATOM   397  C  CG  . ARG A 1 54  ? -3.442  -11.552 -0.776  1.00 26.65 ? 239 ARG A CG  1 
ATOM   398  C  CD  . ARG A 1 54  ? -2.442  -12.686 -0.619  1.00 23.17 ? 239 ARG A CD  1 
ATOM   399  N  NE  . ARG A 1 54  ? -1.116  -12.316 -1.113  1.00 23.25 ? 239 ARG A NE  1 
ATOM   400  C  CZ  . ARG A 1 54  ? -0.070  -13.138 -1.131  1.00 22.58 ? 239 ARG A CZ  1 
ATOM   401  N  NH1 . ARG A 1 54  ? -0.194  -14.381 -0.683  1.00 21.51 ? 239 ARG A NH1 1 
ATOM   402  N  NH2 . ARG A 1 54  ? 1.104   -12.716 -1.589  1.00 19.34 ? 239 ARG A NH2 1 
ATOM   403  N  N   . PHE A 1 55  ? -8.219  -11.418 -0.883  1.00 26.36 ? 240 PHE A N   1 
ATOM   404  C  CA  . PHE A 1 55  ? -9.555  -11.911 -0.564  1.00 27.02 ? 240 PHE A CA  1 
ATOM   405  C  C   . PHE A 1 55  ? -9.633  -13.421 -0.755  1.00 28.13 ? 240 PHE A C   1 
ATOM   406  O  O   . PHE A 1 55  ? -10.456 -14.091 -0.136  1.00 27.92 ? 240 PHE A O   1 
ATOM   407  C  CB  . PHE A 1 55  ? -10.585 -11.196 -1.443  1.00 26.23 ? 240 PHE A CB  1 
ATOM   408  C  CG  . PHE A 1 55  ? -10.555 -9.701  -1.291  1.00 25.88 ? 240 PHE A CG  1 
ATOM   409  C  CD1 . PHE A 1 55  ? -11.221 -9.082  -0.239  1.00 23.58 ? 240 PHE A CD1 1 
ATOM   410  C  CD2 . PHE A 1 55  ? -9.784  -8.921  -2.145  1.00 24.77 ? 240 PHE A CD2 1 
ATOM   411  C  CE1 . PHE A 1 55  ? -11.111 -7.711  -0.035  1.00 23.41 ? 240 PHE A CE1 1 
ATOM   412  C  CE2 . PHE A 1 55  ? -9.667  -7.545  -1.945  1.00 26.48 ? 240 PHE A CE2 1 
ATOM   413  C  CZ  . PHE A 1 55  ? -10.334 -6.941  -0.888  1.00 22.14 ? 240 PHE A CZ  1 
ATOM   414  N  N   . ASP A 1 56  ? -8.768  -13.955 -1.608  1.00 29.52 ? 241 ASP A N   1 
ATOM   415  C  CA  . ASP A 1 56  ? -8.740  -15.390 -1.850  1.00 32.10 ? 241 ASP A CA  1 
ATOM   416  C  C   . ASP A 1 56  ? -8.160  -16.086 -0.622  1.00 33.14 ? 241 ASP A C   1 
ATOM   417  O  O   . ASP A 1 56  ? -8.482  -17.238 -0.346  1.00 35.17 ? 241 ASP A O   1 
ATOM   418  C  CB  . ASP A 1 56  ? -7.890  -15.698 -3.083  1.00 33.82 ? 241 ASP A CB  1 
ATOM   419  C  CG  . ASP A 1 56  ? -6.449  -15.265 -2.921  1.00 36.00 ? 241 ASP A CG  1 
ATOM   420  O  OD1 . ASP A 1 56  ? -6.212  -14.114 -2.497  1.00 34.30 ? 241 ASP A OD1 1 
ATOM   421  O  OD2 . ASP A 1 56  ? -5.549  -16.075 -3.223  1.00 40.07 ? 241 ASP A OD2 1 
ATOM   422  N  N   . GLU A 1 57  ? -7.315  -15.366 0.115   1.00 32.74 ? 242 GLU A N   1 
ATOM   423  C  CA  . GLU A 1 57  ? -6.677  -15.876 1.332   1.00 31.36 ? 242 GLU A CA  1 
ATOM   424  C  C   . GLU A 1 57  ? -7.199  -15.151 2.567   1.00 31.61 ? 242 GLU A C   1 
ATOM   425  O  O   . GLU A 1 57  ? -6.832  -15.484 3.695   1.00 33.05 ? 242 GLU A O   1 
ATOM   426  C  CB  . GLU A 1 57  ? -5.159  -15.677 1.269   1.00 30.47 ? 242 GLU A CB  1 
ATOM   427  C  CG  . GLU A 1 57  ? -4.386  -16.736 0.516   1.00 31.49 ? 242 GLU A CG  1 
ATOM   428  C  CD  . GLU A 1 57  ? -2.898  -16.423 0.435   1.00 33.63 ? 242 GLU A CD  1 
ATOM   429  O  OE1 . GLU A 1 57  ? -2.378  -15.718 1.328   1.00 33.58 ? 242 GLU A OE1 1 
ATOM   430  O  OE2 . GLU A 1 57  ? -2.243  -16.891 -0.516  1.00 36.19 ? 242 GLU A OE2 1 
ATOM   431  N  N   . ASN A 1 58  ? -8.043  -14.148 2.351   1.00 31.93 ? 243 ASN A N   1 
ATOM   432  C  CA  . ASN A 1 58  ? -8.593  -13.357 3.449   1.00 30.96 ? 243 ASN A CA  1 
ATOM   433  C  C   . ASN A 1 58  ? -7.487  -12.746 4.314   1.00 30.56 ? 243 ASN A C   1 
ATOM   434  O  O   . ASN A 1 58  ? -7.639  -12.619 5.529   1.00 31.45 ? 243 ASN A O   1 
ATOM   435  C  CB  . ASN A 1 58  ? -9.508  -14.221 4.327   1.00 31.35 ? 243 ASN A CB  1 
ATOM   436  C  CG  . ASN A 1 58  ? -10.127 -13.433 5.466   1.00 31.64 ? 243 ASN A CG  1 
ATOM   437  O  OD1 . ASN A 1 58  ? -10.631 -12.329 5.264   1.00 33.28 ? 243 ASN A OD1 1 
ATOM   438  N  ND2 . ASN A 1 58  ? -10.092 -13.993 6.669   1.00 31.36 ? 243 ASN A ND2 1 
ATOM   439  N  N   . ALA A 1 59  ? -6.383  -12.335 3.695   1.00 28.35 ? 244 ALA A N   1 
ATOM   440  C  CA  . ALA A 1 59  ? -5.277  -11.775 4.466   1.00 27.77 ? 244 ALA A CA  1 
ATOM   441  C  C   . ALA A 1 59  ? -4.719  -10.477 3.905   1.00 27.29 ? 244 ALA A C   1 
ATOM   442  O  O   . ALA A 1 59  ? -5.013  -10.104 2.771   1.00 29.68 ? 244 ALA A O   1 
ATOM   443  C  CB  . ALA A 1 59  ? -4.159  -12.816 4.574   1.00 25.35 ? 244 ALA A CB  1 
ATOM   444  N  N   . VAL A 1 60  ? -3.923  -9.787  4.715   1.00 24.92 ? 245 VAL A N   1 
ATOM   445  C  CA  . VAL A 1 60  ? -3.280  -8.551  4.291   1.00 23.63 ? 245 VAL A CA  1 
ATOM   446  C  C   . VAL A 1 60  ? -1.779  -8.803  4.380   1.00 24.25 ? 245 VAL A C   1 
ATOM   447  O  O   . VAL A 1 60  ? -1.186  -8.777  5.464   1.00 21.17 ? 245 VAL A O   1 
ATOM   448  C  CB  . VAL A 1 60  ? -3.636  -7.355  5.194   1.00 24.32 ? 245 VAL A CB  1 
ATOM   449  C  CG1 . VAL A 1 60  ? -3.024  -6.084  4.615   1.00 22.06 ? 245 VAL A CG1 1 
ATOM   450  C  CG2 . VAL A 1 60  ? -5.151  -7.205  5.298   1.00 25.76 ? 245 VAL A CG2 1 
ATOM   451  N  N   . VAL A 1 61  ? -1.177  -9.064  3.227   1.00 22.69 ? 246 VAL A N   1 
ATOM   452  C  CA  . VAL A 1 61  ? 0.240   -9.359  3.149   1.00 22.54 ? 246 VAL A CA  1 
ATOM   453  C  C   . VAL A 1 61  ? 1.106   -8.134  2.904   1.00 22.14 ? 246 VAL A C   1 
ATOM   454  O  O   . VAL A 1 61  ? 0.794   -7.302  2.052   1.00 20.57 ? 246 VAL A O   1 
ATOM   455  C  CB  . VAL A 1 61  ? 0.510   -10.377 2.015   1.00 23.41 ? 246 VAL A CB  1 
ATOM   456  C  CG1 . VAL A 1 61  ? 1.985   -10.742 1.967   1.00 20.81 ? 246 VAL A CG1 1 
ATOM   457  C  CG2 . VAL A 1 61  ? -0.349  -11.617 2.223   1.00 23.17 ? 246 VAL A CG2 1 
ATOM   458  N  N   . ARG A 1 62  ? 2.197   -8.032  3.659   1.00 20.64 ? 247 ARG A N   1 
ATOM   459  C  CA  . ARG A 1 62  ? 3.144   -6.936  3.495   1.00 19.71 ? 247 ARG A CA  1 
ATOM   460  C  C   . ARG A 1 62  ? 4.523   -7.571  3.328   1.00 21.34 ? 247 ARG A C   1 
ATOM   461  O  O   . ARG A 1 62  ? 4.853   -8.540  4.019   1.00 22.55 ? 247 ARG A O   1 
ATOM   462  C  CB  . ARG A 1 62  ? 3.120   -6.005  4.711   1.00 18.97 ? 247 ARG A CB  1 
ATOM   463  C  CG  . ARG A 1 62  ? 1.769   -5.323  4.949   1.00 21.03 ? 247 ARG A CG  1 
ATOM   464  C  CD  . ARG A 1 62  ? 0.831   -6.180  5.805   1.00 18.70 ? 247 ARG A CD  1 
ATOM   465  N  NE  . ARG A 1 62  ? 1.246   -6.169  7.204   1.00 19.78 ? 247 ARG A NE  1 
ATOM   466  C  CZ  . ARG A 1 62  ? 0.612   -6.798  8.190   1.00 20.14 ? 247 ARG A CZ  1 
ATOM   467  N  NH1 . ARG A 1 62  ? 1.079   -6.716  9.430   1.00 15.96 ? 247 ARG A NH1 1 
ATOM   468  N  NH2 . ARG A 1 62  ? -0.483  -7.508  7.943   1.00 18.93 ? 247 ARG A NH2 1 
ATOM   469  N  N   . ASN A 1 63  ? 5.322   -7.042  2.407   1.00 20.86 ? 248 ASN A N   1 
ATOM   470  C  CA  . ASN A 1 63  ? 6.653   -7.585  2.153   1.00 21.51 ? 248 ASN A CA  1 
ATOM   471  C  C   . ASN A 1 63  ? 7.506   -6.565  1.397   1.00 21.39 ? 248 ASN A C   1 
ATOM   472  O  O   . ASN A 1 63  ? 7.035   -5.480  1.045   1.00 19.70 ? 248 ASN A O   1 
ATOM   473  C  CB  . ASN A 1 63  ? 6.533   -8.871  1.321   1.00 20.11 ? 248 ASN A CB  1 
ATOM   474  C  CG  . ASN A 1 63  ? 7.712   -9.812  1.517   1.00 23.05 ? 248 ASN A CG  1 
ATOM   475  O  OD1 . ASN A 1 63  ? 8.722   -9.445  2.116   1.00 22.60 ? 248 ASN A OD1 1 
ATOM   476  N  ND2 . ASN A 1 63  ? 7.589   -11.035 1.004   1.00 24.11 ? 248 ASN A ND2 1 
ATOM   477  N  N   . THR A 1 64  ? 8.760   -6.925  1.151   1.00 22.23 ? 249 THR A N   1 
ATOM   478  C  CA  . THR A 1 64  ? 9.701   -6.071  0.422   1.00 23.66 ? 249 THR A CA  1 
ATOM   479  C  C   . THR A 1 64  ? 10.435  -6.917  -0.613  1.00 24.39 ? 249 THR A C   1 
ATOM   480  O  O   . THR A 1 64  ? 10.840  -8.042  -0.324  1.00 25.39 ? 249 THR A O   1 
ATOM   481  C  CB  . THR A 1 64  ? 10.746  -5.446  1.377   1.00 21.90 ? 249 THR A CB  1 
ATOM   482  O  OG1 . THR A 1 64  ? 10.097  -4.513  2.245   1.00 17.69 ? 249 THR A OG1 1 
ATOM   483  C  CG2 . THR A 1 64  ? 11.848  -4.735  0.591   1.00 18.95 ? 249 THR A CG2 1 
ATOM   484  N  N   . GLN A 1 65  ? 10.597  -6.390  -1.820  1.00 27.04 ? 250 GLN A N   1 
ATOM   485  C  CA  . GLN A 1 65  ? 11.301  -7.134  -2.859  1.00 28.81 ? 250 GLN A CA  1 
ATOM   486  C  C   . GLN A 1 65  ? 12.546  -6.388  -3.311  1.00 29.99 ? 250 GLN A C   1 
ATOM   487  O  O   . GLN A 1 65  ? 12.485  -5.245  -3.738  1.00 30.27 ? 250 GLN A O   1 
ATOM   488  C  CB  . GLN A 1 65  ? 10.402  -7.388  -4.072  1.00 27.63 ? 250 GLN A CB  1 
ATOM   489  C  CG  . GLN A 1 65  ? 11.054  -8.278  -5.127  1.00 29.61 ? 250 GLN A CG  1 
ATOM   490  C  CD  . GLN A 1 65  ? 10.170  -8.513  -6.334  1.00 32.60 ? 250 GLN A CD  1 
ATOM   491  O  OE1 . GLN A 1 65  ? 9.770   -9.643  -6.621  1.00 35.72 ? 250 GLN A OE1 1 
ATOM   492  N  NE2 . GLN A 1 65  ? 9.858   -7.445  -7.051  1.00 33.84 ? 250 GLN A NE2 1 
ATOM   493  N  N   . ILE A 1 66  ? 13.685  -7.049  -3.190  1.00 34.21 ? 251 ILE A N   1 
ATOM   494  C  CA  . ILE A 1 66  ? 14.954  -6.478  -3.595  1.00 37.28 ? 251 ILE A CA  1 
ATOM   495  C  C   . ILE A 1 66  ? 15.264  -7.112  -4.925  1.00 40.68 ? 251 ILE A C   1 
ATOM   496  O  O   . ILE A 1 66  ? 15.667  -8.268  -4.984  1.00 40.18 ? 251 ILE A O   1 
ATOM   497  C  CB  . ILE A 1 66  ? 16.073  -6.863  -2.615  1.00 36.49 ? 251 ILE A CB  1 
ATOM   498  C  CG1 . ILE A 1 66  ? 15.825  -6.199  -1.260  1.00 36.00 ? 251 ILE A CG1 1 
ATOM   499  C  CG2 . ILE A 1 66  ? 17.433  -6.501  -3.183  1.00 36.53 ? 251 ILE A CG2 1 
ATOM   500  C  CD1 . ILE A 1 66  ? 16.783  -6.645  -0.182  1.00 39.95 ? 251 ILE A CD1 1 
ATOM   501  N  N   . ASP A 1 67  ? 15.099  -6.373  -6.009  1.00 44.47 ? 252 ASP A N   1 
ATOM   502  C  CA  . ASP A 1 67  ? 15.373  -6.992  -7.297  1.00 47.26 ? 252 ASP A CA  1 
ATOM   503  C  C   . ASP A 1 67  ? 14.327  -8.079  -7.428  1.00 47.79 ? 252 ASP A C   1 
ATOM   504  O  O   . ASP A 1 67  ? 13.113  -7.796  -7.335  1.00 48.07 ? 252 ASP A O   1 
ATOM   505  C  CB  . ASP A 1 67  ? 16.787  -7.571  -7.330  1.00 49.76 ? 252 ASP A CB  1 
ATOM   506  C  CG  . ASP A 1 67  ? 17.829  -6.477  -7.494  1.00 51.88 ? 252 ASP A CG  1 
ATOM   507  O  OD1 . ASP A 1 67  ? 17.544  -5.576  -8.320  1.00 51.37 ? 252 ASP A OD1 1 
ATOM   508  O  OD2 . ASP A 1 67  ? 18.898  -6.511  -6.834  1.00 54.52 ? 252 ASP A OD2 1 
ATOM   509  N  N   . ASN A 1 68  ? 14.772  -9.320  -7.600  1.00 46.52 ? 253 ASN A N   1 
ATOM   510  C  CA  . ASN A 1 68  ? 13.823  -10.420 -7.740  1.00 45.67 ? 253 ASN A CA  1 
ATOM   511  C  C   . ASN A 1 68  ? 13.529  -11.205 -6.455  1.00 43.49 ? 253 ASN A C   1 
ATOM   512  O  O   . ASN A 1 68  ? 12.856  -12.237 -6.514  1.00 43.59 ? 253 ASN A O   1 
ATOM   513  C  CB  . ASN A 1 68  ? 14.301  -11.403 -8.822  1.00 47.65 ? 253 ASN A CB  1 
ATOM   514  C  CG  . ASN A 1 68  ? 13.162  -11.828 -9.751  1.00 49.54 ? 253 ASN A CG  1 
ATOM   515  O  OD1 . ASN A 1 68  ? 12.071  -11.252 -9.679  1.00 50.40 ? 253 ASN A OD1 1 
ATOM   516  N  ND2 . ASN A 1 68  ? 13.406  -12.807 -10.629 1.00 51.28 ? 253 ASN A ND2 1 
ATOM   517  N  N   . SER A 1 69  ? 14.011  -10.728 -5.307  1.00 40.25 ? 254 SER A N   1 
ATOM   518  C  CA  . SER A 1 69  ? 13.796  -11.442 -4.049  1.00 38.61 ? 254 SER A CA  1 
ATOM   519  C  C   . SER A 1 69  ? 12.801  -10.869 -3.032  1.00 35.31 ? 254 SER A C   1 
ATOM   520  O  O   . SER A 1 69  ? 12.995  -9.779  -2.493  1.00 34.12 ? 254 SER A O   1 
ATOM   521  C  CB  . SER A 1 69  ? 15.134  -11.639 -3.334  1.00 39.74 ? 254 SER A CB  1 
ATOM   522  O  OG  . SER A 1 69  ? 15.993  -12.517 -4.043  1.00 44.42 ? 254 SER A OG  1 
ATOM   523  N  N   . TRP A 1 70  ? 11.754  -11.639 -2.749  1.00 31.79 ? 255 TRP A N   1 
ATOM   524  C  CA  . TRP A 1 70  ? 10.767  -11.240 -1.752  1.00 30.15 ? 255 TRP A CA  1 
ATOM   525  C  C   . TRP A 1 70  ? 11.313  -11.592 -0.355  1.00 28.63 ? 255 TRP A C   1 
ATOM   526  O  O   . TRP A 1 70  ? 11.891  -12.660 -0.154  1.00 26.48 ? 255 TRP A O   1 
ATOM   527  C  CB  . TRP A 1 70  ? 9.430   -11.964 -1.971  1.00 28.39 ? 255 TRP A CB  1 
ATOM   528  C  CG  . TRP A 1 70  ? 8.598   -11.413 -3.097  1.00 29.29 ? 255 TRP A CG  1 
ATOM   529  C  CD1 . TRP A 1 70  ? 8.324   -12.023 -4.285  1.00 27.39 ? 255 TRP A CD1 1 
ATOM   530  C  CD2 . TRP A 1 70  ? 7.914   -10.149 -3.129  1.00 27.65 ? 255 TRP A CD2 1 
ATOM   531  N  NE1 . TRP A 1 70  ? 7.516   -11.225 -5.054  1.00 26.58 ? 255 TRP A NE1 1 
ATOM   532  C  CE2 . TRP A 1 70  ? 7.252   -10.066 -4.372  1.00 27.78 ? 255 TRP A CE2 1 
ATOM   533  C  CE3 . TRP A 1 70  ? 7.808   -9.077  -2.231  1.00 26.72 ? 255 TRP A CE3 1 
ATOM   534  C  CZ2 . TRP A 1 70  ? 6.478   -8.955  -4.739  1.00 25.49 ? 255 TRP A CZ2 1 
ATOM   535  C  CZ3 . TRP A 1 70  ? 7.041   -7.972  -2.595  1.00 25.66 ? 255 TRP A CZ3 1 
ATOM   536  C  CH2 . TRP A 1 70  ? 6.391   -7.920  -3.842  1.00 25.88 ? 255 TRP A CH2 1 
ATOM   537  N  N   . GLY A 1 71  ? 11.143  -10.688 0.604   1.00 25.84 ? 256 GLY A N   1 
ATOM   538  C  CA  . GLY A 1 71  ? 11.619  -10.969 1.945   1.00 26.24 ? 256 GLY A CA  1 
ATOM   539  C  C   . GLY A 1 71  ? 10.628  -11.846 2.689   1.00 25.67 ? 256 GLY A C   1 
ATOM   540  O  O   . GLY A 1 71  ? 9.855   -12.598 2.084   1.00 22.72 ? 256 GLY A O   1 
ATOM   541  N  N   . SER A 1 72  ? 10.657  -11.754 4.010   1.00 24.66 ? 257 SER A N   1 
ATOM   542  C  CA  . SER A 1 72  ? 9.749   -12.521 4.842   1.00 26.70 ? 257 SER A CA  1 
ATOM   543  C  C   . SER A 1 72  ? 8.455   -11.720 5.008   1.00 26.55 ? 257 SER A C   1 
ATOM   544  O  O   . SER A 1 72  ? 8.480   -10.558 5.421   1.00 25.82 ? 257 SER A O   1 
ATOM   545  C  CB  . SER A 1 72  ? 10.386  -12.787 6.207   1.00 27.31 ? 257 SER A CB  1 
ATOM   546  O  OG  . SER A 1 72  ? 9.502   -13.511 7.039   1.00 32.59 ? 257 SER A OG  1 
ATOM   547  N  N   . GLU A 1 73  ? 7.334   -12.353 4.672   1.00 25.97 ? 258 GLU A N   1 
ATOM   548  C  CA  . GLU A 1 73  ? 6.013   -11.739 4.752   1.00 25.29 ? 258 GLU A CA  1 
ATOM   549  C  C   . GLU A 1 73  ? 5.539   -11.456 6.173   1.00 25.20 ? 258 GLU A C   1 
ATOM   550  O  O   . GLU A 1 73  ? 5.874   -12.179 7.105   1.00 26.77 ? 258 GLU A O   1 
ATOM   551  C  CB  . GLU A 1 73  ? 4.973   -12.644 4.077   1.00 23.25 ? 258 GLU A CB  1 
ATOM   552  C  CG  . GLU A 1 73  ? 5.124   -12.781 2.577   1.00 23.84 ? 258 GLU A CG  1 
ATOM   553  C  CD  . GLU A 1 73  ? 4.094   -13.721 1.959   1.00 25.85 ? 258 GLU A CD  1 
ATOM   554  O  OE1 . GLU A 1 73  ? 4.065   -13.819 0.714   1.00 23.69 ? 258 GLU A OE1 1 
ATOM   555  O  OE2 . GLU A 1 73  ? 3.318   -14.360 2.709   1.00 25.44 ? 258 GLU A OE2 1 
ATOM   556  N  N   . GLU A 1 74  ? 4.749   -10.397 6.320   1.00 25.58 ? 259 GLU A N   1 
ATOM   557  C  CA  . GLU A 1 74  ? 4.164   -10.017 7.604   1.00 23.67 ? 259 GLU A CA  1 
ATOM   558  C  C   . GLU A 1 74  ? 2.661   -10.009 7.354   1.00 23.71 ? 259 GLU A C   1 
ATOM   559  O  O   . GLU A 1 74  ? 2.182   -9.294  6.477   1.00 22.74 ? 259 GLU A O   1 
ATOM   560  C  CB  . GLU A 1 74  ? 4.655   -8.630  8.037   1.00 23.21 ? 259 GLU A CB  1 
ATOM   561  C  CG  . GLU A 1 74  ? 6.078   -8.639  8.603   1.00 22.35 ? 259 GLU A CG  1 
ATOM   562  C  CD  . GLU A 1 74  ? 6.640   -7.249  8.853   1.00 22.12 ? 259 GLU A CD  1 
ATOM   563  O  OE1 . GLU A 1 74  ? 5.904   -6.378  9.369   1.00 22.06 ? 259 GLU A OE1 1 
ATOM   564  O  OE2 . GLU A 1 74  ? 7.833   -7.032  8.546   1.00 24.03 ? 259 GLU A OE2 1 
ATOM   565  N  N   . ARG A 1 75  ? 1.922   -10.811 8.115   1.00 23.73 ? 260 ARG A N   1 
ATOM   566  C  CA  . ARG A 1 75  ? 0.481   -10.927 7.928   1.00 24.78 ? 260 ARG A CA  1 
ATOM   567  C  C   . ARG A 1 75  ? -0.391  -10.605 9.141   1.00 25.85 ? 260 ARG A C   1 
ATOM   568  O  O   . ARG A 1 75  ? -1.613  -10.501 9.007   1.00 26.80 ? 260 ARG A O   1 
ATOM   569  C  CB  . ARG A 1 75  ? 0.150   -12.343 7.463   1.00 25.26 ? 260 ARG A CB  1 
ATOM   570  C  CG  . ARG A 1 75  ? 0.746   -12.736 6.118   1.00 27.63 ? 260 ARG A CG  1 
ATOM   571  C  CD  . ARG A 1 75  ? 0.751   -14.256 5.969   1.00 26.85 ? 260 ARG A CD  1 
ATOM   572  N  NE  . ARG A 1 75  ? 1.044   -14.698 4.608   1.00 25.15 ? 260 ARG A NE  1 
ATOM   573  C  CZ  . ARG A 1 75  ? 0.111   -14.955 3.699   1.00 23.55 ? 260 ARG A CZ  1 
ATOM   574  N  NH1 . ARG A 1 75  ? -1.170  -14.816 4.005   1.00 25.13 ? 260 ARG A NH1 1 
ATOM   575  N  NH2 . ARG A 1 75  ? 0.454   -15.358 2.487   1.00 25.54 ? 260 ARG A NH2 1 
ATOM   576  N  N   . SER A 1 76  ? 0.222   -10.451 10.311  1.00 25.72 ? 261 SER A N   1 
ATOM   577  C  CA  . SER A 1 76  ? -0.530  -10.179 11.533  1.00 29.16 ? 261 SER A CA  1 
ATOM   578  C  C   . SER A 1 76  ? -1.467  -8.985  11.444  1.00 29.26 ? 261 SER A C   1 
ATOM   579  O  O   . SER A 1 76  ? -1.119  -7.939  10.897  1.00 29.24 ? 261 SER A O   1 
ATOM   580  C  CB  . SER A 1 76  ? 0.417   -9.971  12.719  1.00 29.73 ? 261 SER A CB  1 
ATOM   581  O  OG  . SER A 1 76  ? 1.119   -8.750  12.589  1.00 34.54 ? 261 SER A OG  1 
ATOM   582  N  N   . LEU A 1 77  ? -2.663  -9.162  11.996  1.00 30.14 ? 262 LEU A N   1 
ATOM   583  C  CA  . LEU A 1 77  ? -3.684  -8.123  12.025  1.00 30.34 ? 262 LEU A CA  1 
ATOM   584  C  C   . LEU A 1 77  ? -4.290  -8.064  13.422  1.00 31.87 ? 262 LEU A C   1 
ATOM   585  O  O   . LEU A 1 77  ? -4.593  -9.101  14.015  1.00 32.46 ? 262 LEU A O   1 
ATOM   586  C  CB  . LEU A 1 77  ? -4.785  -8.425  11.007  1.00 27.20 ? 262 LEU A CB  1 
ATOM   587  C  CG  . LEU A 1 77  ? -4.432  -8.226  9.533   1.00 26.86 ? 262 LEU A CG  1 
ATOM   588  C  CD1 . LEU A 1 77  ? -5.611  -8.650  8.674   1.00 24.74 ? 262 LEU A CD1 1 
ATOM   589  C  CD2 . LEU A 1 77  ? -4.079  -6.765  9.280   1.00 21.96 ? 262 LEU A CD2 1 
ATOM   590  N  N   . PRO A 1 78  ? -4.482  -6.848  13.964  1.00 33.01 ? 263 PRO A N   1 
ATOM   591  C  CA  . PRO A 1 78  ? -5.057  -6.659  15.301  1.00 33.49 ? 263 PRO A CA  1 
ATOM   592  C  C   . PRO A 1 78  ? -6.556  -6.938  15.313  1.00 35.42 ? 263 PRO A C   1 
ATOM   593  O  O   . PRO A 1 78  ? -7.143  -7.211  16.359  1.00 37.58 ? 263 PRO A O   1 
ATOM   594  C  CB  . PRO A 1 78  ? -4.745  -5.200  15.595  1.00 33.59 ? 263 PRO A CB  1 
ATOM   595  C  CG  . PRO A 1 78  ? -4.908  -4.570  14.240  1.00 33.39 ? 263 PRO A CG  1 
ATOM   596  C  CD  . PRO A 1 78  ? -4.172  -5.547  13.341  1.00 32.57 ? 263 PRO A CD  1 
ATOM   597  N  N   . ARG A 1 79  ? -7.171  -6.860  14.141  1.00 34.96 ? 264 ARG A N   1 
ATOM   598  C  CA  . ARG A 1 79  ? -8.598  -7.103  14.019  1.00 34.88 ? 264 ARG A CA  1 
ATOM   599  C  C   . ARG A 1 79  ? -8.901  -7.804  12.704  1.00 34.93 ? 264 ARG A C   1 
ATOM   600  O  O   . ARG A 1 79  ? -7.994  -8.199  11.971  1.00 33.04 ? 264 ARG A O   1 
ATOM   601  C  CB  . ARG A 1 79  ? -9.372  -5.782  14.095  1.00 34.94 ? 264 ARG A CB  1 
ATOM   602  C  CG  . ARG A 1 79  ? -8.936  -4.740  13.077  1.00 35.19 ? 264 ARG A CG  1 
ATOM   603  C  CD  . ARG A 1 79  ? -9.793  -3.486  13.168  1.00 35.27 ? 264 ARG A CD  1 
ATOM   604  N  NE  . ARG A 1 79  ? -9.434  -2.494  12.155  1.00 34.33 ? 264 ARG A NE  1 
ATOM   605  C  CZ  . ARG A 1 79  ? -8.339  -1.743  12.201  1.00 31.95 ? 264 ARG A CZ  1 
ATOM   606  N  NH1 . ARG A 1 79  ? -7.492  -1.866  13.212  1.00 31.66 ? 264 ARG A NH1 1 
ATOM   607  N  NH2 . ARG A 1 79  ? -8.091  -0.868  11.239  1.00 31.49 ? 264 ARG A NH2 1 
ATOM   608  N  N   . LYS A 1 80  ? -10.187 -7.955  12.415  1.00 34.47 ? 265 LYS A N   1 
ATOM   609  C  CA  . LYS A 1 80  ? -10.631 -8.606  11.193  1.00 34.96 ? 265 LYS A CA  1 
ATOM   610  C  C   . LYS A 1 80  ? -10.230 -7.842  9.925   1.00 33.41 ? 265 LYS A C   1 
ATOM   611  O  O   . LYS A 1 80  ? -10.049 -6.623  9.941   1.00 29.93 ? 265 LYS A O   1 
ATOM   612  C  CB  . LYS A 1 80  ? -12.155 -8.761  11.226  1.00 37.76 ? 265 LYS A CB  1 
ATOM   613  C  CG  . LYS A 1 80  ? -12.746 -9.506  10.035  1.00 44.44 ? 265 LYS A CG  1 
ATOM   614  C  CD  . LYS A 1 80  ? -14.276 -9.447  10.040  1.00 49.06 ? 265 LYS A CD  1 
ATOM   615  C  CE  . LYS A 1 80  ? -14.863 -10.061 11.309  1.00 52.53 ? 265 LYS A CE  1 
ATOM   616  N  NZ  . LYS A 1 80  ? -16.353 -9.934  11.385  1.00 54.25 ? 265 LYS A NZ  1 
ATOM   617  N  N   . MET A 1 81  ? -10.091 -8.586  8.833   1.00 32.90 ? 266 MET A N   1 
ATOM   618  C  CA  . MET A 1 81  ? -9.765  -8.032  7.523   1.00 31.83 ? 266 MET A CA  1 
ATOM   619  C  C   . MET A 1 81  ? -10.698 -6.843  7.256   1.00 31.01 ? 266 MET A C   1 
ATOM   620  O  O   . MET A 1 81  ? -11.903 -7.025  7.081   1.00 31.95 ? 266 MET A O   1 
ATOM   621  C  CB  . MET A 1 81  ? -9.992  -9.106  6.462   1.00 34.11 ? 266 MET A CB  1 
ATOM   622  C  CG  . MET A 1 81  ? -10.109 -8.571  5.049   1.00 37.55 ? 266 MET A CG  1 
ATOM   623  S  SD  . MET A 1 81  ? -8.532  -8.043  4.398   1.00 36.91 ? 266 MET A SD  1 
ATOM   624  C  CE  . MET A 1 81  ? -8.426  -9.072  2.963   1.00 38.50 ? 266 MET A CE  1 
ATOM   625  N  N   . PRO A 1 82  ? -10.150 -5.617  7.210   1.00 29.20 ? 267 PRO A N   1 
ATOM   626  C  CA  . PRO A 1 82  ? -10.933 -4.398  6.973   1.00 28.61 ? 267 PRO A CA  1 
ATOM   627  C  C   . PRO A 1 82  ? -11.458 -4.194  5.550   1.00 28.90 ? 267 PRO A C   1 
ATOM   628  O  O   . PRO A 1 82  ? -12.470 -3.530  5.354   1.00 30.91 ? 267 PRO A O   1 
ATOM   629  C  CB  . PRO A 1 82  ? -9.973  -3.294  7.404   1.00 27.19 ? 267 PRO A CB  1 
ATOM   630  C  CG  . PRO A 1 82  ? -8.648  -3.848  6.970   1.00 27.34 ? 267 PRO A CG  1 
ATOM   631  C  CD  . PRO A 1 82  ? -8.723  -5.293  7.408   1.00 27.84 ? 267 PRO A CD  1 
ATOM   632  N  N   . PHE A 1 83  ? -10.770 -4.759  4.564   1.00 28.48 ? 268 PHE A N   1 
ATOM   633  C  CA  . PHE A 1 83  ? -11.182 -4.638  3.166   1.00 28.09 ? 268 PHE A CA  1 
ATOM   634  C  C   . PHE A 1 83  ? -12.293 -5.627  2.846   1.00 29.35 ? 268 PHE A C   1 
ATOM   635  O  O   . PHE A 1 83  ? -12.207 -6.804  3.196   1.00 30.10 ? 268 PHE A O   1 
ATOM   636  C  CB  . PHE A 1 83  ? -9.991  -4.894  2.245   1.00 26.63 ? 268 PHE A CB  1 
ATOM   637  C  CG  . PHE A 1 83  ? -8.862  -3.933  2.445   1.00 23.54 ? 268 PHE A CG  1 
ATOM   638  C  CD1 . PHE A 1 83  ? -8.976  -2.610  2.023   1.00 22.18 ? 268 PHE A CD1 1 
ATOM   639  C  CD2 . PHE A 1 83  ? -7.695  -4.340  3.072   1.00 21.17 ? 268 PHE A CD2 1 
ATOM   640  C  CE1 . PHE A 1 83  ? -7.934  -1.711  2.219   1.00 21.84 ? 268 PHE A CE1 1 
ATOM   641  C  CE2 . PHE A 1 83  ? -6.648  -3.446  3.271   1.00 21.53 ? 268 PHE A CE2 1 
ATOM   642  C  CZ  . PHE A 1 83  ? -6.769  -2.129  2.846   1.00 20.42 ? 268 PHE A CZ  1 
ATOM   643  N  N   . VAL A 1 84  ? -13.328 -5.137  2.170   1.00 30.45 ? 269 VAL A N   1 
ATOM   644  C  CA  . VAL A 1 84  ? -14.476 -5.957  1.808   1.00 30.12 ? 269 VAL A CA  1 
ATOM   645  C  C   . VAL A 1 84  ? -14.848 -5.790  0.339   1.00 31.00 ? 269 VAL A C   1 
ATOM   646  O  O   . VAL A 1 84  ? -14.899 -4.670  -0.175  1.00 29.12 ? 269 VAL A O   1 
ATOM   647  C  CB  . VAL A 1 84  ? -15.711 -5.582  2.653   1.00 31.00 ? 269 VAL A CB  1 
ATOM   648  C  CG1 . VAL A 1 84  ? -16.882 -6.482  2.284   1.00 30.70 ? 269 VAL A CG1 1 
ATOM   649  C  CG2 . VAL A 1 84  ? -15.382 -5.681  4.143   1.00 30.39 ? 269 VAL A CG2 1 
ATOM   650  N  N   . ARG A 1 85  ? -15.109 -6.911  -0.328  1.00 30.46 ? 270 ARG A N   1 
ATOM   651  C  CA  . ARG A 1 85  ? -15.495 -6.899  -1.734  1.00 31.78 ? 270 ARG A CA  1 
ATOM   652  C  C   . ARG A 1 85  ? -16.698 -6.000  -1.993  1.00 30.57 ? 270 ARG A C   1 
ATOM   653  O  O   . ARG A 1 85  ? -17.710 -6.091  -1.300  1.00 32.27 ? 270 ARG A O   1 
ATOM   654  C  CB  . ARG A 1 85  ? -15.814 -8.317  -2.202  1.00 31.58 ? 270 ARG A CB  1 
ATOM   655  C  CG  . ARG A 1 85  ? -14.587 -9.168  -2.464  1.00 31.14 ? 270 ARG A CG  1 
ATOM   656  C  CD  . ARG A 1 85  ? -14.971 -10.616 -2.690  1.00 31.33 ? 270 ARG A CD  1 
ATOM   657  N  NE  . ARG A 1 85  ? -13.878 -11.385 -3.272  1.00 32.55 ? 270 ARG A NE  1 
ATOM   658  C  CZ  . ARG A 1 85  ? -13.866 -12.711 -3.357  1.00 35.12 ? 270 ARG A CZ  1 
ATOM   659  N  NH1 . ARG A 1 85  ? -14.893 -13.411 -2.890  1.00 33.20 ? 270 ARG A NH1 1 
ATOM   660  N  NH2 . ARG A 1 85  ? -12.832 -13.338 -3.912  1.00 34.73 ? 270 ARG A NH2 1 
ATOM   661  N  N   . GLY A 1 86  ? -16.574 -5.132  -2.995  1.00 30.44 ? 271 GLY A N   1 
ATOM   662  C  CA  . GLY A 1 86  ? -17.656 -4.229  -3.348  1.00 30.17 ? 271 GLY A CA  1 
ATOM   663  C  C   . GLY A 1 86  ? -17.812 -3.035  -2.430  1.00 29.82 ? 271 GLY A C   1 
ATOM   664  O  O   . GLY A 1 86  ? -18.718 -2.219  -2.611  1.00 31.36 ? 271 GLY A O   1 
ATOM   665  N  N   . GLN A 1 87  ? -16.926 -2.923  -1.446  1.00 28.44 ? 272 GLN A N   1 
ATOM   666  C  CA  . GLN A 1 87  ? -16.982 -1.829  -0.484  1.00 28.61 ? 272 GLN A CA  1 
ATOM   667  C  C   . GLN A 1 87  ? -15.865 -0.799  -0.651  1.00 28.14 ? 272 GLN A C   1 
ATOM   668  O  O   . GLN A 1 87  ? -14.707 -1.149  -0.890  1.00 26.24 ? 272 GLN A O   1 
ATOM   669  C  CB  . GLN A 1 87  ? -16.942 -2.398  0.935   1.00 30.86 ? 272 GLN A CB  1 
ATOM   670  C  CG  . GLN A 1 87  ? -16.961 -1.353  2.038   1.00 32.32 ? 272 GLN A CG  1 
ATOM   671  C  CD  . GLN A 1 87  ? -16.873 -1.976  3.420   1.00 32.81 ? 272 GLN A CD  1 
ATOM   672  O  OE1 . GLN A 1 87  ? -17.683 -2.825  3.776   1.00 34.60 ? 272 GLN A OE1 1 
ATOM   673  N  NE2 . GLN A 1 87  ? -15.885 -1.555  4.203   1.00 33.96 ? 272 GLN A NE2 1 
ATOM   674  N  N   . SER A 1 88  ? -16.229 0.473   -0.518  1.00 26.77 ? 273 SER A N   1 
ATOM   675  C  CA  . SER A 1 88  ? -15.276 1.565   -0.627  1.00 27.06 ? 273 SER A CA  1 
ATOM   676  C  C   . SER A 1 88  ? -14.320 1.549   0.554   1.00 26.13 ? 273 SER A C   1 
ATOM   677  O  O   . SER A 1 88  ? -14.645 1.042   1.630   1.00 26.15 ? 273 SER A O   1 
ATOM   678  C  CB  . SER A 1 88  ? -16.006 2.907   -0.681  1.00 27.84 ? 273 SER A CB  1 
ATOM   679  O  OG  . SER A 1 88  ? -16.673 3.057   -1.923  1.00 33.82 ? 273 SER A OG  1 
ATOM   680  N  N   . PHE A 1 89  ? -13.139 2.114   0.350   1.00 25.47 ? 274 PHE A N   1 
ATOM   681  C  CA  . PHE A 1 89  ? -12.131 2.134   1.395   1.00 24.86 ? 274 PHE A CA  1 
ATOM   682  C  C   . PHE A 1 89  ? -11.210 3.326   1.228   1.00 24.52 ? 274 PHE A C   1 
ATOM   683  O  O   . PHE A 1 89  ? -11.247 4.034   0.221   1.00 21.54 ? 274 PHE A O   1 
ATOM   684  C  CB  . PHE A 1 89  ? -11.293 0.856   1.316   1.00 23.61 ? 274 PHE A CB  1 
ATOM   685  C  CG  . PHE A 1 89  ? -10.427 0.784   0.086   1.00 25.20 ? 274 PHE A CG  1 
ATOM   686  C  CD1 . PHE A 1 89  ? -9.174  1.386   0.067   1.00 24.67 ? 274 PHE A CD1 1 
ATOM   687  C  CD2 . PHE A 1 89  ? -10.895 0.181   -1.081  1.00 25.18 ? 274 PHE A CD2 1 
ATOM   688  C  CE1 . PHE A 1 89  ? -8.400  1.394   -1.095  1.00 25.69 ? 274 PHE A CE1 1 
ATOM   689  C  CE2 . PHE A 1 89  ? -10.129 0.184   -2.247  1.00 24.02 ? 274 PHE A CE2 1 
ATOM   690  C  CZ  . PHE A 1 89  ? -8.880  0.796   -2.253  1.00 24.91 ? 274 PHE A CZ  1 
ATOM   691  N  N   . SER A 1 90  ? -10.368 3.525   2.231   1.00 26.40 ? 275 SER A N   1 
ATOM   692  C  CA  . SER A 1 90  ? -9.384  4.589   2.213   1.00 26.89 ? 275 SER A CA  1 
ATOM   693  C  C   . SER A 1 90  ? -8.154  4.021   2.900   1.00 26.07 ? 275 SER A C   1 
ATOM   694  O  O   . SER A 1 90  ? -8.263  3.285   3.883   1.00 25.17 ? 275 SER A O   1 
ATOM   695  C  CB  . SER A 1 90  ? -9.893  5.816   2.979   1.00 27.97 ? 275 SER A CB  1 
ATOM   696  O  OG  . SER A 1 90  ? -10.134 5.497   4.338   1.00 32.09 ? 275 SER A OG  1 
ATOM   697  N  N   . VAL A 1 91  ? -6.982  4.334   2.368   1.00 25.50 ? 276 VAL A N   1 
ATOM   698  C  CA  . VAL A 1 91  ? -5.754  3.864   2.981   1.00 23.90 ? 276 VAL A CA  1 
ATOM   699  C  C   . VAL A 1 91  ? -4.877  5.076   3.253   1.00 25.48 ? 276 VAL A C   1 
ATOM   700  O  O   . VAL A 1 91  ? -4.679  5.924   2.380   1.00 24.59 ? 276 VAL A O   1 
ATOM   701  C  CB  . VAL A 1 91  ? -4.985  2.860   2.069   1.00 22.88 ? 276 VAL A CB  1 
ATOM   702  C  CG1 . VAL A 1 91  ? -3.707  2.385   2.771   1.00 21.31 ? 276 VAL A CG1 1 
ATOM   703  C  CG2 . VAL A 1 91  ? -5.864  1.663   1.749   1.00 20.36 ? 276 VAL A CG2 1 
ATOM   704  N  N   . TRP A 1 92  ? -4.386  5.172   4.483   1.00 24.44 ? 277 TRP A N   1 
ATOM   705  C  CA  . TRP A 1 92  ? -3.503  6.261   4.864   1.00 25.35 ? 277 TRP A CA  1 
ATOM   706  C  C   . TRP A 1 92  ? -2.171  5.643   5.250   1.00 24.20 ? 277 TRP A C   1 
ATOM   707  O  O   . TRP A 1 92  ? -2.095  4.865   6.199   1.00 23.85 ? 277 TRP A O   1 
ATOM   708  C  CB  . TRP A 1 92  ? -4.047  7.044   6.071   1.00 26.98 ? 277 TRP A CB  1 
ATOM   709  C  CG  . TRP A 1 92  ? -5.426  7.619   5.902   1.00 31.07 ? 277 TRP A CG  1 
ATOM   710  C  CD1 . TRP A 1 92  ? -6.081  7.867   4.726   1.00 31.31 ? 277 TRP A CD1 1 
ATOM   711  C  CD2 . TRP A 1 92  ? -6.303  8.063   6.949   1.00 32.01 ? 277 TRP A CD2 1 
ATOM   712  N  NE1 . TRP A 1 92  ? -7.310  8.433   4.978   1.00 32.09 ? 277 TRP A NE1 1 
ATOM   713  C  CE2 . TRP A 1 92  ? -7.472  8.560   6.332   1.00 32.28 ? 277 TRP A CE2 1 
ATOM   714  C  CE3 . TRP A 1 92  ? -6.214  8.081   8.350   1.00 32.64 ? 277 TRP A CE3 1 
ATOM   715  C  CZ2 . TRP A 1 92  ? -8.544  9.082   7.068   1.00 33.13 ? 277 TRP A CZ2 1 
ATOM   716  C  CZ3 . TRP A 1 92  ? -7.283  8.600   9.082   1.00 31.52 ? 277 TRP A CZ3 1 
ATOM   717  C  CH2 . TRP A 1 92  ? -8.432  9.088   8.437   1.00 32.49 ? 277 TRP A CH2 1 
ATOM   718  N  N   . ILE A 1 93  ? -1.127  5.966   4.500   1.00 25.07 ? 278 ILE A N   1 
ATOM   719  C  CA  . ILE A 1 93  ? 0.202   5.465   4.809   1.00 24.86 ? 278 ILE A CA  1 
ATOM   720  C  C   . ILE A 1 93  ? 1.009   6.639   5.363   1.00 26.06 ? 278 ILE A C   1 
ATOM   721  O  O   . ILE A 1 93  ? 1.299   7.588   4.638   1.00 27.10 ? 278 ILE A O   1 
ATOM   722  C  CB  . ILE A 1 93  ? 0.941   4.930   3.568   1.00 24.06 ? 278 ILE A CB  1 
ATOM   723  C  CG1 . ILE A 1 93  ? 0.184   3.755   2.941   1.00 25.94 ? 278 ILE A CG1 1 
ATOM   724  C  CG2 . ILE A 1 93  ? 2.330   4.467   3.968   1.00 22.05 ? 278 ILE A CG2 1 
ATOM   725  C  CD1 . ILE A 1 93  ? -0.971  4.153   2.076   1.00 32.81 ? 278 ILE A CD1 1 
ATOM   726  N  N   . LEU A 1 94  ? 1.349   6.584   6.649   1.00 25.95 ? 279 LEU A N   1 
ATOM   727  C  CA  . LEU A 1 94  ? 2.134   7.642   7.275   1.00 26.36 ? 279 LEU A CA  1 
ATOM   728  C  C   . LEU A 1 94  ? 3.562   7.155   7.445   1.00 26.46 ? 279 LEU A C   1 
ATOM   729  O  O   . LEU A 1 94  ? 3.801   6.067   7.968   1.00 27.54 ? 279 LEU A O   1 
ATOM   730  C  CB  . LEU A 1 94  ? 1.562   8.016   8.649   1.00 26.88 ? 279 LEU A CB  1 
ATOM   731  C  CG  . LEU A 1 94  ? 2.373   9.018   9.489   1.00 27.15 ? 279 LEU A CG  1 
ATOM   732  C  CD1 . LEU A 1 94  ? 2.539   10.332  8.735   1.00 25.61 ? 279 LEU A CD1 1 
ATOM   733  C  CD2 . LEU A 1 94  ? 1.663   9.261   10.820  1.00 26.61 ? 279 LEU A CD2 1 
ATOM   734  N  N   . CYS A 1 95  ? 4.517   7.957   6.996   1.00 25.79 ? 280 CYS A N   1 
ATOM   735  C  CA  . CYS A 1 95  ? 5.910   7.572   7.122   1.00 27.08 ? 280 CYS A CA  1 
ATOM   736  C  C   . CYS A 1 95  ? 6.535   8.222   8.348   1.00 28.77 ? 280 CYS A C   1 
ATOM   737  O  O   . CYS A 1 95  ? 6.342   9.410   8.606   1.00 27.06 ? 280 CYS A O   1 
ATOM   738  C  CB  . CYS A 1 95  ? 6.691   7.967   5.868   1.00 25.30 ? 280 CYS A CB  1 
ATOM   739  S  SG  . CYS A 1 95  ? 8.401   7.386   5.848   1.00 29.21 ? 280 CYS A SG  1 
ATOM   740  N  N   . GLU A 1 96  ? 7.265   7.416   9.111   1.00 30.61 ? 281 GLU A N   1 
ATOM   741  C  CA  . GLU A 1 96  ? 7.958   7.882   10.304  1.00 33.65 ? 281 GLU A CA  1 
ATOM   742  C  C   . GLU A 1 96  ? 9.422   7.527   10.088  1.00 33.92 ? 281 GLU A C   1 
ATOM   743  O  O   . GLU A 1 96  ? 9.783   7.017   9.026   1.00 33.83 ? 281 GLU A O   1 
ATOM   744  C  CB  . GLU A 1 96  ? 7.411   7.185   11.554  1.00 34.76 ? 281 GLU A CB  1 
ATOM   745  C  CG  . GLU A 1 96  ? 5.977   7.553   11.881  1.00 39.46 ? 281 GLU A CG  1 
ATOM   746  C  CD  . GLU A 1 96  ? 5.839   8.973   12.406  1.00 44.35 ? 281 GLU A CD  1 
ATOM   747  O  OE1 . GLU A 1 96  ? 6.486   9.891   11.854  1.00 46.00 ? 281 GLU A OE1 1 
ATOM   748  O  OE2 . GLU A 1 96  ? 5.071   9.173   13.369  1.00 47.29 ? 281 GLU A OE2 1 
ATOM   749  N  N   . ALA A 1 97  ? 10.262  7.791   11.082  1.00 34.41 ? 282 ALA A N   1 
ATOM   750  C  CA  . ALA A 1 97  ? 11.687  7.502   10.957  1.00 35.21 ? 282 ALA A CA  1 
ATOM   751  C  C   . ALA A 1 97  ? 11.993  6.017   11.053  1.00 35.28 ? 282 ALA A C   1 
ATOM   752  O  O   . ALA A 1 97  ? 12.887  5.517   10.379  1.00 35.82 ? 282 ALA A O   1 
ATOM   753  C  CB  . ALA A 1 97  ? 12.464  8.253   12.027  1.00 36.02 ? 282 ALA A CB  1 
ATOM   754  N  N   . HIS A 1 98  ? 11.238  5.314   11.886  1.00 35.40 ? 283 HIS A N   1 
ATOM   755  C  CA  . HIS A 1 98  ? 11.462  3.896   12.089  1.00 36.75 ? 283 HIS A CA  1 
ATOM   756  C  C   . HIS A 1 98  ? 10.532  2.986   11.298  1.00 35.82 ? 283 HIS A C   1 
ATOM   757  O  O   . HIS A 1 98  ? 10.858  1.821   11.058  1.00 33.67 ? 283 HIS A O   1 
ATOM   758  C  CB  . HIS A 1 98  ? 11.322  3.565   13.580  1.00 40.74 ? 283 HIS A CB  1 
ATOM   759  C  CG  . HIS A 1 98  ? 9.941   3.785   14.124  1.00 47.94 ? 283 HIS A CG  1 
ATOM   760  N  ND1 . HIS A 1 98  ? 9.285   4.997   14.035  1.00 50.24 ? 283 HIS A ND1 1 
ATOM   761  C  CD2 . HIS A 1 98  ? 9.109   2.958   14.800  1.00 50.29 ? 283 HIS A CD2 1 
ATOM   762  C  CE1 . HIS A 1 98  ? 8.110   4.904   14.634  1.00 50.81 ? 283 HIS A CE1 1 
ATOM   763  N  NE2 . HIS A 1 98  ? 7.979   3.678   15.108  1.00 51.33 ? 283 HIS A NE2 1 
ATOM   764  N  N   . CYS A 1 99  ? 9.381   3.508   10.891  1.00 33.66 ? 284 CYS A N   1 
ATOM   765  C  CA  . CYS A 1 99  ? 8.418   2.672   10.195  1.00 32.45 ? 284 CYS A CA  1 
ATOM   766  C  C   . CYS A 1 99  ? 7.324   3.425   9.470   1.00 31.94 ? 284 CYS A C   1 
ATOM   767  O  O   . CYS A 1 99  ? 7.225   4.648   9.534   1.00 31.13 ? 284 CYS A O   1 
ATOM   768  C  CB  . CYS A 1 99  ? 7.737   1.745   11.203  1.00 33.89 ? 284 CYS A CB  1 
ATOM   769  S  SG  . CYS A 1 99  ? 6.643   2.636   12.373  1.00 35.50 ? 284 CYS A SG  1 
ATOM   770  N  N   . LEU A 1 100 ? 6.490   2.643   8.791   1.00 30.22 ? 285 LEU A N   1 
ATOM   771  C  CA  . LEU A 1 100 ? 5.341   3.145   8.069   1.00 27.41 ? 285 LEU A CA  1 
ATOM   772  C  C   . LEU A 1 100 ? 4.165   2.749   8.944   1.00 27.38 ? 285 LEU A C   1 
ATOM   773  O  O   . LEU A 1 100 ? 4.135   1.639   9.480   1.00 26.42 ? 285 LEU A O   1 
ATOM   774  C  CB  . LEU A 1 100 ? 5.192   2.438   6.720   1.00 27.14 ? 285 LEU A CB  1 
ATOM   775  C  CG  . LEU A 1 100 ? 6.229   2.598   5.609   1.00 27.97 ? 285 LEU A CG  1 
ATOM   776  C  CD1 . LEU A 1 100 ? 5.847   1.675   4.469   1.00 29.19 ? 285 LEU A CD1 1 
ATOM   777  C  CD2 . LEU A 1 100 ? 6.292   4.039   5.123   1.00 26.44 ? 285 LEU A CD2 1 
ATOM   778  N  N   . LYS A 1 101 ? 3.209   3.654   9.109   1.00 27.31 ? 286 LYS A N   1 
ATOM   779  C  CA  . LYS A 1 101 ? 2.021   3.347   9.888   1.00 28.39 ? 286 LYS A CA  1 
ATOM   780  C  C   . LYS A 1 101 ? 0.865   3.373   8.907   1.00 27.70 ? 286 LYS A C   1 
ATOM   781  O  O   . LYS A 1 101 ? 0.663   4.365   8.205   1.00 28.46 ? 286 LYS A O   1 
ATOM   782  C  CB  . LYS A 1 101 ? 1.802   4.371   11.006  1.00 28.96 ? 286 LYS A CB  1 
ATOM   783  C  CG  . LYS A 1 101 ? 2.831   4.274   12.118  1.00 31.75 ? 286 LYS A CG  1 
ATOM   784  C  CD  . LYS A 1 101 ? 2.425   5.082   13.340  1.00 33.99 ? 286 LYS A CD  1 
ATOM   785  C  CE  . LYS A 1 101 ? 3.476   4.972   14.443  1.00 34.33 ? 286 LYS A CE  1 
ATOM   786  N  NZ  . LYS A 1 101 ? 3.045   5.666   15.689  1.00 34.93 ? 286 LYS A NZ  1 
ATOM   787  N  N   . VAL A 1 102 ? 0.120   2.274   8.851   1.00 25.44 ? 287 VAL A N   1 
ATOM   788  C  CA  . VAL A 1 102 ? -0.992  2.165   7.930   1.00 23.23 ? 287 VAL A CA  1 
ATOM   789  C  C   . VAL A 1 102 ? -2.348  2.099   8.611   1.00 24.68 ? 287 VAL A C   1 
ATOM   790  O  O   . VAL A 1 102 ? -2.565  1.329   9.547   1.00 23.24 ? 287 VAL A O   1 
ATOM   791  C  CB  . VAL A 1 102 ? -0.827  0.925   7.018   1.00 23.08 ? 287 VAL A CB  1 
ATOM   792  C  CG1 . VAL A 1 102 ? -1.978  0.846   6.018   1.00 18.31 ? 287 VAL A CG1 1 
ATOM   793  C  CG2 . VAL A 1 102 ? 0.511   0.999   6.287   1.00 22.34 ? 287 VAL A CG2 1 
ATOM   794  N  N   . ALA A 1 103 ? -3.260  2.928   8.121   1.00 25.17 ? 288 ALA A N   1 
ATOM   795  C  CA  . ALA A 1 103 ? -4.613  2.970   8.640   1.00 24.79 ? 288 ALA A CA  1 
ATOM   796  C  C   . ALA A 1 103 ? -5.542  2.657   7.473   1.00 24.06 ? 288 ALA A C   1 
ATOM   797  O  O   . ALA A 1 103 ? -5.225  2.962   6.325   1.00 22.18 ? 288 ALA A O   1 
ATOM   798  C  CB  . ALA A 1 103 ? -4.920  4.357   9.199   1.00 23.82 ? 288 ALA A CB  1 
ATOM   799  N  N   . VAL A 1 104 ? -6.670  2.027   7.767   1.00 23.23 ? 289 VAL A N   1 
ATOM   800  C  CA  . VAL A 1 104 ? -7.654  1.701   6.744   1.00 23.32 ? 289 VAL A CA  1 
ATOM   801  C  C   . VAL A 1 104 ? -8.981  2.226   7.265   1.00 24.83 ? 289 VAL A C   1 
ATOM   802  O  O   . VAL A 1 104 ? -9.353  1.963   8.409   1.00 23.82 ? 289 VAL A O   1 
ATOM   803  C  CB  . VAL A 1 104 ? -7.764  0.174   6.512   1.00 23.19 ? 289 VAL A CB  1 
ATOM   804  C  CG1 . VAL A 1 104 ? -8.837  -0.119  5.461   1.00 22.02 ? 289 VAL A CG1 1 
ATOM   805  C  CG2 . VAL A 1 104 ? -6.417  -0.389  6.072   1.00 22.36 ? 289 VAL A CG2 1 
ATOM   806  N  N   . ASP A 1 105 ? -9.687  2.972   6.424   1.00 26.83 ? 290 ASP A N   1 
ATOM   807  C  CA  . ASP A 1 105 ? -10.967 3.563   6.795   1.00 27.83 ? 290 ASP A CA  1 
ATOM   808  C  C   . ASP A 1 105 ? -10.889 4.340   8.103   1.00 28.07 ? 290 ASP A C   1 
ATOM   809  O  O   . ASP A 1 105 ? -11.750 4.206   8.973   1.00 28.50 ? 290 ASP A O   1 
ATOM   810  C  CB  . ASP A 1 105 ? -12.058 2.490   6.886   1.00 28.64 ? 290 ASP A CB  1 
ATOM   811  C  CG  . ASP A 1 105 ? -12.309 1.803   5.554   1.00 28.97 ? 290 ASP A CG  1 
ATOM   812  O  OD1 . ASP A 1 105 ? -12.151 2.465   4.504   1.00 28.26 ? 290 ASP A OD1 1 
ATOM   813  O  OD2 . ASP A 1 105 ? -12.671 0.609   5.558   1.00 27.74 ? 290 ASP A OD2 1 
ATOM   814  N  N   . GLY A 1 106 ? -9.839  5.144   8.240   1.00 29.87 ? 291 GLY A N   1 
ATOM   815  C  CA  . GLY A 1 106 ? -9.674  5.968   9.427   1.00 29.18 ? 291 GLY A CA  1 
ATOM   816  C  C   . GLY A 1 106 ? -9.155  5.333   10.704  1.00 29.50 ? 291 GLY A C   1 
ATOM   817  O  O   . GLY A 1 106 ? -8.977  6.035   11.701  1.00 31.11 ? 291 GLY A O   1 
ATOM   818  N  N   . GLN A 1 107 ? -8.906  4.026   10.695  1.00 28.35 ? 292 GLN A N   1 
ATOM   819  C  CA  . GLN A 1 107 ? -8.414  3.349   11.891  1.00 28.06 ? 292 GLN A CA  1 
ATOM   820  C  C   . GLN A 1 107 ? -7.096  2.604   11.680  1.00 26.86 ? 292 GLN A C   1 
ATOM   821  O  O   . GLN A 1 107 ? -6.994  1.715   10.833  1.00 25.32 ? 292 GLN A O   1 
ATOM   822  C  CB  . GLN A 1 107 ? -9.476  2.377   12.420  1.00 30.36 ? 292 GLN A CB  1 
ATOM   823  C  CG  . GLN A 1 107 ? -9.004  1.509   13.582  1.00 33.48 ? 292 GLN A CG  1 
ATOM   824  C  CD  . GLN A 1 107 ? -10.085 0.573   14.093  1.00 33.92 ? 292 GLN A CD  1 
ATOM   825  O  OE1 . GLN A 1 107 ? -10.880 0.044   13.317  1.00 36.00 ? 292 GLN A OE1 1 
ATOM   826  N  NE2 . GLN A 1 107 ? -10.107 0.353   15.398  1.00 32.90 ? 292 GLN A NE2 1 
ATOM   827  N  N   . HIS A 1 108 ? -6.088  2.977   12.460  1.00 27.09 ? 293 HIS A N   1 
ATOM   828  C  CA  . HIS A 1 108 ? -4.774  2.347   12.388  1.00 27.53 ? 293 HIS A CA  1 
ATOM   829  C  C   . HIS A 1 108 ? -4.919  0.830   12.278  1.00 27.97 ? 293 HIS A C   1 
ATOM   830  O  O   . HIS A 1 108 ? -5.759  0.225   12.946  1.00 30.21 ? 293 HIS A O   1 
ATOM   831  C  CB  . HIS A 1 108 ? -3.964  2.690   13.635  1.00 25.94 ? 293 HIS A CB  1 
ATOM   832  C  CG  . HIS A 1 108 ? -2.595  2.087   13.650  1.00 26.27 ? 293 HIS A CG  1 
ATOM   833  N  ND1 . HIS A 1 108 ? -1.551  2.588   12.903  1.00 26.00 ? 293 HIS A ND1 1 
ATOM   834  C  CD2 . HIS A 1 108 ? -2.104  1.009   14.307  1.00 23.93 ? 293 HIS A CD2 1 
ATOM   835  C  CE1 . HIS A 1 108 ? -0.476  1.845   13.098  1.00 27.16 ? 293 HIS A CE1 1 
ATOM   836  N  NE2 . HIS A 1 108 ? -0.786  0.880   13.947  1.00 25.55 ? 293 HIS A NE2 1 
ATOM   837  N  N   . LEU A 1 109 ? -4.101  0.214   11.434  1.00 27.43 ? 294 LEU A N   1 
ATOM   838  C  CA  . LEU A 1 109 ? -4.171  -1.227  11.249  1.00 27.18 ? 294 LEU A CA  1 
ATOM   839  C  C   . LEU A 1 109 ? -2.876  -1.947  11.623  1.00 25.90 ? 294 LEU A C   1 
ATOM   840  O  O   . LEU A 1 109 ? -2.904  -2.942  12.338  1.00 25.53 ? 294 LEU A O   1 
ATOM   841  C  CB  . LEU A 1 109 ? -4.549  -1.552  9.796   1.00 25.45 ? 294 LEU A CB  1 
ATOM   842  C  CG  . LEU A 1 109 ? -4.807  -3.027  9.468   1.00 26.49 ? 294 LEU A CG  1 
ATOM   843  C  CD1 . LEU A 1 109 ? -5.956  -3.544  10.325  1.00 27.09 ? 294 LEU A CD1 1 
ATOM   844  C  CD2 . LEU A 1 109 ? -5.136  -3.189  7.982   1.00 24.26 ? 294 LEU A CD2 1 
ATOM   845  N  N   . PHE A 1 110 ? -1.741  -1.448  11.148  1.00 25.51 ? 295 PHE A N   1 
ATOM   846  C  CA  . PHE A 1 110 ? -0.474  -2.105  11.450  1.00 25.76 ? 295 PHE A CA  1 
ATOM   847  C  C   . PHE A 1 110 ? 0.718   -1.194  11.185  1.00 25.99 ? 295 PHE A C   1 
ATOM   848  O  O   . PHE A 1 110 ? 0.576   -0.115  10.605  1.00 26.51 ? 295 PHE A O   1 
ATOM   849  C  CB  . PHE A 1 110 ? -0.338  -3.372  10.594  1.00 22.72 ? 295 PHE A CB  1 
ATOM   850  C  CG  . PHE A 1 110 ? -0.221  -3.093  9.116   1.00 23.01 ? 295 PHE A CG  1 
ATOM   851  C  CD1 . PHE A 1 110 ? 0.992   -2.665  8.563   1.00 21.87 ? 295 PHE A CD1 1 
ATOM   852  C  CD2 . PHE A 1 110 ? -1.330  -3.205  8.283   1.00 20.18 ? 295 PHE A CD2 1 
ATOM   853  C  CE1 . PHE A 1 110 ? 1.095   -2.354  7.201   1.00 20.27 ? 295 PHE A CE1 1 
ATOM   854  C  CE2 . PHE A 1 110 ? -1.237  -2.894  6.921   1.00 21.58 ? 295 PHE A CE2 1 
ATOM   855  C  CZ  . PHE A 1 110 ? -0.017  -2.465  6.381   1.00 19.67 ? 295 PHE A CZ  1 
ATOM   856  N  N   . GLU A 1 111 ? 1.893   -1.643  11.613  1.00 26.10 ? 296 GLU A N   1 
ATOM   857  C  CA  . GLU A 1 111 ? 3.127   -0.901  11.394  1.00 26.97 ? 296 GLU A CA  1 
ATOM   858  C  C   . GLU A 1 111 ? 4.040   -1.789  10.567  1.00 24.50 ? 296 GLU A C   1 
ATOM   859  O  O   . GLU A 1 111 ? 3.971   -3.012  10.649  1.00 24.52 ? 296 GLU A O   1 
ATOM   860  C  CB  . GLU A 1 111 ? 3.841   -0.587  12.712  1.00 29.99 ? 296 GLU A CB  1 
ATOM   861  C  CG  . GLU A 1 111 ? 3.022   0.168   13.735  1.00 37.60 ? 296 GLU A CG  1 
ATOM   862  C  CD  . GLU A 1 111 ? 3.843   0.535   14.959  1.00 43.24 ? 296 GLU A CD  1 
ATOM   863  O  OE1 . GLU A 1 111 ? 4.503   -0.363  15.527  1.00 45.59 ? 296 GLU A OE1 1 
ATOM   864  O  OE2 . GLU A 1 111 ? 3.827   1.721   15.356  1.00 46.79 ? 296 GLU A OE2 1 
ATOM   865  N  N   . TYR A 1 112 ? 4.899   -1.167  9.776   1.00 24.40 ? 297 TYR A N   1 
ATOM   866  C  CA  . TYR A 1 112 ? 5.843   -1.900  8.956   1.00 23.45 ? 297 TYR A CA  1 
ATOM   867  C  C   . TYR A 1 112 ? 7.195   -1.211  9.107   1.00 24.12 ? 297 TYR A C   1 
ATOM   868  O  O   . TYR A 1 112 ? 7.395   -0.107  8.601   1.00 23.55 ? 297 TYR A O   1 
ATOM   869  C  CB  . TYR A 1 112 ? 5.416   -1.873  7.489   1.00 22.57 ? 297 TYR A CB  1 
ATOM   870  C  CG  . TYR A 1 112 ? 6.224   -2.794  6.598   1.00 22.14 ? 297 TYR A CG  1 
ATOM   871  C  CD1 . TYR A 1 112 ? 5.932   -4.154  6.520   1.00 20.99 ? 297 TYR A CD1 1 
ATOM   872  C  CD2 . TYR A 1 112 ? 7.269   -2.302  5.822   1.00 23.17 ? 297 TYR A CD2 1 
ATOM   873  C  CE1 . TYR A 1 112 ? 6.652   -4.998  5.685   1.00 22.07 ? 297 TYR A CE1 1 
ATOM   874  C  CE2 . TYR A 1 112 ? 8.001   -3.137  4.984   1.00 22.42 ? 297 TYR A CE2 1 
ATOM   875  C  CZ  . TYR A 1 112 ? 7.688   -4.481  4.916   1.00 23.90 ? 297 TYR A CZ  1 
ATOM   876  O  OH  . TYR A 1 112 ? 8.401   -5.305  4.070   1.00 21.15 ? 297 TYR A OH  1 
ATOM   877  N  N   . TYR A 1 113 ? 8.114   -1.854  9.818   1.00 25.46 ? 298 TYR A N   1 
ATOM   878  C  CA  . TYR A 1 113 ? 9.444   -1.292  10.012  1.00 28.44 ? 298 TYR A CA  1 
ATOM   879  C  C   . TYR A 1 113 ? 10.174  -1.224  8.674   1.00 28.04 ? 298 TYR A C   1 
ATOM   880  O  O   . TYR A 1 113 ? 10.118  -2.167  7.879   1.00 27.59 ? 298 TYR A O   1 
ATOM   881  C  CB  . TYR A 1 113 ? 10.232  -2.141  11.017  1.00 30.79 ? 298 TYR A CB  1 
ATOM   882  C  CG  . TYR A 1 113 ? 10.046  -1.684  12.446  1.00 34.93 ? 298 TYR A CG  1 
ATOM   883  C  CD1 . TYR A 1 113 ? 10.928  -0.773  13.023  1.00 38.67 ? 298 TYR A CD1 1 
ATOM   884  C  CD2 . TYR A 1 113 ? 8.957   -2.112  13.202  1.00 38.01 ? 298 TYR A CD2 1 
ATOM   885  C  CE1 . TYR A 1 113 ? 10.729  -0.293  14.318  1.00 40.63 ? 298 TYR A CE1 1 
ATOM   886  C  CE2 . TYR A 1 113 ? 8.746   -1.638  14.497  1.00 40.81 ? 298 TYR A CE2 1 
ATOM   887  C  CZ  . TYR A 1 113 ? 9.637   -0.726  15.048  1.00 41.71 ? 298 TYR A CZ  1 
ATOM   888  O  OH  . TYR A 1 113 ? 9.428   -0.231  16.319  1.00 44.27 ? 298 TYR A OH  1 
ATOM   889  N  N   . HIS A 1 114 ? 10.838  -0.096  8.422   1.00 25.99 ? 299 HIS A N   1 
ATOM   890  C  CA  . HIS A 1 114 ? 11.570  0.096   7.171   1.00 27.23 ? 299 HIS A CA  1 
ATOM   891  C  C   . HIS A 1 114 ? 12.638  -0.967  6.950   1.00 27.31 ? 299 HIS A C   1 
ATOM   892  O  O   . HIS A 1 114 ? 13.350  -1.357  7.882   1.00 27.23 ? 299 HIS A O   1 
ATOM   893  C  CB  . HIS A 1 114 ? 12.261  1.466   7.137   1.00 26.09 ? 299 HIS A CB  1 
ATOM   894  C  CG  . HIS A 1 114 ? 11.321  2.631   7.194   1.00 25.87 ? 299 HIS A CG  1 
ATOM   895  N  ND1 . HIS A 1 114 ? 10.248  2.766   6.341   1.00 24.20 ? 299 HIS A ND1 1 
ATOM   896  C  CD2 . HIS A 1 114 ? 11.311  3.726   7.992   1.00 24.11 ? 299 HIS A CD2 1 
ATOM   897  C  CE1 . HIS A 1 114 ? 9.615   3.895   6.611   1.00 24.85 ? 299 HIS A CE1 1 
ATOM   898  N  NE2 . HIS A 1 114 ? 10.241  4.496   7.607   1.00 25.28 ? 299 HIS A NE2 1 
ATOM   899  N  N   . ARG A 1 115 ? 12.741  -1.430  5.710   1.00 26.30 ? 300 ARG A N   1 
ATOM   900  C  CA  . ARG A 1 115 ? 13.753  -2.412  5.337   1.00 26.92 ? 300 ARG A CA  1 
ATOM   901  C  C   . ARG A 1 115 ? 14.717  -1.646  4.438   1.00 27.86 ? 300 ARG A C   1 
ATOM   902  O  O   . ARG A 1 115 ? 15.922  -1.857  4.473   1.00 28.07 ? 300 ARG A O   1 
ATOM   903  C  CB  . ARG A 1 115 ? 13.111  -3.595  4.610   1.00 26.08 ? 300 ARG A CB  1 
ATOM   904  C  CG  . ARG A 1 115 ? 12.137  -4.356  5.498   1.00 24.42 ? 300 ARG A CG  1 
ATOM   905  C  CD  . ARG A 1 115 ? 11.776  -5.727  4.947   1.00 23.63 ? 300 ARG A CD  1 
ATOM   906  N  NE  . ARG A 1 115 ? 10.618  -6.269  5.647   1.00 22.64 ? 300 ARG A NE  1 
ATOM   907  C  CZ  . ARG A 1 115 ? 10.023  -7.417  5.349   1.00 23.11 ? 300 ARG A CZ  1 
ATOM   908  N  NH1 . ARG A 1 115 ? 10.477  -8.169  4.357   1.00 22.42 ? 300 ARG A NH1 1 
ATOM   909  N  NH2 . ARG A 1 115 ? 8.948   -7.796  6.029   1.00 21.87 ? 300 ARG A NH2 1 
ATOM   910  N  N   . LEU A 1 116 ? 14.157  -0.746  3.639   1.00 29.52 ? 301 LEU A N   1 
ATOM   911  C  CA  . LEU A 1 116 ? 14.929  0.136   2.772   1.00 31.00 ? 301 LEU A CA  1 
ATOM   912  C  C   . LEU A 1 116 ? 14.824  1.429   3.569   1.00 31.35 ? 301 LEU A C   1 
ATOM   913  O  O   . LEU A 1 116 ? 13.767  2.056   3.598   1.00 31.28 ? 301 LEU A O   1 
ATOM   914  C  CB  . LEU A 1 116 ? 14.243  0.302   1.416   1.00 31.75 ? 301 LEU A CB  1 
ATOM   915  C  CG  . LEU A 1 116 ? 14.921  -0.282  0.177   1.00 34.41 ? 301 LEU A CG  1 
ATOM   916  C  CD1 . LEU A 1 116 ? 15.338  -1.721  0.427   1.00 34.40 ? 301 LEU A CD1 1 
ATOM   917  C  CD2 . LEU A 1 116 ? 13.955  -0.189  -1.003  1.00 31.93 ? 301 LEU A CD2 1 
ATOM   918  N  N   . ARG A 1 117 ? 15.909  1.822   4.221   1.00 32.80 ? 302 ARG A N   1 
ATOM   919  C  CA  . ARG A 1 117 ? 15.889  3.008   5.068   1.00 34.26 ? 302 ARG A CA  1 
ATOM   920  C  C   . ARG A 1 117 ? 16.251  4.352   4.431   1.00 34.66 ? 302 ARG A C   1 
ATOM   921  O  O   . ARG A 1 117 ? 16.119  5.397   5.073   1.00 34.89 ? 302 ARG A O   1 
ATOM   922  C  CB  . ARG A 1 117 ? 16.771  2.747   6.290   1.00 36.32 ? 302 ARG A CB  1 
ATOM   923  C  CG  . ARG A 1 117 ? 16.400  1.467   7.034   1.00 38.14 ? 302 ARG A CG  1 
ATOM   924  C  CD  . ARG A 1 117 ? 17.430  1.134   8.086   1.00 43.10 ? 302 ARG A CD  1 
ATOM   925  N  NE  . ARG A 1 117 ? 17.490  2.162   9.124   1.00 48.81 ? 302 ARG A NE  1 
ATOM   926  C  CZ  . ARG A 1 117 ? 18.569  2.424   9.857   1.00 49.60 ? 302 ARG A CZ  1 
ATOM   927  N  NH1 . ARG A 1 117 ? 18.529  3.374   10.782  1.00 47.27 ? 302 ARG A NH1 1 
ATOM   928  N  NH2 . ARG A 1 117 ? 19.694  1.745   9.653   1.00 51.62 ? 302 ARG A NH2 1 
ATOM   929  N  N   . ASN A 1 118 ? 16.701  4.343   3.181   1.00 33.55 ? 303 ASN A N   1 
ATOM   930  C  CA  . ASN A 1 118 ? 17.045  5.598   2.523   1.00 33.27 ? 303 ASN A CA  1 
ATOM   931  C  C   . ASN A 1 118 ? 15.732  6.177   1.987   1.00 32.54 ? 303 ASN A C   1 
ATOM   932  O  O   . ASN A 1 118 ? 15.455  6.153   0.787   1.00 30.52 ? 303 ASN A O   1 
ATOM   933  C  CB  . ASN A 1 118 ? 18.036  5.349   1.386   1.00 34.50 ? 303 ASN A CB  1 
ATOM   934  C  CG  . ASN A 1 118 ? 18.788  6.606   0.985   1.00 35.83 ? 303 ASN A CG  1 
ATOM   935  O  OD1 . ASN A 1 118 ? 18.574  7.676   1.549   1.00 37.37 ? 303 ASN A OD1 1 
ATOM   936  N  ND2 . ASN A 1 118 ? 19.681  6.478   0.009   1.00 37.76 ? 303 ASN A ND2 1 
ATOM   937  N  N   . LEU A 1 119 ? 14.930  6.695   2.908   1.00 31.48 ? 304 LEU A N   1 
ATOM   938  C  CA  . LEU A 1 119 ? 13.618  7.242   2.598   1.00 34.08 ? 304 LEU A CA  1 
ATOM   939  C  C   . LEU A 1 119 ? 13.463  8.087   1.339   1.00 34.77 ? 304 LEU A C   1 
ATOM   940  O  O   . LEU A 1 119 ? 12.553  7.853   0.548   1.00 37.70 ? 304 LEU A O   1 
ATOM   941  C  CB  . LEU A 1 119 ? 13.084  8.003   3.817   1.00 31.75 ? 304 LEU A CB  1 
ATOM   942  C  CG  . LEU A 1 119 ? 13.037  7.132   5.080   1.00 31.07 ? 304 LEU A CG  1 
ATOM   943  C  CD1 . LEU A 1 119 ? 12.265  7.847   6.173   1.00 29.15 ? 304 LEU A CD1 1 
ATOM   944  C  CD2 . LEU A 1 119 ? 12.384  5.788   4.761   1.00 29.76 ? 304 LEU A CD2 1 
ATOM   945  N  N   . PRO A 1 120 ? 14.342  9.080   1.133   1.00 35.71 ? 305 PRO A N   1 
ATOM   946  C  CA  . PRO A 1 120 ? 14.240  9.928   -0.057  1.00 34.57 ? 305 PRO A CA  1 
ATOM   947  C  C   . PRO A 1 120 ? 14.268  9.162   -1.373  1.00 34.07 ? 305 PRO A C   1 
ATOM   948  O  O   . PRO A 1 120 ? 13.748  9.637   -2.382  1.00 34.36 ? 305 PRO A O   1 
ATOM   949  C  CB  . PRO A 1 120 ? 15.440  10.859  0.084   1.00 35.60 ? 305 PRO A CB  1 
ATOM   950  C  CG  . PRO A 1 120 ? 15.574  10.995  1.566   1.00 36.31 ? 305 PRO A CG  1 
ATOM   951  C  CD  . PRO A 1 120 ? 15.408  9.566   2.026   1.00 35.76 ? 305 PRO A CD  1 
ATOM   952  N  N   . THR A 1 121 ? 14.875  7.980   -1.365  1.00 32.79 ? 306 THR A N   1 
ATOM   953  C  CA  . THR A 1 121 ? 14.972  7.184   -2.582  1.00 33.08 ? 306 THR A CA  1 
ATOM   954  C  C   . THR A 1 121 ? 13.688  6.420   -2.908  1.00 32.49 ? 306 THR A C   1 
ATOM   955  O  O   . THR A 1 121 ? 13.575  5.838   -3.987  1.00 32.25 ? 306 THR A O   1 
ATOM   956  C  CB  . THR A 1 121 ? 16.151  6.182   -2.515  1.00 33.42 ? 306 THR A CB  1 
ATOM   957  O  OG1 . THR A 1 121 ? 15.888  5.184   -1.521  1.00 33.95 ? 306 THR A OG1 1 
ATOM   958  C  CG2 . THR A 1 121 ? 17.442  6.910   -2.165  1.00 33.91 ? 306 THR A CG2 1 
ATOM   959  N  N   . ILE A 1 122 ? 12.732  6.414   -1.978  1.00 30.67 ? 307 ILE A N   1 
ATOM   960  C  CA  . ILE A 1 122 ? 11.458  5.735   -2.207  1.00 30.44 ? 307 ILE A CA  1 
ATOM   961  C  C   . ILE A 1 122 ? 10.590  6.789   -2.889  1.00 31.53 ? 307 ILE A C   1 
ATOM   962  O  O   . ILE A 1 122 ? 9.774   7.454   -2.247  1.00 31.11 ? 307 ILE A O   1 
ATOM   963  C  CB  . ILE A 1 122 ? 10.782  5.306   -0.882  1.00 30.76 ? 307 ILE A CB  1 
ATOM   964  C  CG1 . ILE A 1 122 ? 11.813  4.707   0.082   1.00 30.77 ? 307 ILE A CG1 1 
ATOM   965  C  CG2 . ILE A 1 122 ? 9.692   4.283   -1.168  1.00 26.71 ? 307 ILE A CG2 1 
ATOM   966  C  CD1 . ILE A 1 122 ? 12.565  3.516   -0.464  1.00 34.52 ? 307 ILE A CD1 1 
ATOM   967  N  N   . ASN A 1 123 ? 10.768  6.927   -4.199  1.00 32.01 ? 308 ASN A N   1 
ATOM   968  C  CA  . ASN A 1 123 ? 10.062  7.943   -4.969  1.00 32.93 ? 308 ASN A CA  1 
ATOM   969  C  C   . ASN A 1 123 ? 9.063   7.478   -6.028  1.00 32.26 ? 308 ASN A C   1 
ATOM   970  O  O   . ASN A 1 123 ? 8.825   8.202   -7.000  1.00 31.99 ? 308 ASN A O   1 
ATOM   971  C  CB  . ASN A 1 123 ? 11.095  8.853   -5.638  1.00 32.46 ? 308 ASN A CB  1 
ATOM   972  C  CG  . ASN A 1 123 ? 11.936  8.115   -6.662  1.00 33.99 ? 308 ASN A CG  1 
ATOM   973  O  OD1 . ASN A 1 123 ? 11.828  6.896   -6.807  1.00 32.95 ? 308 ASN A OD1 1 
ATOM   974  N  ND2 . ASN A 1 123 ? 12.780  8.850   -7.379  1.00 35.73 ? 308 ASN A ND2 1 
ATOM   975  N  N   . ARG A 1 124 ? 8.477   6.296   -5.866  1.00 30.68 ? 309 ARG A N   1 
ATOM   976  C  CA  . ARG A 1 124 ? 7.497   5.831   -6.846  1.00 29.61 ? 309 ARG A CA  1 
ATOM   977  C  C   . ARG A 1 124 ? 6.348   5.052   -6.216  1.00 28.57 ? 309 ARG A C   1 
ATOM   978  O  O   . ARG A 1 124 ? 6.558   4.189   -5.366  1.00 29.33 ? 309 ARG A O   1 
ATOM   979  C  CB  . ARG A 1 124 ? 8.165   4.970   -7.928  1.00 30.54 ? 309 ARG A CB  1 
ATOM   980  C  CG  . ARG A 1 124 ? 7.231   4.641   -9.094  1.00 31.51 ? 309 ARG A CG  1 
ATOM   981  C  CD  . ARG A 1 124 ? 7.933   3.933   -10.257 1.00 33.57 ? 309 ARG A CD  1 
ATOM   982  N  NE  . ARG A 1 124 ? 8.122   2.504   -10.025 1.00 36.52 ? 309 ARG A NE  1 
ATOM   983  C  CZ  . ARG A 1 124 ? 9.299   1.925   -9.808  1.00 38.76 ? 309 ARG A CZ  1 
ATOM   984  N  NH1 . ARG A 1 124 ? 10.411  2.649   -9.793  1.00 40.14 ? 309 ARG A NH1 1 
ATOM   985  N  NH2 . ARG A 1 124 ? 9.365   0.617   -9.599  1.00 40.95 ? 309 ARG A NH2 1 
ATOM   986  N  N   . LEU A 1 125 ? 5.131   5.368   -6.647  1.00 27.89 ? 310 LEU A N   1 
ATOM   987  C  CA  . LEU A 1 125 ? 3.927   4.712   -6.156  1.00 25.26 ? 310 LEU A CA  1 
ATOM   988  C  C   . LEU A 1 125 ? 3.252   3.929   -7.278  1.00 26.25 ? 310 LEU A C   1 
ATOM   989  O  O   . LEU A 1 125 ? 3.024   4.462   -8.365  1.00 25.73 ? 310 LEU A O   1 
ATOM   990  C  CB  . LEU A 1 125 ? 2.938   5.748   -5.618  1.00 24.90 ? 310 LEU A CB  1 
ATOM   991  C  CG  . LEU A 1 125 ? 1.537   5.224   -5.263  1.00 23.64 ? 310 LEU A CG  1 
ATOM   992  C  CD1 . LEU A 1 125 ? 1.617   4.336   -4.028  1.00 20.13 ? 310 LEU A CD1 1 
ATOM   993  C  CD2 . LEU A 1 125 ? 0.597   6.391   -5.021  1.00 20.98 ? 310 LEU A CD2 1 
ATOM   994  N  N   . GLU A 1 126 ? 2.933   2.667   -7.007  1.00 24.75 ? 311 GLU A N   1 
ATOM   995  C  CA  . GLU A 1 126 ? 2.263   1.819   -7.983  1.00 25.19 ? 311 GLU A CA  1 
ATOM   996  C  C   . GLU A 1 126 ? 1.028   1.211   -7.327  1.00 24.64 ? 311 GLU A C   1 
ATOM   997  O  O   . GLU A 1 126 ? 1.083   0.710   -6.206  1.00 24.39 ? 311 GLU A O   1 
ATOM   998  C  CB  . GLU A 1 126 ? 3.172   0.681   -8.460  1.00 26.77 ? 311 GLU A CB  1 
ATOM   999  C  CG  . GLU A 1 126 ? 4.596   1.084   -8.809  1.00 33.44 ? 311 GLU A CG  1 
ATOM   1000 C  CD  . GLU A 1 126 ? 5.396   -0.067  -9.416  1.00 35.70 ? 311 GLU A CD  1 
ATOM   1001 O  OE1 . GLU A 1 126 ? 5.295   -1.206  -8.903  1.00 34.87 ? 311 GLU A OE1 1 
ATOM   1002 O  OE2 . GLU A 1 126 ? 6.129   0.173   -10.402 1.00 36.95 ? 311 GLU A OE2 1 
ATOM   1003 N  N   . VAL A 1 127 ? -0.092  1.269   -8.030  1.00 22.98 ? 312 VAL A N   1 
ATOM   1004 C  CA  . VAL A 1 127 ? -1.322  0.702   -7.519  1.00 21.71 ? 312 VAL A CA  1 
ATOM   1005 C  C   . VAL A 1 127 ? -1.877  -0.190  -8.623  1.00 23.44 ? 312 VAL A C   1 
ATOM   1006 O  O   . VAL A 1 127 ? -1.964  0.222   -9.781  1.00 23.62 ? 312 VAL A O   1 
ATOM   1007 C  CB  . VAL A 1 127 ? -2.347  1.802   -7.158  1.00 20.28 ? 312 VAL A CB  1 
ATOM   1008 C  CG1 . VAL A 1 127 ? -3.585  1.174   -6.531  1.00 17.55 ? 312 VAL A CG1 1 
ATOM   1009 C  CG2 . VAL A 1 127 ? -1.724  2.794   -6.193  1.00 17.47 ? 312 VAL A CG2 1 
ATOM   1010 N  N   . GLY A 1 128 ? -2.227  -1.420  -8.269  1.00 22.75 ? 313 GLY A N   1 
ATOM   1011 C  CA  . GLY A 1 128 ? -2.762  -2.336  -9.256  1.00 21.96 ? 313 GLY A CA  1 
ATOM   1012 C  C   . GLY A 1 128 ? -3.670  -3.369  -8.628  1.00 21.38 ? 313 GLY A C   1 
ATOM   1013 O  O   . GLY A 1 128 ? -3.843  -3.404  -7.412  1.00 21.53 ? 313 GLY A O   1 
ATOM   1014 N  N   . GLY A 1 129 ? -4.271  -4.214  -9.451  1.00 20.92 ? 314 GLY A N   1 
ATOM   1015 C  CA  . GLY A 1 129 ? -5.131  -5.227  -8.883  1.00 22.50 ? 314 GLY A CA  1 
ATOM   1016 C  C   . GLY A 1 129 ? -6.610  -4.960  -9.002  1.00 23.02 ? 314 GLY A C   1 
ATOM   1017 O  O   . GLY A 1 129 ? -7.045  -4.056  -9.717  1.00 22.59 ? 314 GLY A O   1 
ATOM   1018 N  N   . ASP A 1 130 ? -7.381  -5.739  -8.254  1.00 22.79 ? 315 ASP A N   1 
ATOM   1019 C  CA  . ASP A 1 130 ? -8.830  -5.674  -8.303  1.00 22.87 ? 315 ASP A CA  1 
ATOM   1020 C  C   . ASP A 1 130 ? -9.571  -4.598  -7.520  1.00 22.63 ? 315 ASP A C   1 
ATOM   1021 O  O   . ASP A 1 130 ? -10.367 -4.895  -6.625  1.00 21.32 ? 315 ASP A O   1 
ATOM   1022 C  CB  . ASP A 1 130 ? -9.386  -7.048  -7.943  1.00 21.67 ? 315 ASP A CB  1 
ATOM   1023 C  CG  . ASP A 1 130 ? -8.681  -8.160  -8.686  1.00 22.62 ? 315 ASP A CG  1 
ATOM   1024 O  OD1 . ASP A 1 130 ? -8.215  -7.905  -9.820  1.00 23.97 ? 315 ASP A OD1 1 
ATOM   1025 O  OD2 . ASP A 1 130 ? -8.598  -9.285  -8.144  1.00 22.75 ? 315 ASP A OD2 1 
ATOM   1026 N  N   . ILE A 1 131 ? -9.323  -3.346  -7.874  1.00 22.40 ? 316 ILE A N   1 
ATOM   1027 C  CA  . ILE A 1 131 ? -10.021 -2.242  -7.235  1.00 23.87 ? 316 ILE A CA  1 
ATOM   1028 C  C   . ILE A 1 131 ? -10.280 -1.154  -8.255  1.00 24.46 ? 316 ILE A C   1 
ATOM   1029 O  O   . ILE A 1 131 ? -9.714  -1.151  -9.346  1.00 22.18 ? 316 ILE A O   1 
ATOM   1030 C  CB  . ILE A 1 131 ? -9.209  -1.581  -6.098  1.00 23.73 ? 316 ILE A CB  1 
ATOM   1031 C  CG1 . ILE A 1 131 ? -7.886  -1.035  -6.648  1.00 24.93 ? 316 ILE A CG1 1 
ATOM   1032 C  CG2 . ILE A 1 131 ? -8.987  -2.563  -4.970  1.00 25.79 ? 316 ILE A CG2 1 
ATOM   1033 C  CD1 . ILE A 1 131 ? -7.206  -0.036  -5.724  1.00 20.99 ? 316 ILE A CD1 1 
ATOM   1034 N  N   . GLN A 1 132 ? -11.166 -0.242  -7.891  1.00 27.00 ? 317 GLN A N   1 
ATOM   1035 C  CA  . GLN A 1 132 ? -11.442 0.908   -8.724  1.00 29.22 ? 317 GLN A CA  1 
ATOM   1036 C  C   . GLN A 1 132 ? -10.806 2.030   -7.907  1.00 27.75 ? 317 GLN A C   1 
ATOM   1037 O  O   . GLN A 1 132 ? -11.269 2.345   -6.810  1.00 28.33 ? 317 GLN A O   1 
ATOM   1038 C  CB  . GLN A 1 132 ? -12.948 1.130   -8.882  1.00 32.29 ? 317 GLN A CB  1 
ATOM   1039 C  CG  . GLN A 1 132 ? -13.286 2.308   -9.778  1.00 38.05 ? 317 GLN A CG  1 
ATOM   1040 C  CD  . GLN A 1 132 ? -14.765 2.397   -10.116 1.00 42.61 ? 317 GLN A CD  1 
ATOM   1041 O  OE1 . GLN A 1 132 ? -15.308 1.547   -10.832 1.00 43.92 ? 317 GLN A OE1 1 
ATOM   1042 N  NE2 . GLN A 1 132 ? -15.427 3.429   -9.600  1.00 43.46 ? 317 GLN A NE2 1 
ATOM   1043 N  N   . LEU A 1 133 ? -9.716  2.589   -8.423  1.00 27.58 ? 318 LEU A N   1 
ATOM   1044 C  CA  . LEU A 1 133 ? -8.998  3.667   -7.746  1.00 27.50 ? 318 LEU A CA  1 
ATOM   1045 C  C   . LEU A 1 133 ? -9.650  4.998   -8.093  1.00 29.07 ? 318 LEU A C   1 
ATOM   1046 O  O   . LEU A 1 133 ? -9.646  5.418   -9.255  1.00 30.00 ? 318 LEU A O   1 
ATOM   1047 C  CB  . LEU A 1 133 ? -7.531  3.674   -8.183  1.00 25.67 ? 318 LEU A CB  1 
ATOM   1048 C  CG  . LEU A 1 133 ? -6.584  4.664   -7.500  1.00 24.51 ? 318 LEU A CG  1 
ATOM   1049 C  CD1 . LEU A 1 133 ? -6.458  4.324   -6.015  1.00 24.50 ? 318 LEU A CD1 1 
ATOM   1050 C  CD2 . LEU A 1 133 ? -5.223  4.601   -8.170  1.00 22.32 ? 318 LEU A CD2 1 
ATOM   1051 N  N   . THR A 1 134 ? -10.211 5.665   -7.088  1.00 29.35 ? 319 THR A N   1 
ATOM   1052 C  CA  . THR A 1 134 ? -10.885 6.938   -7.311  1.00 28.58 ? 319 THR A CA  1 
ATOM   1053 C  C   . THR A 1 134 ? -10.121 8.181   -6.854  1.00 27.80 ? 319 THR A C   1 
ATOM   1054 O  O   . THR A 1 134 ? -10.477 9.301   -7.235  1.00 23.81 ? 319 THR A O   1 
ATOM   1055 C  CB  . THR A 1 134 ? -12.269 6.930   -6.654  1.00 29.65 ? 319 THR A CB  1 
ATOM   1056 O  OG1 . THR A 1 134 ? -12.137 6.619   -5.263  1.00 35.17 ? 319 THR A OG1 1 
ATOM   1057 C  CG2 . THR A 1 134 ? -13.151 5.889   -7.311  1.00 31.28 ? 319 THR A CG2 1 
ATOM   1058 N  N   . HIS A 1 135 ? -9.086  7.999   -6.037  1.00 26.45 ? 320 HIS A N   1 
ATOM   1059 C  CA  . HIS A 1 135 ? -8.303  9.145   -5.594  1.00 25.04 ? 320 HIS A CA  1 
ATOM   1060 C  C   . HIS A 1 135 ? -6.976  8.820   -4.923  1.00 25.67 ? 320 HIS A C   1 
ATOM   1061 O  O   . HIS A 1 135 ? -6.845  7.828   -4.202  1.00 26.26 ? 320 HIS A O   1 
ATOM   1062 C  CB  . HIS A 1 135 ? -9.122  10.046  -4.663  1.00 23.41 ? 320 HIS A CB  1 
ATOM   1063 C  CG  . HIS A 1 135 ? -8.493  11.387  -4.437  1.00 23.84 ? 320 HIS A CG  1 
ATOM   1064 N  ND1 . HIS A 1 135 ? -8.031  11.800  -3.206  1.00 23.95 ? 320 HIS A ND1 1 
ATOM   1065 C  CD2 . HIS A 1 135 ? -8.178  12.375  -5.308  1.00 22.23 ? 320 HIS A CD2 1 
ATOM   1066 C  CE1 . HIS A 1 135 ? -7.454  12.983  -3.329  1.00 22.75 ? 320 HIS A CE1 1 
ATOM   1067 N  NE2 . HIS A 1 135 ? -7.529  13.354  -4.594  1.00 24.79 ? 320 HIS A NE2 1 
ATOM   1068 N  N   . VAL A 1 136 ? -5.996  9.682   -5.172  1.00 24.66 ? 321 VAL A N   1 
ATOM   1069 C  CA  . VAL A 1 136 ? -4.666  9.542   -4.601  1.00 24.61 ? 321 VAL A CA  1 
ATOM   1070 C  C   . VAL A 1 136 ? -4.170  10.910  -4.144  1.00 25.42 ? 321 VAL A C   1 
ATOM   1071 O  O   . VAL A 1 136 ? -4.383  11.917  -4.816  1.00 27.15 ? 321 VAL A O   1 
ATOM   1072 C  CB  . VAL A 1 136 ? -3.650  8.987   -5.633  1.00 25.10 ? 321 VAL A CB  1 
ATOM   1073 C  CG1 . VAL A 1 136 ? -2.243  8.995   -5.035  1.00 26.49 ? 321 VAL A CG1 1 
ATOM   1074 C  CG2 . VAL A 1 136 ? -4.036  7.578   -6.054  1.00 25.25 ? 321 VAL A CG2 1 
ATOM   1075 N  N   . GLN A 1 137 ? -3.526  10.939  -2.988  1.00 26.62 ? 322 GLN A N   1 
ATOM   1076 C  CA  . GLN A 1 137 ? -2.962  12.168  -2.446  1.00 29.01 ? 322 GLN A CA  1 
ATOM   1077 C  C   . GLN A 1 137 ? -1.555  11.796  -2.022  1.00 30.18 ? 322 GLN A C   1 
ATOM   1078 O  O   . GLN A 1 137 ? -1.367  11.095  -1.032  1.00 32.98 ? 322 GLN A O   1 
ATOM   1079 C  CB  . GLN A 1 137 ? -3.764  12.654  -1.232  1.00 27.35 ? 322 GLN A CB  1 
ATOM   1080 C  CG  . GLN A 1 137 ? -3.115  13.796  -0.446  1.00 26.15 ? 322 GLN A CG  1 
ATOM   1081 C  CD  . GLN A 1 137 ? -3.140  15.131  -1.174  1.00 28.30 ? 322 GLN A CD  1 
ATOM   1082 O  OE1 . GLN A 1 137 ? -4.198  15.739  -1.354  1.00 27.40 ? 322 GLN A OE1 1 
ATOM   1083 N  NE2 . GLN A 1 137 ? -1.969  15.593  -1.596  1.00 30.59 ? 322 GLN A NE2 1 
ATOM   1084 N  N   . THR A 1 138 ? -0.570  12.239  -2.788  1.00 32.38 ? 323 THR A N   1 
ATOM   1085 C  CA  . THR A 1 138 ? 0.819   11.935  -2.471  1.00 36.68 ? 323 THR A CA  1 
ATOM   1086 C  C   . THR A 1 138 ? 1.557   13.185  -2.011  1.00 38.07 ? 323 THR A C   1 
ATOM   1087 O  O   . THR A 1 138 ? 0.979   14.030  -1.321  1.00 32.13 ? 323 THR A O   1 
ATOM   1088 C  CB  . THR A 1 138 ? 1.540   11.337  -3.690  1.00 37.64 ? 323 THR A CB  1 
ATOM   1089 O  OG1 . THR A 1 138 ? 1.434   12.239  -4.798  1.00 37.14 ? 323 THR A OG1 1 
ATOM   1090 C  CG2 . THR A 1 138 ? 0.913   10.006  -4.070  1.00 39.06 ? 323 THR A CG2 1 
HETATM 1091 C  C1  . NDG B 2 .   ? 4.383   -18.412 -1.029  1.00 33.21 ? 1   NDG B C1  1 
HETATM 1092 C  C2  . NDG B 2 .   ? 3.788   -17.265 -0.202  1.00 31.53 ? 1   NDG B C2  1 
HETATM 1093 C  C3  . NDG B 2 .   ? 3.008   -16.338 -1.143  1.00 30.67 ? 1   NDG B C3  1 
HETATM 1094 C  C4  . NDG B 2 .   ? 3.951   -15.828 -2.236  1.00 31.01 ? 1   NDG B C4  1 
HETATM 1095 C  C5  . NDG B 2 .   ? 4.532   -17.034 -2.986  1.00 32.59 ? 1   NDG B C5  1 
HETATM 1096 C  C6  . NDG B 2 .   ? 5.517   -16.650 -4.072  1.00 32.09 ? 1   NDG B C6  1 
HETATM 1097 C  C7  . NDG B 2 .   ? 3.356   -17.928 2.084   1.00 34.71 ? 1   NDG B C7  1 
HETATM 1098 C  C8  . NDG B 2 .   ? 2.331   -18.305 3.139   1.00 32.27 ? 1   NDG B C8  1 
HETATM 1099 O  O5  . NDG B 2 .   ? 5.236   -17.893 -2.061  1.00 32.29 ? 1   NDG B O5  1 
HETATM 1100 O  O3  . NDG B 2 .   ? 2.455   -15.252 -0.416  1.00 31.16 ? 1   NDG B O3  1 
HETATM 1101 O  O4  . NDG B 2 .   ? 3.245   -14.967 -3.152  1.00 30.55 ? 1   NDG B O4  1 
HETATM 1102 O  O6  . NDG B 2 .   ? 6.676   -16.038 -3.521  1.00 32.52 ? 1   NDG B O6  1 
HETATM 1103 O  O7  . NDG B 2 .   ? 4.531   -17.754 2.412   1.00 36.10 ? 1   NDG B O7  1 
HETATM 1104 N  N2  . NDG B 2 .   ? 2.918   -17.799 0.831   1.00 33.48 ? 1   NDG B N2  1 
HETATM 1105 O  O1  . NDG B 2 .   ? 3.363   -19.116 -1.643  1.00 35.19 ? 1   NDG B O1  1 
HETATM 1106 C  C1  . GAL B 2 .   ? 3.889   -13.794 -3.522  1.00 29.66 ? 2   GAL B C1  1 
HETATM 1107 C  C2  . GAL B 2 .   ? 3.121   -13.121 -4.662  1.00 29.49 ? 2   GAL B C2  1 
HETATM 1108 C  C3  . GAL B 2 .   ? 3.751   -11.769 -5.013  1.00 30.01 ? 2   GAL B C3  1 
HETATM 1109 C  C4  . GAL B 2 .   ? 3.899   -10.899 -3.762  1.00 27.25 ? 2   GAL B C4  1 
HETATM 1110 C  C5  . GAL B 2 .   ? 4.612   -11.685 -2.648  1.00 28.77 ? 2   GAL B C5  1 
HETATM 1111 C  C6  . GAL B 2 .   ? 4.673   -10.928 -1.337  1.00 26.88 ? 2   GAL B C6  1 
HETATM 1112 O  O2  . GAL B 2 .   ? 3.139   -13.961 -5.802  1.00 31.44 ? 2   GAL B O2  1 
HETATM 1113 O  O3  . GAL B 2 .   ? 2.940   -11.098 -5.967  1.00 27.86 ? 2   GAL B O3  1 
HETATM 1114 O  O4  . GAL B 2 .   ? 2.618   -10.475 -3.319  1.00 27.55 ? 2   GAL B O4  1 
HETATM 1115 O  O5  . GAL B 2 .   ? 3.925   -12.928 -2.382  1.00 30.26 ? 2   GAL B O5  1 
HETATM 1116 O  O6  . GAL B 2 .   ? 5.344   -11.686 -0.345  1.00 26.20 ? 2   GAL B O6  1 
HETATM 1117 NI NI  . NI  C 3 .   ? -6.830  15.129  -5.779  0.50 21.32 ? 401 NI  A NI  1 
HETATM 1118 O  O   . HOH D 4 .   ? 5.502   -13.736 -7.556  1.00 55.80 ? 1   HOH A O   1 
HETATM 1119 O  O   . HOH D 4 .   ? 6.403   -11.029 -8.092  1.00 55.77 ? 2   HOH A O   1 
HETATM 1120 O  O   . HOH D 4 .   ? 3.053   -8.500  -6.828  1.00 36.27 ? 3   HOH A O   1 
HETATM 1121 O  O   . HOH D 4 .   ? 4.016   -6.073  -7.185  1.00 27.89 ? 4   HOH A O   1 
HETATM 1122 O  O   . HOH D 4 .   ? -0.143  -11.074 -5.073  1.00 31.61 ? 5   HOH A O   1 
HETATM 1123 O  O   . HOH D 4 .   ? -1.606  -9.324  -6.227  1.00 30.43 ? 6   HOH A O   1 
HETATM 1124 O  O   . HOH D 4 .   ? -2.715  -7.289  -7.114  1.00 29.45 ? 7   HOH A O   1 
HETATM 1125 O  O   . HOH D 4 .   ? 7.093   -14.056 -1.582  1.00 77.04 ? 8   HOH A O   1 
HETATM 1126 O  O   . HOH D 4 .   ? 8.008   -15.271 0.351   1.00 42.90 ? 9   HOH A O   1 
HETATM 1127 O  O   . HOH D 4 .   ? -0.058  -18.164 -0.225  1.00 34.34 ? 10  HOH A O   1 
HETATM 1128 O  O   . HOH D 4 .   ? 0.650   -15.789 -4.668  1.00 59.95 ? 11  HOH A O   1 
HETATM 1129 O  O   . HOH D 4 .   ? -0.181  -17.547 -3.155  1.00 40.17 ? 12  HOH A O   1 
HETATM 1130 O  O   . HOH D 4 .   ? 9.678   -4.927  8.007   1.00 26.79 ? 13  HOH A O   1 
HETATM 1131 O  O   . HOH D 4 .   ? 10.948  -0.952  3.506   1.00 21.19 ? 14  HOH A O   1 
HETATM 1132 O  O   . HOH D 4 .   ? -13.146 -2.254  1.278   1.00 28.41 ? 15  HOH A O   1 
HETATM 1133 O  O   . HOH D 4 .   ? -5.069  15.667  -4.607  1.00 14.32 ? 16  HOH A O   1 
HETATM 1134 O  O   . HOH D 4 .   ? 3.371   -5.025  9.098   1.00 20.90 ? 17  HOH A O   1 
HETATM 1135 O  O   . HOH D 4 .   ? -3.802  -3.425  -12.513 1.00 27.36 ? 18  HOH A O   1 
HETATM 1136 O  O   . HOH D 4 .   ? -7.740  5.213   6.174   1.00 31.02 ? 19  HOH A O   1 
HETATM 1137 O  O   . HOH D 4 .   ? 10.448  1.844   3.732   1.00 25.93 ? 20  HOH A O   1 
HETATM 1138 O  O   . HOH D 4 .   ? 7.720   -11.880 8.838   1.00 40.65 ? 21  HOH A O   1 
HETATM 1139 O  O   . HOH D 4 .   ? -9.346  2.483   -11.378 1.00 26.42 ? 22  HOH A O   1 
HETATM 1140 O  O   . HOH D 4 .   ? -1.756  5.748   9.075   1.00 44.91 ? 23  HOH A O   1 
HETATM 1141 O  O   . HOH D 4 .   ? -9.943  -0.755  9.601   1.00 55.16 ? 24  HOH A O   1 
HETATM 1142 O  O   . HOH D 4 .   ? -12.932 -13.888 -8.349  1.00 27.35 ? 25  HOH A O   1 
HETATM 1143 O  O   . HOH D 4 .   ? 17.196  0.013   -8.571  1.00 54.49 ? 26  HOH A O   1 
HETATM 1144 O  O   . HOH D 4 .   ? -14.611 -8.025  -10.205 1.00 51.29 ? 27  HOH A O   1 
HETATM 1145 O  O   . HOH D 4 .   ? 1.564   -3.988  13.512  1.00 37.16 ? 28  HOH A O   1 
HETATM 1146 O  O   . HOH D 4 .   ? -13.326 -9.402  3.299   1.00 33.14 ? 29  HOH A O   1 
HETATM 1147 O  O   . HOH D 4 .   ? 1.161   13.899  6.942   1.00 35.62 ? 30  HOH A O   1 
HETATM 1148 O  O   . HOH D 4 .   ? 4.394   -7.796  11.601  1.00 36.16 ? 31  HOH A O   1 
HETATM 1149 O  O   . HOH D 4 .   ? -3.393  -11.299 7.167   1.00 26.42 ? 32  HOH A O   1 
HETATM 1150 O  O   . HOH D 4 .   ? 3.541   -10.277 10.758  1.00 45.09 ? 33  HOH A O   1 
HETATM 1151 O  O   . HOH D 4 .   ? 7.318   -4.470  10.929  1.00 23.73 ? 34  HOH A O   1 
HETATM 1152 O  O   . HOH D 4 .   ? 19.046  5.409   12.810  1.00 48.51 ? 35  HOH A O   1 
HETATM 1153 O  O   . HOH D 4 .   ? 7.231   -15.407 3.799   1.00 28.08 ? 36  HOH A O   1 
HETATM 1154 O  O   . HOH D 4 .   ? 1.694   14.264  3.938   1.00 33.53 ? 37  HOH A O   1 
HETATM 1155 O  O   . HOH D 4 .   ? -0.218  5.078   -14.750 1.00 30.93 ? 38  HOH A O   1 
HETATM 1156 O  O   . HOH D 4 .   ? 11.358  -14.340 -3.861  1.00 40.05 ? 39  HOH A O   1 
HETATM 1157 O  O   . HOH D 4 .   ? -11.640 -11.460 3.175   1.00 42.51 ? 40  HOH A O   1 
HETATM 1158 O  O   . HOH D 4 .   ? -2.449  4.872   11.337  1.00 36.42 ? 41  HOH A O   1 
HETATM 1159 O  O   . HOH D 4 .   ? -6.677  4.792   14.555  1.00 56.75 ? 42  HOH A O   1 
HETATM 1160 O  O   . HOH D 4 .   ? -13.604 -0.711  3.534   1.00 40.13 ? 43  HOH A O   1 
HETATM 1161 O  O   . HOH D 4 .   ? -12.704 -7.081  13.744  1.00 43.27 ? 44  HOH A O   1 
HETATM 1162 O  O   . HOH D 4 .   ? 8.770   10.114  12.970  1.00 39.70 ? 45  HOH A O   1 
HETATM 1163 O  O   . HOH D 4 .   ? -12.861 2.109   10.426  1.00 54.20 ? 46  HOH A O   1 
HETATM 1164 O  O   . HOH D 4 .   ? 13.135  -8.038  2.848   1.00 29.17 ? 47  HOH A O   1 
HETATM 1165 O  O   . HOH D 4 .   ? -14.840 -9.710  0.978   1.00 28.80 ? 48  HOH A O   1 
HETATM 1166 O  O   . HOH D 4 .   ? 0.576   14.232  1.560   1.00 40.95 ? 49  HOH A O   1 
HETATM 1167 O  O   . HOH D 4 .   ? -7.264  9.987   -1.144  1.00 33.73 ? 50  HOH A O   1 
HETATM 1168 O  O   . HOH D 4 .   ? 2.814   -12.796 10.267  1.00 34.98 ? 51  HOH A O   1 
HETATM 1169 O  O   . HOH D 4 .   ? -0.924  -6.630  13.968  1.00 44.09 ? 52  HOH A O   1 
HETATM 1170 O  O   . HOH D 4 .   ? 16.089  8.459   5.462   1.00 47.47 ? 53  HOH A O   1 
HETATM 1171 O  O   . HOH D 4 .   ? -13.806 -1.108  7.153   1.00 39.56 ? 54  HOH A O   1 
HETATM 1172 O  O   . HOH D 4 .   ? -19.138 -8.590  -0.228  1.00 72.60 ? 55  HOH A O   1 
HETATM 1173 O  O   . HOH D 4 .   ? -0.577  13.840  -5.640  1.00 38.81 ? 56  HOH A O   1 
HETATM 1174 O  O   . HOH D 4 .   ? -7.550  -3.222  16.001  1.00 43.72 ? 57  HOH A O   1 
HETATM 1175 O  O   . HOH D 4 .   ? -7.783  0.830   16.829  1.00 48.88 ? 58  HOH A O   1 
HETATM 1176 O  O   . HOH D 4 .   ? 17.941  -3.675  -10.090 1.00 53.11 ? 59  HOH A O   1 
HETATM 1177 O  O   . HOH D 4 .   ? 13.958  0.049   10.601  1.00 48.26 ? 60  HOH A O   1 
HETATM 1178 O  O   . HOH D 4 .   ? 14.961  -3.362  8.557   1.00 52.29 ? 61  HOH A O   1 
HETATM 1179 O  O   . HOH D 4 .   ? 13.970  -8.645  0.256   1.00 50.91 ? 62  HOH A O   1 
HETATM 1180 O  O   . HOH D 4 .   ? 10.107  -1.627  -8.629  1.00 52.44 ? 63  HOH A O   1 
HETATM 1181 O  O   . HOH D 4 .   ? -2.367  1.953   -17.038 1.00 45.23 ? 64  HOH A O   1 
HETATM 1182 O  O   . HOH D 4 .   ? -3.350  -12.439 10.272  1.00 65.81 ? 65  HOH A O   1 
HETATM 1183 O  O   . HOH D 4 .   ? -19.373 0.926   0.131   1.00 39.15 ? 66  HOH A O   1 
HETATM 1184 O  O   . HOH D 4 .   ? 16.355  -6.919  -9.963  1.00 72.16 ? 67  HOH A O   1 
HETATM 1185 O  O   . HOH D 4 .   ? -11.596 -2.780  10.861  1.00 54.09 ? 68  HOH A O   1 
HETATM 1186 O  O   . HOH D 4 .   ? 17.504  1.971   1.204   1.00 38.83 ? 69  HOH A O   1 
HETATM 1187 O  O   . HOH D 4 .   ? 10.960  -3.985  -8.018  1.00 69.87 ? 70  HOH A O   1 
HETATM 1188 O  O   . HOH D 4 .   ? -20.453 8.650   -4.287  1.00 75.40 ? 71  HOH A O   1 
HETATM 1189 O  O   . HOH D 4 .   ? -10.854 -10.677 -10.272 1.00 44.61 ? 72  HOH A O   1 
HETATM 1190 O  O   . HOH D 4 .   ? 5.506   -4.569  12.842  1.00 44.54 ? 73  HOH A O   1 
HETATM 1191 O  O   . HOH D 4 .   ? -12.905 -1.870  13.229  1.00 50.39 ? 74  HOH A O   1 
HETATM 1192 O  O   . HOH D 4 .   ? -9.456  2.856   -15.237 1.00 45.11 ? 75  HOH A O   1 
HETATM 1193 O  O   . HOH D 4 .   ? -2.769  -15.634 5.722   1.00 53.19 ? 76  HOH A O   1 
HETATM 1194 O  O   . HOH D 4 .   ? -13.490 5.073   -0.728  1.00 68.45 ? 77  HOH A O   1 
HETATM 1195 O  O   . HOH D 4 .   ? -12.419 -5.107  10.691  1.00 64.66 ? 78  HOH A O   1 
HETATM 1196 O  O   . HOH D 4 .   ? -17.139 -12.556 -1.632  1.00 48.99 ? 79  HOH A O   1 
HETATM 1197 O  O   . HOH D 4 .   ? 2.716   8.981   14.293  1.00 65.16 ? 80  HOH A O   1 
HETATM 1198 O  O   . HOH D 4 .   ? 12.563  13.044  1.370   1.00 62.61 ? 81  HOH A O   1 
HETATM 1199 O  O   . HOH D 4 .   ? 0.726   -1.033  15.085  1.00 47.13 ? 82  HOH A O   1 
HETATM 1200 O  O   . HOH D 4 .   ? 4.368   15.577  3.319   1.00 61.16 ? 83  HOH A O   1 
HETATM 1201 O  O   . HOH D 4 .   ? 18.177  -9.315  -1.966  1.00 65.50 ? 84  HOH A O   1 
HETATM 1202 O  O   . HOH D 4 .   ? -12.646 8.917   -3.753  1.00 56.61 ? 85  HOH A O   1 
HETATM 1203 O  O   . HOH D 4 .   ? -12.050 7.210   -15.715 1.00 56.51 ? 86  HOH A O   1 
HETATM 1204 O  O   . HOH D 4 .   ? 5.081   -15.101 7.181   1.00 69.67 ? 87  HOH A O   1 
HETATM 1205 O  O   . HOH D 4 .   ? 14.765  7.471   9.160   1.00 66.35 ? 88  HOH A O   1 
HETATM 1206 O  O   . HOH D 4 .   ? -12.057 -8.508  -10.232 1.00 47.91 ? 89  HOH A O   1 
HETATM 1207 O  O   . HOH D 4 .   ? 4.589   16.556  5.518   1.00 46.72 ? 90  HOH A O   1 
HETATM 1208 O  O   . HOH D 4 .   ? -8.473  9.332   0.985   1.00 42.33 ? 91  HOH A O   1 
HETATM 1209 O  O   . HOH D 4 .   ? -9.406  5.099   15.389  1.00 47.97 ? 92  HOH A O   1 
HETATM 1210 O  O   . HOH D 4 .   ? 11.919  -6.007  -8.580  1.00 89.64 ? 93  HOH A O   1 
HETATM 1211 O  O   . HOH D 4 .   ? -12.388 -0.683  9.295   1.00 57.57 ? 94  HOH A O   1 
HETATM 1212 O  O   . HOH D 4 .   ? -2.695  9.099   8.863   1.00 43.56 ? 95  HOH A O   1 
HETATM 1213 O  O   . HOH D 4 .   ? 2.599   -2.490  -9.738  1.00 59.82 ? 96  HOH A O   1 
HETATM 1214 O  O   . HOH D 4 .   ? 18.517  0.655   3.482   1.00 41.94 ? 97  HOH A O   1 
HETATM 1215 O  O   . HOH D 4 .   ? -13.146 -4.428  14.416  1.00 75.68 ? 98  HOH A O   1 
HETATM 1216 O  O   . HOH D 4 .   ? -1.062  -4.459  -12.111 1.00 44.16 ? 99  HOH A O   1 
HETATM 1217 O  O   . HOH D 4 .   ? 11.053  -4.594  -11.154 1.00 62.30 ? 100 HOH A O   1 
HETATM 1218 O  O   . HOH D 4 .   ? -19.090 -11.431 -3.601  1.00 41.15 ? 101 HOH A O   1 
HETATM 1219 O  O   . HOH D 4 .   ? -13.999 5.397   -3.722  1.00 68.33 ? 102 HOH A O   1 
HETATM 1220 O  O   . HOH D 4 .   ? 8.533   -7.440  -9.319  1.00 58.44 ? 103 HOH A O   1 
HETATM 1221 O  O   . HOH D 4 .   ? 17.426  -2.570  8.386   1.00 57.27 ? 104 HOH A O   1 
HETATM 1222 O  O   . HOH D 4 .   ? -5.357  -8.987  -10.420 1.00 68.27 ? 105 HOH A O   1 
HETATM 1223 O  O   . HOH D 4 .   ? -9.850  8.572   12.051  1.00 63.19 ? 106 HOH A O   1 
HETATM 1224 O  O   . HOH D 4 .   ? -14.044 -9.473  6.431   1.00 62.59 ? 107 HOH A O   1 
HETATM 1225 O  O   . HOH D 4 .   ? 9.169   16.231  8.961   1.00 47.14 ? 108 HOH A O   1 
HETATM 1226 O  O   . HOH D 4 .   ? -14.889 -3.372  6.864   1.00 61.05 ? 109 HOH A O   1 
HETATM 1227 O  O   . HOH D 4 .   ? -4.629  6.619   12.118  1.00 48.40 ? 110 HOH A O   1 
HETATM 1228 O  O   . HOH D 4 .   ? 17.377  1.932   -3.535  1.00 60.44 ? 111 HOH A O   1 
HETATM 1229 O  O   . HOH D 4 .   ? 20.941  6.808   11.862  1.00 51.53 ? 112 HOH A O   1 
HETATM 1230 O  O   . HOH D 4 .   ? -18.652 -4.781  5.658   1.00 57.08 ? 113 HOH A O   1 
HETATM 1231 O  O   . HOH D 4 .   ? -1.440  9.428   6.849   1.00 47.87 ? 114 HOH A O   1 
HETATM 1232 O  O   . HOH D 4 .   ? 7.659   13.780  -1.113  1.00 55.93 ? 115 HOH A O   1 
HETATM 1233 O  O   . HOH D 4 .   ? 6.911   1.145   -13.331 1.00 72.73 ? 116 HOH A O   1 
HETATM 1234 O  O   . HOH D 4 .   ? 14.288  10.619  5.797   1.00 60.00 ? 117 HOH A O   1 
HETATM 1235 O  O   . HOH D 4 .   ? -1.244  -3.865  14.380  1.00 61.02 ? 118 HOH A O   1 
HETATM 1236 O  O   . HOH D 4 .   ? 18.510  1.034   -6.686  1.00 57.64 ? 119 HOH A O   1 
HETATM 1237 O  O   . HOH D 4 .   ? 5.759   18.606  6.449   1.00 51.76 ? 120 HOH A O   1 
HETATM 1238 O  O   . HOH D 4 .   ? 9.914   8.045   13.736  1.00 85.49 ? 121 HOH A O   1 
HETATM 1239 O  O   . HOH D 4 .   ? -8.944  -0.748  19.021  1.00 58.26 ? 122 HOH A O   1 
HETATM 1240 O  O   . HOH D 4 .   ? -17.561 -10.776 0.277   1.00 47.33 ? 123 HOH A O   1 
HETATM 1241 O  O   . HOH D 4 .   ? -6.324  7.331   13.804  1.00 55.11 ? 124 HOH A O   1 
HETATM 1242 O  O   . HOH D 4 .   ? 14.156  14.638  2.913   1.00 62.02 ? 125 HOH A O   1 
HETATM 1243 O  O   . HOH D 4 .   ? -19.996 -4.690  -0.408  1.00 68.57 ? 126 HOH A O   1 
HETATM 1244 O  O   . HOH D 4 .   ? -14.800 -6.047  8.915   1.00 66.97 ? 127 HOH A O   1 
HETATM 1245 O  O   . HOH D 4 .   ? -3.653  -19.313 -1.608  1.00 46.31 ? 128 HOH A O   1 
HETATM 1246 O  O   . HOH D 4 .   ? -12.759 -13.074 1.314   1.00 45.94 ? 129 HOH A O   1 
HETATM 1247 O  O   . HOH D 4 .   ? 12.498  5.149   -8.444  1.00 44.59 ? 130 HOH A O   1 
HETATM 1248 O  O   . HOH D 4 .   ? 6.115   -0.409  -15.345 1.00 83.39 ? 131 HOH A O   1 
HETATM 1249 O  O   . HOH D 4 .   ? -9.372  -1.826  -12.090 1.00 59.59 ? 132 HOH A O   1 
HETATM 1250 O  O   . HOH D 4 .   ? 12.505  12.066  -6.364  1.00 41.41 ? 133 HOH A O   1 
HETATM 1251 O  O   . HOH D 4 .   ? 1.277   -3.224  -11.651 1.00 52.97 ? 134 HOH A O   1 
HETATM 1252 O  O   . HOH D 4 .   ? -10.179 -7.271  17.421  1.00 44.16 ? 135 HOH A O   1 
HETATM 1253 O  O   . HOH D 4 .   ? -6.978  -3.798  -12.609 1.00 74.62 ? 136 HOH A O   1 
HETATM 1254 O  O   . HOH D 4 .   ? -3.069  -7.639  -10.359 1.00 58.63 ? 137 HOH A O   1 
HETATM 1255 O  O   . HOH D 4 .   ? 6.537   -4.202  -9.775  1.00 45.82 ? 138 HOH A O   1 
HETATM 1256 O  O   . HOH D 4 .   ? 8.013   -2.359  -9.469  1.00 66.24 ? 139 HOH A O   1 
HETATM 1257 O  O   . HOH D 4 .   ? 10.427  -13.140 -7.069  1.00 53.18 ? 140 HOH A O   1 
# 
loop_
_pdbx_poly_seq_scheme.asym_id 
_pdbx_poly_seq_scheme.entity_id 
_pdbx_poly_seq_scheme.seq_id 
_pdbx_poly_seq_scheme.mon_id 
_pdbx_poly_seq_scheme.ndb_seq_num 
_pdbx_poly_seq_scheme.pdb_seq_num 
_pdbx_poly_seq_scheme.auth_seq_num 
_pdbx_poly_seq_scheme.pdb_mon_id 
_pdbx_poly_seq_scheme.auth_mon_id 
_pdbx_poly_seq_scheme.pdb_strand_id 
_pdbx_poly_seq_scheme.pdb_ins_code 
_pdbx_poly_seq_scheme.hetero 
A 1 1   TYR 1   186 ?   ?   ?   A . n 
A 1 2   PRO 2   187 ?   ?   ?   A . n 
A 1 3   HIS 3   188 188 HIS HIS A . n 
A 1 4   PRO 4   189 189 PRO PRO A . n 
A 1 5   ALA 5   190 190 ALA ALA A . n 
A 1 6   TYR 6   191 191 TYR TYR A . n 
A 1 7   PRO 7   192 192 PRO PRO A . n 
A 1 8   MET 8   193 193 MET MET A . n 
A 1 9   PRO 9   194 194 PRO PRO A . n 
A 1 10  PHE 10  195 195 PHE PHE A . n 
A 1 11  ILE 11  196 196 ILE ILE A . n 
A 1 12  THR 12  197 197 THR THR A . n 
A 1 13  THR 13  198 198 THR THR A . n 
A 1 14  ILE 14  199 199 ILE ILE A . n 
A 1 15  LEU 15  200 200 LEU LEU A . n 
A 1 16  GLY 16  201 201 GLY GLY A . n 
A 1 17  GLY 17  202 202 GLY GLY A . n 
A 1 18  LEU 18  203 203 LEU LEU A . n 
A 1 19  TYR 19  204 204 TYR TYR A . n 
A 1 20  PRO 20  205 205 PRO PRO A . n 
A 1 21  SER 21  206 206 SER SER A . n 
A 1 22  LYS 22  207 207 LYS LYS A . n 
A 1 23  SER 23  208 208 SER SER A . n 
A 1 24  ILE 24  209 209 ILE ILE A . n 
A 1 25  LEU 25  210 210 LEU LEU A . n 
A 1 26  LEU 26  211 211 LEU LEU A . n 
A 1 27  SER 27  212 212 SER SER A . n 
A 1 28  GLY 28  213 213 GLY GLY A . n 
A 1 29  THR 29  214 214 THR THR A . n 
A 1 30  VAL 30  215 215 VAL VAL A . n 
A 1 31  LEU 31  216 216 LEU LEU A . n 
A 1 32  PRO 32  217 217 PRO PRO A . n 
A 1 33  SER 33  218 218 SER SER A . n 
A 1 34  ALA 34  219 219 ALA ALA A . n 
A 1 35  GLN 35  220 220 GLN GLN A . n 
A 1 36  ARG 36  221 221 ARG ARG A . n 
A 1 37  PHE 37  222 222 PHE PHE A . n 
A 1 38  HIS 38  223 223 HIS HIS A . n 
A 1 39  ILE 39  224 224 ILE ILE A . n 
A 1 40  ASN 40  225 225 ASN ASN A . n 
A 1 41  LEU 41  226 226 LEU LEU A . n 
A 1 42  CYS 42  227 227 CYS CYS A . n 
A 1 43  SER 43  228 228 SER SER A . n 
A 1 44  GLY 44  229 229 GLY GLY A . n 
A 1 45  ASN 45  230 230 ASN ASN A . n 
A 1 46  HIS 46  231 231 HIS HIS A . n 
A 1 47  ILE 47  232 232 ILE ILE A . n 
A 1 48  ALA 48  233 233 ALA ALA A . n 
A 1 49  PHE 49  234 234 PHE PHE A . n 
A 1 50  HIS 50  235 235 HIS HIS A . n 
A 1 51  LEU 51  236 236 LEU LEU A . n 
A 1 52  ASN 52  237 237 ASN ASN A . n 
A 1 53  PRO 53  238 238 PRO PRO A . n 
A 1 54  ARG 54  239 239 ARG ARG A . n 
A 1 55  PHE 55  240 240 PHE PHE A . n 
A 1 56  ASP 56  241 241 ASP ASP A . n 
A 1 57  GLU 57  242 242 GLU GLU A . n 
A 1 58  ASN 58  243 243 ASN ASN A . n 
A 1 59  ALA 59  244 244 ALA ALA A . n 
A 1 60  VAL 60  245 245 VAL VAL A . n 
A 1 61  VAL 61  246 246 VAL VAL A . n 
A 1 62  ARG 62  247 247 ARG ARG A . n 
A 1 63  ASN 63  248 248 ASN ASN A . n 
A 1 64  THR 64  249 249 THR THR A . n 
A 1 65  GLN 65  250 250 GLN GLN A . n 
A 1 66  ILE 66  251 251 ILE ILE A . n 
A 1 67  ASP 67  252 252 ASP ASP A . n 
A 1 68  ASN 68  253 253 ASN ASN A . n 
A 1 69  SER 69  254 254 SER SER A . n 
A 1 70  TRP 70  255 255 TRP TRP A . n 
A 1 71  GLY 71  256 256 GLY GLY A . n 
A 1 72  SER 72  257 257 SER SER A . n 
A 1 73  GLU 73  258 258 GLU GLU A . n 
A 1 74  GLU 74  259 259 GLU GLU A . n 
A 1 75  ARG 75  260 260 ARG ARG A . n 
A 1 76  SER 76  261 261 SER SER A . n 
A 1 77  LEU 77  262 262 LEU LEU A . n 
A 1 78  PRO 78  263 263 PRO PRO A . n 
A 1 79  ARG 79  264 264 ARG ARG A . n 
A 1 80  LYS 80  265 265 LYS LYS A . n 
A 1 81  MET 81  266 266 MET MET A . n 
A 1 82  PRO 82  267 267 PRO PRO A . n 
A 1 83  PHE 83  268 268 PHE PHE A . n 
A 1 84  VAL 84  269 269 VAL VAL A . n 
A 1 85  ARG 85  270 270 ARG ARG A . n 
A 1 86  GLY 86  271 271 GLY GLY A . n 
A 1 87  GLN 87  272 272 GLN GLN A . n 
A 1 88  SER 88  273 273 SER SER A . n 
A 1 89  PHE 89  274 274 PHE PHE A . n 
A 1 90  SER 90  275 275 SER SER A . n 
A 1 91  VAL 91  276 276 VAL VAL A . n 
A 1 92  TRP 92  277 277 TRP TRP A . n 
A 1 93  ILE 93  278 278 ILE ILE A . n 
A 1 94  LEU 94  279 279 LEU LEU A . n 
A 1 95  CYS 95  280 280 CYS CYS A . n 
A 1 96  GLU 96  281 281 GLU GLU A . n 
A 1 97  ALA 97  282 282 ALA ALA A . n 
A 1 98  HIS 98  283 283 HIS HIS A . n 
A 1 99  CYS 99  284 284 CYS CYS A . n 
A 1 100 LEU 100 285 285 LEU LEU A . n 
A 1 101 LYS 101 286 286 LYS LYS A . n 
A 1 102 VAL 102 287 287 VAL VAL A . n 
A 1 103 ALA 103 288 288 ALA ALA A . n 
A 1 104 VAL 104 289 289 VAL VAL A . n 
A 1 105 ASP 105 290 290 ASP ASP A . n 
A 1 106 GLY 106 291 291 GLY GLY A . n 
A 1 107 GLN 107 292 292 GLN GLN A . n 
A 1 108 HIS 108 293 293 HIS HIS A . n 
A 1 109 LEU 109 294 294 LEU LEU A . n 
A 1 110 PHE 110 295 295 PHE PHE A . n 
A 1 111 GLU 111 296 296 GLU GLU A . n 
A 1 112 TYR 112 297 297 TYR TYR A . n 
A 1 113 TYR 113 298 298 TYR TYR A . n 
A 1 114 HIS 114 299 299 HIS HIS A . n 
A 1 115 ARG 115 300 300 ARG ARG A . n 
A 1 116 LEU 116 301 301 LEU LEU A . n 
A 1 117 ARG 117 302 302 ARG ARG A . n 
A 1 118 ASN 118 303 303 ASN ASN A . n 
A 1 119 LEU 119 304 304 LEU LEU A . n 
A 1 120 PRO 120 305 305 PRO PRO A . n 
A 1 121 THR 121 306 306 THR THR A . n 
A 1 122 ILE 122 307 307 ILE ILE A . n 
A 1 123 ASN 123 308 308 ASN ASN A . n 
A 1 124 ARG 124 309 309 ARG ARG A . n 
A 1 125 LEU 125 310 310 LEU LEU A . n 
A 1 126 GLU 126 311 311 GLU GLU A . n 
A 1 127 VAL 127 312 312 VAL VAL A . n 
A 1 128 GLY 128 313 313 GLY GLY A . n 
A 1 129 GLY 129 314 314 GLY GLY A . n 
A 1 130 ASP 130 315 315 ASP ASP A . n 
A 1 131 ILE 131 316 316 ILE ILE A . n 
A 1 132 GLN 132 317 317 GLN GLN A . n 
A 1 133 LEU 133 318 318 LEU LEU A . n 
A 1 134 THR 134 319 319 THR THR A . n 
A 1 135 HIS 135 320 320 HIS HIS A . n 
A 1 136 VAL 136 321 321 VAL VAL A . n 
A 1 137 GLN 137 322 322 GLN GLN A . n 
A 1 138 THR 138 323 323 THR THR A . n 
# 
loop_
_pdbx_nonpoly_scheme.asym_id 
_pdbx_nonpoly_scheme.entity_id 
_pdbx_nonpoly_scheme.mon_id 
_pdbx_nonpoly_scheme.ndb_seq_num 
_pdbx_nonpoly_scheme.pdb_seq_num 
_pdbx_nonpoly_scheme.auth_seq_num 
_pdbx_nonpoly_scheme.pdb_mon_id 
_pdbx_nonpoly_scheme.auth_mon_id 
_pdbx_nonpoly_scheme.pdb_strand_id 
_pdbx_nonpoly_scheme.pdb_ins_code 
C 3 NI  1   401 401 NI  NI2 A . 
D 4 HOH 1   1   1   HOH HOH A . 
D 4 HOH 2   2   2   HOH HOH A . 
D 4 HOH 3   3   3   HOH HOH A . 
D 4 HOH 4   4   4   HOH HOH A . 
D 4 HOH 5   5   5   HOH HOH A . 
D 4 HOH 6   6   6   HOH HOH A . 
D 4 HOH 7   7   7   HOH HOH A . 
D 4 HOH 8   8   8   HOH HOH A . 
D 4 HOH 9   9   9   HOH HOH A . 
D 4 HOH 10  10  10  HOH HOH A . 
D 4 HOH 11  11  11  HOH HOH A . 
D 4 HOH 12  12  12  HOH HOH A . 
D 4 HOH 13  13  13  HOH HOH A . 
D 4 HOH 14  14  14  HOH HOH A . 
D 4 HOH 15  15  15  HOH HOH A . 
D 4 HOH 16  16  16  HOH HOH A . 
D 4 HOH 17  17  17  HOH HOH A . 
D 4 HOH 18  18  18  HOH HOH A . 
D 4 HOH 19  19  19  HOH HOH A . 
D 4 HOH 20  20  20  HOH HOH A . 
D 4 HOH 21  21  21  HOH HOH A . 
D 4 HOH 22  22  22  HOH HOH A . 
D 4 HOH 23  23  23  HOH HOH A . 
D 4 HOH 24  24  24  HOH HOH A . 
D 4 HOH 25  25  25  HOH HOH A . 
D 4 HOH 26  26  26  HOH HOH A . 
D 4 HOH 27  27  27  HOH HOH A . 
D 4 HOH 28  28  28  HOH HOH A . 
D 4 HOH 29  29  29  HOH HOH A . 
D 4 HOH 30  30  30  HOH HOH A . 
D 4 HOH 31  31  31  HOH HOH A . 
D 4 HOH 32  32  32  HOH HOH A . 
D 4 HOH 33  33  33  HOH HOH A . 
D 4 HOH 34  34  34  HOH HOH A . 
D 4 HOH 35  35  35  HOH HOH A . 
D 4 HOH 36  36  36  HOH HOH A . 
D 4 HOH 37  37  37  HOH HOH A . 
D 4 HOH 38  38  38  HOH HOH A . 
D 4 HOH 39  39  39  HOH HOH A . 
D 4 HOH 40  40  40  HOH HOH A . 
D 4 HOH 41  41  41  HOH HOH A . 
D 4 HOH 42  42  42  HOH HOH A . 
D 4 HOH 43  43  43  HOH HOH A . 
D 4 HOH 44  44  44  HOH HOH A . 
D 4 HOH 45  45  45  HOH HOH A . 
D 4 HOH 46  46  46  HOH HOH A . 
D 4 HOH 47  47  47  HOH HOH A . 
D 4 HOH 48  48  48  HOH HOH A . 
D 4 HOH 49  49  49  HOH HOH A . 
D 4 HOH 50  50  50  HOH HOH A . 
D 4 HOH 51  51  51  HOH HOH A . 
D 4 HOH 52  52  52  HOH HOH A . 
D 4 HOH 53  53  53  HOH HOH A . 
D 4 HOH 54  54  54  HOH HOH A . 
D 4 HOH 55  55  55  HOH HOH A . 
D 4 HOH 56  56  56  HOH HOH A . 
D 4 HOH 57  57  57  HOH HOH A . 
D 4 HOH 58  58  58  HOH HOH A . 
D 4 HOH 59  59  59  HOH HOH A . 
D 4 HOH 60  60  60  HOH HOH A . 
D 4 HOH 61  61  61  HOH HOH A . 
D 4 HOH 62  62  62  HOH HOH A . 
D 4 HOH 63  63  63  HOH HOH A . 
D 4 HOH 64  64  64  HOH HOH A . 
D 4 HOH 65  65  65  HOH HOH A . 
D 4 HOH 66  66  66  HOH HOH A . 
D 4 HOH 67  67  67  HOH HOH A . 
D 4 HOH 68  68  68  HOH HOH A . 
D 4 HOH 69  69  69  HOH HOH A . 
D 4 HOH 70  70  70  HOH HOH A . 
D 4 HOH 71  71  71  HOH HOH A . 
D 4 HOH 72  72  72  HOH HOH A . 
D 4 HOH 73  73  73  HOH HOH A . 
D 4 HOH 74  74  74  HOH HOH A . 
D 4 HOH 75  75  75  HOH HOH A . 
D 4 HOH 76  76  76  HOH HOH A . 
D 4 HOH 77  77  77  HOH HOH A . 
D 4 HOH 78  78  78  HOH HOH A . 
D 4 HOH 79  79  79  HOH HOH A . 
D 4 HOH 80  80  80  HOH HOH A . 
D 4 HOH 81  81  81  HOH HOH A . 
D 4 HOH 82  82  82  HOH HOH A . 
D 4 HOH 83  83  83  HOH HOH A . 
D 4 HOH 84  84  84  HOH HOH A . 
D 4 HOH 85  85  85  HOH HOH A . 
D 4 HOH 86  86  86  HOH HOH A . 
D 4 HOH 87  87  87  HOH HOH A . 
D 4 HOH 88  88  88  HOH HOH A . 
D 4 HOH 89  89  89  HOH HOH A . 
D 4 HOH 90  90  90  HOH HOH A . 
D 4 HOH 91  91  91  HOH HOH A . 
D 4 HOH 92  92  92  HOH HOH A . 
D 4 HOH 93  93  93  HOH HOH A . 
D 4 HOH 94  94  94  HOH HOH A . 
D 4 HOH 95  95  95  HOH HOH A . 
D 4 HOH 96  96  96  HOH HOH A . 
D 4 HOH 97  97  97  HOH HOH A . 
D 4 HOH 98  98  98  HOH HOH A . 
D 4 HOH 99  99  99  HOH HOH A . 
D 4 HOH 100 100 100 HOH HOH A . 
D 4 HOH 101 101 101 HOH HOH A . 
D 4 HOH 102 102 102 HOH HOH A . 
D 4 HOH 103 103 103 HOH HOH A . 
D 4 HOH 104 104 104 HOH HOH A . 
D 4 HOH 105 105 105 HOH HOH A . 
D 4 HOH 106 106 106 HOH HOH A . 
D 4 HOH 107 107 107 HOH HOH A . 
D 4 HOH 108 108 108 HOH HOH A . 
D 4 HOH 109 109 109 HOH HOH A . 
D 4 HOH 110 110 110 HOH HOH A . 
D 4 HOH 111 111 111 HOH HOH A . 
D 4 HOH 112 112 112 HOH HOH A . 
D 4 HOH 113 113 113 HOH HOH A . 
D 4 HOH 114 114 114 HOH HOH A . 
D 4 HOH 115 115 115 HOH HOH A . 
D 4 HOH 116 116 116 HOH HOH A . 
D 4 HOH 117 117 117 HOH HOH A . 
D 4 HOH 118 118 118 HOH HOH A . 
D 4 HOH 119 119 119 HOH HOH A . 
D 4 HOH 120 120 120 HOH HOH A . 
D 4 HOH 121 121 121 HOH HOH A . 
D 4 HOH 122 122 122 HOH HOH A . 
D 4 HOH 123 123 123 HOH HOH A . 
D 4 HOH 124 124 124 HOH HOH A . 
D 4 HOH 125 125 125 HOH HOH A . 
D 4 HOH 126 126 126 HOH HOH A . 
D 4 HOH 127 127 127 HOH HOH A . 
D 4 HOH 128 128 128 HOH HOH A . 
D 4 HOH 129 129 129 HOH HOH A . 
D 4 HOH 130 130 130 HOH HOH A . 
D 4 HOH 131 131 131 HOH HOH A . 
D 4 HOH 132 132 132 HOH HOH A . 
D 4 HOH 133 133 133 HOH HOH A . 
D 4 HOH 134 134 134 HOH HOH A . 
D 4 HOH 135 135 135 HOH HOH A . 
D 4 HOH 136 136 136 HOH HOH A . 
D 4 HOH 137 137 137 HOH HOH A . 
D 4 HOH 138 138 138 HOH HOH A . 
D 4 HOH 139 139 139 HOH HOH A . 
D 4 HOH 140 140 140 HOH HOH A . 
# 
_pdbx_molecule_features.prd_id    PRD_900019 
_pdbx_molecule_features.name      N-acetyl-alpha-lactosamine 
_pdbx_molecule_features.type      Oligosaccharide 
_pdbx_molecule_features.class     'Glycan component' 
_pdbx_molecule_features.details   oligosaccharide 
# 
_pdbx_molecule.instance_id   1 
_pdbx_molecule.prd_id        PRD_900019 
_pdbx_molecule.asym_id       B 
# 
_pdbx_struct_assembly.id                   1 
_pdbx_struct_assembly.details              software_defined_assembly 
_pdbx_struct_assembly.method_details       PISA 
_pdbx_struct_assembly.oligomeric_details   trimeric 
_pdbx_struct_assembly.oligomeric_count     3 
# 
_pdbx_struct_assembly_gen.assembly_id       1 
_pdbx_struct_assembly_gen.oper_expression   1,2,3 
_pdbx_struct_assembly_gen.asym_id_list      A,B,C,D 
# 
loop_
_pdbx_struct_assembly_prop.biol_id 
_pdbx_struct_assembly_prop.type 
_pdbx_struct_assembly_prop.value 
_pdbx_struct_assembly_prop.details 
1 'ABSA (A^2)' 2780  ? 
1 MORE         -22   ? 
1 'SSA (A^2)'  17740 ? 
# 
loop_
_pdbx_struct_oper_list.id 
_pdbx_struct_oper_list.type 
_pdbx_struct_oper_list.name 
_pdbx_struct_oper_list.symmetry_operation 
_pdbx_struct_oper_list.matrix[1][1] 
_pdbx_struct_oper_list.matrix[1][2] 
_pdbx_struct_oper_list.matrix[1][3] 
_pdbx_struct_oper_list.vector[1] 
_pdbx_struct_oper_list.matrix[2][1] 
_pdbx_struct_oper_list.matrix[2][2] 
_pdbx_struct_oper_list.matrix[2][3] 
_pdbx_struct_oper_list.vector[2] 
_pdbx_struct_oper_list.matrix[3][1] 
_pdbx_struct_oper_list.matrix[3][2] 
_pdbx_struct_oper_list.matrix[3][3] 
_pdbx_struct_oper_list.vector[3] 
1 'identity operation'         1_555 x,y,z        1.0000000000 0.0000000000 0.0000000000  0.0000000000  0.0000000000 1.0000000000  0.0000000000  0.0000000000  0.0000000000  0.0000000000  1.0000000000  0.0000000000   
2 'crystal symmetry operation' 2_665 -y+1,x-y+1,z 0.9224583187 0.3627798534 0.1321416975  -5.2546345905 0.2900094700 -0.4251060831 -0.8574259883 18.5869795117 -0.2548826349 0.8292620793  -0.4973522357 -22.9394988584 
3 'crystal symmetry operation' 3_565 -x+y,-x+1,z  0.9224583187 0.2900094700 -0.2548826349 -6.3900985978 0.3627798534 -0.4251060831 0.8292620793  28.8305701423 0.1321416975  -0.8574259883 -0.4973522357 5.2223045712 
# 
_pdbx_struct_special_symmetry.id              1 
_pdbx_struct_special_symmetry.PDB_model_num   1 
_pdbx_struct_special_symmetry.auth_asym_id    A 
_pdbx_struct_special_symmetry.auth_comp_id    NI 
_pdbx_struct_special_symmetry.auth_seq_id     401 
_pdbx_struct_special_symmetry.PDB_ins_code    ? 
_pdbx_struct_special_symmetry.label_asym_id   C 
_pdbx_struct_special_symmetry.label_comp_id   NI 
_pdbx_struct_special_symmetry.label_seq_id    . 
# 
_pdbx_struct_conn_angle.id                    1 
_pdbx_struct_conn_angle.ptnr1_label_atom_id   O 
_pdbx_struct_conn_angle.ptnr1_label_alt_id    ? 
_pdbx_struct_conn_angle.ptnr1_label_asym_id   D 
_pdbx_struct_conn_angle.ptnr1_label_comp_id   HOH 
_pdbx_struct_conn_angle.ptnr1_label_seq_id    . 
_pdbx_struct_conn_angle.ptnr1_auth_atom_id    ? 
_pdbx_struct_conn_angle.ptnr1_auth_asym_id    A 
_pdbx_struct_conn_angle.ptnr1_auth_comp_id    HOH 
_pdbx_struct_conn_angle.ptnr1_auth_seq_id     16 
_pdbx_struct_conn_angle.ptnr1_PDB_ins_code    ? 
_pdbx_struct_conn_angle.ptnr1_symmetry        1_555 
_pdbx_struct_conn_angle.ptnr2_label_atom_id   NI 
_pdbx_struct_conn_angle.ptnr2_label_alt_id    ? 
_pdbx_struct_conn_angle.ptnr2_label_asym_id   C 
_pdbx_struct_conn_angle.ptnr2_label_comp_id   NI 
_pdbx_struct_conn_angle.ptnr2_label_seq_id    . 
_pdbx_struct_conn_angle.ptnr2_auth_atom_id    ? 
_pdbx_struct_conn_angle.ptnr2_auth_asym_id    A 
_pdbx_struct_conn_angle.ptnr2_auth_comp_id    NI 
_pdbx_struct_conn_angle.ptnr2_auth_seq_id     401 
_pdbx_struct_conn_angle.ptnr2_PDB_ins_code    ? 
_pdbx_struct_conn_angle.ptnr2_symmetry        1_555 
_pdbx_struct_conn_angle.ptnr3_label_atom_id   NE2 
_pdbx_struct_conn_angle.ptnr3_label_alt_id    ? 
_pdbx_struct_conn_angle.ptnr3_label_asym_id   A 
_pdbx_struct_conn_angle.ptnr3_label_comp_id   HIS 
_pdbx_struct_conn_angle.ptnr3_label_seq_id    135 
_pdbx_struct_conn_angle.ptnr3_auth_atom_id    ? 
_pdbx_struct_conn_angle.ptnr3_auth_asym_id    A 
_pdbx_struct_conn_angle.ptnr3_auth_comp_id    HIS 
_pdbx_struct_conn_angle.ptnr3_auth_seq_id     320 
_pdbx_struct_conn_angle.ptnr3_PDB_ins_code    ? 
_pdbx_struct_conn_angle.ptnr3_symmetry        1_555 
_pdbx_struct_conn_angle.value                 99.4 
_pdbx_struct_conn_angle.value_esd             ? 
# 
loop_
_pdbx_audit_revision_history.ordinal 
_pdbx_audit_revision_history.data_content_type 
_pdbx_audit_revision_history.major_revision 
_pdbx_audit_revision_history.minor_revision 
_pdbx_audit_revision_history.revision_date 
1 'Structure model' 1 0 2010-09-22 
2 'Structure model' 1 1 2011-07-13 
3 'Structure model' 2 0 2020-07-29 
4 'Structure model' 2 1 2023-11-01 
# 
loop_
_pdbx_audit_revision_details.ordinal 
_pdbx_audit_revision_details.revision_ordinal 
_pdbx_audit_revision_details.data_content_type 
_pdbx_audit_revision_details.provider 
_pdbx_audit_revision_details.type 
_pdbx_audit_revision_details.description 
_pdbx_audit_revision_details.details 
1 1 'Structure model' repository 'Initial release' ?                          ? 
2 3 'Structure model' repository Remediation       'Carbohydrate remediation' ? 
# 
loop_
_pdbx_audit_revision_group.ordinal 
_pdbx_audit_revision_group.revision_ordinal 
_pdbx_audit_revision_group.data_content_type 
_pdbx_audit_revision_group.group 
1 2 'Structure model' 'Version format compliance' 
2 3 'Structure model' 'Atomic model'              
3 3 'Structure model' 'Data collection'           
4 3 'Structure model' 'Derived calculations'      
5 3 'Structure model' 'Structure summary'         
6 4 'Structure model' 'Data collection'           
7 4 'Structure model' 'Database references'       
8 4 'Structure model' 'Refinement description'    
9 4 'Structure model' 'Structure summary'         
# 
loop_
_pdbx_audit_revision_category.ordinal 
_pdbx_audit_revision_category.revision_ordinal 
_pdbx_audit_revision_category.data_content_type 
_pdbx_audit_revision_category.category 
1  3 'Structure model' atom_site                     
2  3 'Structure model' chem_comp                     
3  3 'Structure model' entity                        
4  3 'Structure model' entity_name_com               
5  3 'Structure model' pdbx_branch_scheme            
6  3 'Structure model' pdbx_chem_comp_identifier     
7  3 'Structure model' pdbx_entity_branch            
8  3 'Structure model' pdbx_entity_branch_descriptor 
9  3 'Structure model' pdbx_entity_branch_link       
10 3 'Structure model' pdbx_entity_branch_list       
11 3 'Structure model' pdbx_entity_nonpoly           
12 3 'Structure model' pdbx_molecule_features        
13 3 'Structure model' pdbx_nonpoly_scheme           
14 3 'Structure model' pdbx_struct_assembly_gen      
15 3 'Structure model' pdbx_struct_conn_angle        
16 3 'Structure model' pdbx_struct_special_symmetry  
17 3 'Structure model' struct_asym                   
18 3 'Structure model' struct_conn                   
19 3 'Structure model' struct_site                   
20 3 'Structure model' struct_site_gen               
21 4 'Structure model' chem_comp                     
22 4 'Structure model' chem_comp_atom                
23 4 'Structure model' chem_comp_bond                
24 4 'Structure model' database_2                    
25 4 'Structure model' pdbx_initial_refinement_model 
# 
loop_
_pdbx_audit_revision_item.ordinal 
_pdbx_audit_revision_item.revision_ordinal 
_pdbx_audit_revision_item.data_content_type 
_pdbx_audit_revision_item.item 
1  3 'Structure model' '_atom_site.B_iso_or_equiv'                   
2  3 'Structure model' '_atom_site.Cartn_x'                          
3  3 'Structure model' '_atom_site.Cartn_y'                          
4  3 'Structure model' '_atom_site.Cartn_z'                          
5  3 'Structure model' '_atom_site.auth_asym_id'                     
6  3 'Structure model' '_atom_site.auth_atom_id'                     
7  3 'Structure model' '_atom_site.auth_comp_id'                     
8  3 'Structure model' '_atom_site.auth_seq_id'                      
9  3 'Structure model' '_atom_site.label_asym_id'                    
10 3 'Structure model' '_atom_site.label_atom_id'                    
11 3 'Structure model' '_atom_site.label_comp_id'                    
12 3 'Structure model' '_atom_site.label_entity_id'                  
13 3 'Structure model' '_atom_site.occupancy'                        
14 3 'Structure model' '_atom_site.type_symbol'                      
15 3 'Structure model' '_chem_comp.name'                             
16 3 'Structure model' '_chem_comp.type'                             
17 3 'Structure model' '_pdbx_struct_assembly_gen.asym_id_list'      
18 3 'Structure model' '_pdbx_struct_conn_angle.ptnr1_label_asym_id' 
19 3 'Structure model' '_pdbx_struct_conn_angle.ptnr2_label_asym_id' 
20 3 'Structure model' '_pdbx_struct_special_symmetry.label_asym_id' 
21 3 'Structure model' '_struct_conn.pdbx_leaving_atom_flag'         
22 3 'Structure model' '_struct_conn.ptnr1_auth_asym_id'             
23 3 'Structure model' '_struct_conn.ptnr1_auth_comp_id'             
24 3 'Structure model' '_struct_conn.ptnr1_auth_seq_id'              
25 3 'Structure model' '_struct_conn.ptnr1_label_asym_id'            
26 3 'Structure model' '_struct_conn.ptnr1_label_atom_id'            
27 3 'Structure model' '_struct_conn.ptnr1_label_comp_id'            
28 3 'Structure model' '_struct_conn.ptnr2_auth_asym_id'             
29 3 'Structure model' '_struct_conn.ptnr2_auth_comp_id'             
30 3 'Structure model' '_struct_conn.ptnr2_auth_seq_id'              
31 3 'Structure model' '_struct_conn.ptnr2_label_asym_id'            
32 3 'Structure model' '_struct_conn.ptnr2_label_atom_id'            
33 3 'Structure model' '_struct_conn.ptnr2_label_comp_id'            
34 4 'Structure model' '_chem_comp.pdbx_synonyms'                    
35 4 'Structure model' '_database_2.pdbx_DOI'                        
36 4 'Structure model' '_database_2.pdbx_database_accession'         
# 
loop_
_software.name 
_software.classification 
_software.version 
_software.citation_id 
_software.pdbx_ordinal 
ADSC     'data collection' Quantum ? 1 
MOLREP   phasing           .       ? 2 
CNS      refinement        1.1     ? 3 
HKL-2000 'data reduction'  .       ? 4 
HKL-2000 'data scaling'    .       ? 5 
# 
_pdbx_entry_details.entry_id                 3NV2 
_pdbx_entry_details.nonpolymer_details       'THE LIGANDS GAL AND NDG FORM N-ACETYLLACTOSAMINE.' 
_pdbx_entry_details.sequence_details         ? 
_pdbx_entry_details.compound_details         ? 
_pdbx_entry_details.source_details           ? 
_pdbx_entry_details.has_ligand_of_interest   ? 
# 
loop_
_pdbx_validate_symm_contact.id 
_pdbx_validate_symm_contact.PDB_model_num 
_pdbx_validate_symm_contact.auth_atom_id_1 
_pdbx_validate_symm_contact.auth_asym_id_1 
_pdbx_validate_symm_contact.auth_comp_id_1 
_pdbx_validate_symm_contact.auth_seq_id_1 
_pdbx_validate_symm_contact.PDB_ins_code_1 
_pdbx_validate_symm_contact.label_alt_id_1 
_pdbx_validate_symm_contact.site_symmetry_1 
_pdbx_validate_symm_contact.auth_atom_id_2 
_pdbx_validate_symm_contact.auth_asym_id_2 
_pdbx_validate_symm_contact.auth_comp_id_2 
_pdbx_validate_symm_contact.auth_seq_id_2 
_pdbx_validate_symm_contact.PDB_ins_code_2 
_pdbx_validate_symm_contact.label_alt_id_2 
_pdbx_validate_symm_contact.site_symmetry_2 
_pdbx_validate_symm_contact.dist 
1 1 O A ASN 243 ? ? 1_555 O A HOH 67 ? ? 6_654 2.07 
2 1 O A HOH 16  ? ? 1_555 O A HOH 16 ? ? 3_565 2.17 
# 
loop_
_pdbx_validate_torsion.id 
_pdbx_validate_torsion.PDB_model_num 
_pdbx_validate_torsion.auth_comp_id 
_pdbx_validate_torsion.auth_asym_id 
_pdbx_validate_torsion.auth_seq_id 
_pdbx_validate_torsion.PDB_ins_code 
_pdbx_validate_torsion.label_alt_id 
_pdbx_validate_torsion.phi 
_pdbx_validate_torsion.psi 
1 1 SER A 206 ? ? 86.32 -6.05   
2 1 ASP A 252 ? ? 65.09 -122.27 
# 
loop_
_pdbx_unobs_or_zero_occ_residues.id 
_pdbx_unobs_or_zero_occ_residues.PDB_model_num 
_pdbx_unobs_or_zero_occ_residues.polymer_flag 
_pdbx_unobs_or_zero_occ_residues.occupancy_flag 
_pdbx_unobs_or_zero_occ_residues.auth_asym_id 
_pdbx_unobs_or_zero_occ_residues.auth_comp_id 
_pdbx_unobs_or_zero_occ_residues.auth_seq_id 
_pdbx_unobs_or_zero_occ_residues.PDB_ins_code 
_pdbx_unobs_or_zero_occ_residues.label_asym_id 
_pdbx_unobs_or_zero_occ_residues.label_comp_id 
_pdbx_unobs_or_zero_occ_residues.label_seq_id 
1 1 Y 1 A TYR 186 ? A TYR 1 
2 1 Y 1 A PRO 187 ? A PRO 2 
# 
loop_
_chem_comp_atom.comp_id 
_chem_comp_atom.atom_id 
_chem_comp_atom.type_symbol 
_chem_comp_atom.pdbx_aromatic_flag 
_chem_comp_atom.pdbx_stereo_config 
_chem_comp_atom.pdbx_ordinal 
ALA N    N  N N 1   
ALA CA   C  N S 2   
ALA C    C  N N 3   
ALA O    O  N N 4   
ALA CB   C  N N 5   
ALA OXT  O  N N 6   
ALA H    H  N N 7   
ALA H2   H  N N 8   
ALA HA   H  N N 9   
ALA HB1  H  N N 10  
ALA HB2  H  N N 11  
ALA HB3  H  N N 12  
ALA HXT  H  N N 13  
ARG N    N  N N 14  
ARG CA   C  N S 15  
ARG C    C  N N 16  
ARG O    O  N N 17  
ARG CB   C  N N 18  
ARG CG   C  N N 19  
ARG CD   C  N N 20  
ARG NE   N  N N 21  
ARG CZ   C  N N 22  
ARG NH1  N  N N 23  
ARG NH2  N  N N 24  
ARG OXT  O  N N 25  
ARG H    H  N N 26  
ARG H2   H  N N 27  
ARG HA   H  N N 28  
ARG HB2  H  N N 29  
ARG HB3  H  N N 30  
ARG HG2  H  N N 31  
ARG HG3  H  N N 32  
ARG HD2  H  N N 33  
ARG HD3  H  N N 34  
ARG HE   H  N N 35  
ARG HH11 H  N N 36  
ARG HH12 H  N N 37  
ARG HH21 H  N N 38  
ARG HH22 H  N N 39  
ARG HXT  H  N N 40  
ASN N    N  N N 41  
ASN CA   C  N S 42  
ASN C    C  N N 43  
ASN O    O  N N 44  
ASN CB   C  N N 45  
ASN CG   C  N N 46  
ASN OD1  O  N N 47  
ASN ND2  N  N N 48  
ASN OXT  O  N N 49  
ASN H    H  N N 50  
ASN H2   H  N N 51  
ASN HA   H  N N 52  
ASN HB2  H  N N 53  
ASN HB3  H  N N 54  
ASN HD21 H  N N 55  
ASN HD22 H  N N 56  
ASN HXT  H  N N 57  
ASP N    N  N N 58  
ASP CA   C  N S 59  
ASP C    C  N N 60  
ASP O    O  N N 61  
ASP CB   C  N N 62  
ASP CG   C  N N 63  
ASP OD1  O  N N 64  
ASP OD2  O  N N 65  
ASP OXT  O  N N 66  
ASP H    H  N N 67  
ASP H2   H  N N 68  
ASP HA   H  N N 69  
ASP HB2  H  N N 70  
ASP HB3  H  N N 71  
ASP HD2  H  N N 72  
ASP HXT  H  N N 73  
CYS N    N  N N 74  
CYS CA   C  N R 75  
CYS C    C  N N 76  
CYS O    O  N N 77  
CYS CB   C  N N 78  
CYS SG   S  N N 79  
CYS OXT  O  N N 80  
CYS H    H  N N 81  
CYS H2   H  N N 82  
CYS HA   H  N N 83  
CYS HB2  H  N N 84  
CYS HB3  H  N N 85  
CYS HG   H  N N 86  
CYS HXT  H  N N 87  
GAL C1   C  N R 88  
GAL C2   C  N R 89  
GAL C3   C  N S 90  
GAL C4   C  N R 91  
GAL C5   C  N R 92  
GAL C6   C  N N 93  
GAL O1   O  N N 94  
GAL O2   O  N N 95  
GAL O3   O  N N 96  
GAL O4   O  N N 97  
GAL O5   O  N N 98  
GAL O6   O  N N 99  
GAL H1   H  N N 100 
GAL H2   H  N N 101 
GAL H3   H  N N 102 
GAL H4   H  N N 103 
GAL H5   H  N N 104 
GAL H61  H  N N 105 
GAL H62  H  N N 106 
GAL HO1  H  N N 107 
GAL HO2  H  N N 108 
GAL HO3  H  N N 109 
GAL HO4  H  N N 110 
GAL HO6  H  N N 111 
GLN N    N  N N 112 
GLN CA   C  N S 113 
GLN C    C  N N 114 
GLN O    O  N N 115 
GLN CB   C  N N 116 
GLN CG   C  N N 117 
GLN CD   C  N N 118 
GLN OE1  O  N N 119 
GLN NE2  N  N N 120 
GLN OXT  O  N N 121 
GLN H    H  N N 122 
GLN H2   H  N N 123 
GLN HA   H  N N 124 
GLN HB2  H  N N 125 
GLN HB3  H  N N 126 
GLN HG2  H  N N 127 
GLN HG3  H  N N 128 
GLN HE21 H  N N 129 
GLN HE22 H  N N 130 
GLN HXT  H  N N 131 
GLU N    N  N N 132 
GLU CA   C  N S 133 
GLU C    C  N N 134 
GLU O    O  N N 135 
GLU CB   C  N N 136 
GLU CG   C  N N 137 
GLU CD   C  N N 138 
GLU OE1  O  N N 139 
GLU OE2  O  N N 140 
GLU OXT  O  N N 141 
GLU H    H  N N 142 
GLU H2   H  N N 143 
GLU HA   H  N N 144 
GLU HB2  H  N N 145 
GLU HB3  H  N N 146 
GLU HG2  H  N N 147 
GLU HG3  H  N N 148 
GLU HE2  H  N N 149 
GLU HXT  H  N N 150 
GLY N    N  N N 151 
GLY CA   C  N N 152 
GLY C    C  N N 153 
GLY O    O  N N 154 
GLY OXT  O  N N 155 
GLY H    H  N N 156 
GLY H2   H  N N 157 
GLY HA2  H  N N 158 
GLY HA3  H  N N 159 
GLY HXT  H  N N 160 
HIS N    N  N N 161 
HIS CA   C  N S 162 
HIS C    C  N N 163 
HIS O    O  N N 164 
HIS CB   C  N N 165 
HIS CG   C  Y N 166 
HIS ND1  N  Y N 167 
HIS CD2  C  Y N 168 
HIS CE1  C  Y N 169 
HIS NE2  N  Y N 170 
HIS OXT  O  N N 171 
HIS H    H  N N 172 
HIS H2   H  N N 173 
HIS HA   H  N N 174 
HIS HB2  H  N N 175 
HIS HB3  H  N N 176 
HIS HD1  H  N N 177 
HIS HD2  H  N N 178 
HIS HE1  H  N N 179 
HIS HE2  H  N N 180 
HIS HXT  H  N N 181 
HOH O    O  N N 182 
HOH H1   H  N N 183 
HOH H2   H  N N 184 
ILE N    N  N N 185 
ILE CA   C  N S 186 
ILE C    C  N N 187 
ILE O    O  N N 188 
ILE CB   C  N S 189 
ILE CG1  C  N N 190 
ILE CG2  C  N N 191 
ILE CD1  C  N N 192 
ILE OXT  O  N N 193 
ILE H    H  N N 194 
ILE H2   H  N N 195 
ILE HA   H  N N 196 
ILE HB   H  N N 197 
ILE HG12 H  N N 198 
ILE HG13 H  N N 199 
ILE HG21 H  N N 200 
ILE HG22 H  N N 201 
ILE HG23 H  N N 202 
ILE HD11 H  N N 203 
ILE HD12 H  N N 204 
ILE HD13 H  N N 205 
ILE HXT  H  N N 206 
LEU N    N  N N 207 
LEU CA   C  N S 208 
LEU C    C  N N 209 
LEU O    O  N N 210 
LEU CB   C  N N 211 
LEU CG   C  N N 212 
LEU CD1  C  N N 213 
LEU CD2  C  N N 214 
LEU OXT  O  N N 215 
LEU H    H  N N 216 
LEU H2   H  N N 217 
LEU HA   H  N N 218 
LEU HB2  H  N N 219 
LEU HB3  H  N N 220 
LEU HG   H  N N 221 
LEU HD11 H  N N 222 
LEU HD12 H  N N 223 
LEU HD13 H  N N 224 
LEU HD21 H  N N 225 
LEU HD22 H  N N 226 
LEU HD23 H  N N 227 
LEU HXT  H  N N 228 
LYS N    N  N N 229 
LYS CA   C  N S 230 
LYS C    C  N N 231 
LYS O    O  N N 232 
LYS CB   C  N N 233 
LYS CG   C  N N 234 
LYS CD   C  N N 235 
LYS CE   C  N N 236 
LYS NZ   N  N N 237 
LYS OXT  O  N N 238 
LYS H    H  N N 239 
LYS H2   H  N N 240 
LYS HA   H  N N 241 
LYS HB2  H  N N 242 
LYS HB3  H  N N 243 
LYS HG2  H  N N 244 
LYS HG3  H  N N 245 
LYS HD2  H  N N 246 
LYS HD3  H  N N 247 
LYS HE2  H  N N 248 
LYS HE3  H  N N 249 
LYS HZ1  H  N N 250 
LYS HZ2  H  N N 251 
LYS HZ3  H  N N 252 
LYS HXT  H  N N 253 
MET N    N  N N 254 
MET CA   C  N S 255 
MET C    C  N N 256 
MET O    O  N N 257 
MET CB   C  N N 258 
MET CG   C  N N 259 
MET SD   S  N N 260 
MET CE   C  N N 261 
MET OXT  O  N N 262 
MET H    H  N N 263 
MET H2   H  N N 264 
MET HA   H  N N 265 
MET HB2  H  N N 266 
MET HB3  H  N N 267 
MET HG2  H  N N 268 
MET HG3  H  N N 269 
MET HE1  H  N N 270 
MET HE2  H  N N 271 
MET HE3  H  N N 272 
MET HXT  H  N N 273 
NDG C1   C  N S 274 
NDG C2   C  N R 275 
NDG C3   C  N R 276 
NDG C4   C  N S 277 
NDG C5   C  N R 278 
NDG C6   C  N N 279 
NDG C7   C  N N 280 
NDG C8   C  N N 281 
NDG O5   O  N N 282 
NDG O3   O  N N 283 
NDG O4   O  N N 284 
NDG O6   O  N N 285 
NDG O7   O  N N 286 
NDG N2   N  N N 287 
NDG O1   O  N N 288 
NDG H1   H  N N 289 
NDG H2   H  N N 290 
NDG H3   H  N N 291 
NDG H4   H  N N 292 
NDG H5   H  N N 293 
NDG H61  H  N N 294 
NDG H62  H  N N 295 
NDG H81  H  N N 296 
NDG H82  H  N N 297 
NDG H83  H  N N 298 
NDG HO3  H  N N 299 
NDG HO4  H  N N 300 
NDG HO6  H  N N 301 
NDG HN2  H  N N 302 
NDG HO1  H  N N 303 
NI  NI   NI N N 304 
PHE N    N  N N 305 
PHE CA   C  N S 306 
PHE C    C  N N 307 
PHE O    O  N N 308 
PHE CB   C  N N 309 
PHE CG   C  Y N 310 
PHE CD1  C  Y N 311 
PHE CD2  C  Y N 312 
PHE CE1  C  Y N 313 
PHE CE2  C  Y N 314 
PHE CZ   C  Y N 315 
PHE OXT  O  N N 316 
PHE H    H  N N 317 
PHE H2   H  N N 318 
PHE HA   H  N N 319 
PHE HB2  H  N N 320 
PHE HB3  H  N N 321 
PHE HD1  H  N N 322 
PHE HD2  H  N N 323 
PHE HE1  H  N N 324 
PHE HE2  H  N N 325 
PHE HZ   H  N N 326 
PHE HXT  H  N N 327 
PRO N    N  N N 328 
PRO CA   C  N S 329 
PRO C    C  N N 330 
PRO O    O  N N 331 
PRO CB   C  N N 332 
PRO CG   C  N N 333 
PRO CD   C  N N 334 
PRO OXT  O  N N 335 
PRO H    H  N N 336 
PRO HA   H  N N 337 
PRO HB2  H  N N 338 
PRO HB3  H  N N 339 
PRO HG2  H  N N 340 
PRO HG3  H  N N 341 
PRO HD2  H  N N 342 
PRO HD3  H  N N 343 
PRO HXT  H  N N 344 
SER N    N  N N 345 
SER CA   C  N S 346 
SER C    C  N N 347 
SER O    O  N N 348 
SER CB   C  N N 349 
SER OG   O  N N 350 
SER OXT  O  N N 351 
SER H    H  N N 352 
SER H2   H  N N 353 
SER HA   H  N N 354 
SER HB2  H  N N 355 
SER HB3  H  N N 356 
SER HG   H  N N 357 
SER HXT  H  N N 358 
THR N    N  N N 359 
THR CA   C  N S 360 
THR C    C  N N 361 
THR O    O  N N 362 
THR CB   C  N R 363 
THR OG1  O  N N 364 
THR CG2  C  N N 365 
THR OXT  O  N N 366 
THR H    H  N N 367 
THR H2   H  N N 368 
THR HA   H  N N 369 
THR HB   H  N N 370 
THR HG1  H  N N 371 
THR HG21 H  N N 372 
THR HG22 H  N N 373 
THR HG23 H  N N 374 
THR HXT  H  N N 375 
TRP N    N  N N 376 
TRP CA   C  N S 377 
TRP C    C  N N 378 
TRP O    O  N N 379 
TRP CB   C  N N 380 
TRP CG   C  Y N 381 
TRP CD1  C  Y N 382 
TRP CD2  C  Y N 383 
TRP NE1  N  Y N 384 
TRP CE2  C  Y N 385 
TRP CE3  C  Y N 386 
TRP CZ2  C  Y N 387 
TRP CZ3  C  Y N 388 
TRP CH2  C  Y N 389 
TRP OXT  O  N N 390 
TRP H    H  N N 391 
TRP H2   H  N N 392 
TRP HA   H  N N 393 
TRP HB2  H  N N 394 
TRP HB3  H  N N 395 
TRP HD1  H  N N 396 
TRP HE1  H  N N 397 
TRP HE3  H  N N 398 
TRP HZ2  H  N N 399 
TRP HZ3  H  N N 400 
TRP HH2  H  N N 401 
TRP HXT  H  N N 402 
TYR N    N  N N 403 
TYR CA   C  N S 404 
TYR C    C  N N 405 
TYR O    O  N N 406 
TYR CB   C  N N 407 
TYR CG   C  Y N 408 
TYR CD1  C  Y N 409 
TYR CD2  C  Y N 410 
TYR CE1  C  Y N 411 
TYR CE2  C  Y N 412 
TYR CZ   C  Y N 413 
TYR OH   O  N N 414 
TYR OXT  O  N N 415 
TYR H    H  N N 416 
TYR H2   H  N N 417 
TYR HA   H  N N 418 
TYR HB2  H  N N 419 
TYR HB3  H  N N 420 
TYR HD1  H  N N 421 
TYR HD2  H  N N 422 
TYR HE1  H  N N 423 
TYR HE2  H  N N 424 
TYR HH   H  N N 425 
TYR HXT  H  N N 426 
VAL N    N  N N 427 
VAL CA   C  N S 428 
VAL C    C  N N 429 
VAL O    O  N N 430 
VAL CB   C  N N 431 
VAL CG1  C  N N 432 
VAL CG2  C  N N 433 
VAL OXT  O  N N 434 
VAL H    H  N N 435 
VAL H2   H  N N 436 
VAL HA   H  N N 437 
VAL HB   H  N N 438 
VAL HG11 H  N N 439 
VAL HG12 H  N N 440 
VAL HG13 H  N N 441 
VAL HG21 H  N N 442 
VAL HG22 H  N N 443 
VAL HG23 H  N N 444 
VAL HXT  H  N N 445 
# 
loop_
_chem_comp_bond.comp_id 
_chem_comp_bond.atom_id_1 
_chem_comp_bond.atom_id_2 
_chem_comp_bond.value_order 
_chem_comp_bond.pdbx_aromatic_flag 
_chem_comp_bond.pdbx_stereo_config 
_chem_comp_bond.pdbx_ordinal 
ALA N   CA   sing N N 1   
ALA N   H    sing N N 2   
ALA N   H2   sing N N 3   
ALA CA  C    sing N N 4   
ALA CA  CB   sing N N 5   
ALA CA  HA   sing N N 6   
ALA C   O    doub N N 7   
ALA C   OXT  sing N N 8   
ALA CB  HB1  sing N N 9   
ALA CB  HB2  sing N N 10  
ALA CB  HB3  sing N N 11  
ALA OXT HXT  sing N N 12  
ARG N   CA   sing N N 13  
ARG N   H    sing N N 14  
ARG N   H2   sing N N 15  
ARG CA  C    sing N N 16  
ARG CA  CB   sing N N 17  
ARG CA  HA   sing N N 18  
ARG C   O    doub N N 19  
ARG C   OXT  sing N N 20  
ARG CB  CG   sing N N 21  
ARG CB  HB2  sing N N 22  
ARG CB  HB3  sing N N 23  
ARG CG  CD   sing N N 24  
ARG CG  HG2  sing N N 25  
ARG CG  HG3  sing N N 26  
ARG CD  NE   sing N N 27  
ARG CD  HD2  sing N N 28  
ARG CD  HD3  sing N N 29  
ARG NE  CZ   sing N N 30  
ARG NE  HE   sing N N 31  
ARG CZ  NH1  sing N N 32  
ARG CZ  NH2  doub N N 33  
ARG NH1 HH11 sing N N 34  
ARG NH1 HH12 sing N N 35  
ARG NH2 HH21 sing N N 36  
ARG NH2 HH22 sing N N 37  
ARG OXT HXT  sing N N 38  
ASN N   CA   sing N N 39  
ASN N   H    sing N N 40  
ASN N   H2   sing N N 41  
ASN CA  C    sing N N 42  
ASN CA  CB   sing N N 43  
ASN CA  HA   sing N N 44  
ASN C   O    doub N N 45  
ASN C   OXT  sing N N 46  
ASN CB  CG   sing N N 47  
ASN CB  HB2  sing N N 48  
ASN CB  HB3  sing N N 49  
ASN CG  OD1  doub N N 50  
ASN CG  ND2  sing N N 51  
ASN ND2 HD21 sing N N 52  
ASN ND2 HD22 sing N N 53  
ASN OXT HXT  sing N N 54  
ASP N   CA   sing N N 55  
ASP N   H    sing N N 56  
ASP N   H2   sing N N 57  
ASP CA  C    sing N N 58  
ASP CA  CB   sing N N 59  
ASP CA  HA   sing N N 60  
ASP C   O    doub N N 61  
ASP C   OXT  sing N N 62  
ASP CB  CG   sing N N 63  
ASP CB  HB2  sing N N 64  
ASP CB  HB3  sing N N 65  
ASP CG  OD1  doub N N 66  
ASP CG  OD2  sing N N 67  
ASP OD2 HD2  sing N N 68  
ASP OXT HXT  sing N N 69  
CYS N   CA   sing N N 70  
CYS N   H    sing N N 71  
CYS N   H2   sing N N 72  
CYS CA  C    sing N N 73  
CYS CA  CB   sing N N 74  
CYS CA  HA   sing N N 75  
CYS C   O    doub N N 76  
CYS C   OXT  sing N N 77  
CYS CB  SG   sing N N 78  
CYS CB  HB2  sing N N 79  
CYS CB  HB3  sing N N 80  
CYS SG  HG   sing N N 81  
CYS OXT HXT  sing N N 82  
GAL C1  C2   sing N N 83  
GAL C1  O1   sing N N 84  
GAL C1  O5   sing N N 85  
GAL C1  H1   sing N N 86  
GAL C2  C3   sing N N 87  
GAL C2  O2   sing N N 88  
GAL C2  H2   sing N N 89  
GAL C3  C4   sing N N 90  
GAL C3  O3   sing N N 91  
GAL C3  H3   sing N N 92  
GAL C4  C5   sing N N 93  
GAL C4  O4   sing N N 94  
GAL C4  H4   sing N N 95  
GAL C5  C6   sing N N 96  
GAL C5  O5   sing N N 97  
GAL C5  H5   sing N N 98  
GAL C6  O6   sing N N 99  
GAL C6  H61  sing N N 100 
GAL C6  H62  sing N N 101 
GAL O1  HO1  sing N N 102 
GAL O2  HO2  sing N N 103 
GAL O3  HO3  sing N N 104 
GAL O4  HO4  sing N N 105 
GAL O6  HO6  sing N N 106 
GLN N   CA   sing N N 107 
GLN N   H    sing N N 108 
GLN N   H2   sing N N 109 
GLN CA  C    sing N N 110 
GLN CA  CB   sing N N 111 
GLN CA  HA   sing N N 112 
GLN C   O    doub N N 113 
GLN C   OXT  sing N N 114 
GLN CB  CG   sing N N 115 
GLN CB  HB2  sing N N 116 
GLN CB  HB3  sing N N 117 
GLN CG  CD   sing N N 118 
GLN CG  HG2  sing N N 119 
GLN CG  HG3  sing N N 120 
GLN CD  OE1  doub N N 121 
GLN CD  NE2  sing N N 122 
GLN NE2 HE21 sing N N 123 
GLN NE2 HE22 sing N N 124 
GLN OXT HXT  sing N N 125 
GLU N   CA   sing N N 126 
GLU N   H    sing N N 127 
GLU N   H2   sing N N 128 
GLU CA  C    sing N N 129 
GLU CA  CB   sing N N 130 
GLU CA  HA   sing N N 131 
GLU C   O    doub N N 132 
GLU C   OXT  sing N N 133 
GLU CB  CG   sing N N 134 
GLU CB  HB2  sing N N 135 
GLU CB  HB3  sing N N 136 
GLU CG  CD   sing N N 137 
GLU CG  HG2  sing N N 138 
GLU CG  HG3  sing N N 139 
GLU CD  OE1  doub N N 140 
GLU CD  OE2  sing N N 141 
GLU OE2 HE2  sing N N 142 
GLU OXT HXT  sing N N 143 
GLY N   CA   sing N N 144 
GLY N   H    sing N N 145 
GLY N   H2   sing N N 146 
GLY CA  C    sing N N 147 
GLY CA  HA2  sing N N 148 
GLY CA  HA3  sing N N 149 
GLY C   O    doub N N 150 
GLY C   OXT  sing N N 151 
GLY OXT HXT  sing N N 152 
HIS N   CA   sing N N 153 
HIS N   H    sing N N 154 
HIS N   H2   sing N N 155 
HIS CA  C    sing N N 156 
HIS CA  CB   sing N N 157 
HIS CA  HA   sing N N 158 
HIS C   O    doub N N 159 
HIS C   OXT  sing N N 160 
HIS CB  CG   sing N N 161 
HIS CB  HB2  sing N N 162 
HIS CB  HB3  sing N N 163 
HIS CG  ND1  sing Y N 164 
HIS CG  CD2  doub Y N 165 
HIS ND1 CE1  doub Y N 166 
HIS ND1 HD1  sing N N 167 
HIS CD2 NE2  sing Y N 168 
HIS CD2 HD2  sing N N 169 
HIS CE1 NE2  sing Y N 170 
HIS CE1 HE1  sing N N 171 
HIS NE2 HE2  sing N N 172 
HIS OXT HXT  sing N N 173 
HOH O   H1   sing N N 174 
HOH O   H2   sing N N 175 
ILE N   CA   sing N N 176 
ILE N   H    sing N N 177 
ILE N   H2   sing N N 178 
ILE CA  C    sing N N 179 
ILE CA  CB   sing N N 180 
ILE CA  HA   sing N N 181 
ILE C   O    doub N N 182 
ILE C   OXT  sing N N 183 
ILE CB  CG1  sing N N 184 
ILE CB  CG2  sing N N 185 
ILE CB  HB   sing N N 186 
ILE CG1 CD1  sing N N 187 
ILE CG1 HG12 sing N N 188 
ILE CG1 HG13 sing N N 189 
ILE CG2 HG21 sing N N 190 
ILE CG2 HG22 sing N N 191 
ILE CG2 HG23 sing N N 192 
ILE CD1 HD11 sing N N 193 
ILE CD1 HD12 sing N N 194 
ILE CD1 HD13 sing N N 195 
ILE OXT HXT  sing N N 196 
LEU N   CA   sing N N 197 
LEU N   H    sing N N 198 
LEU N   H2   sing N N 199 
LEU CA  C    sing N N 200 
LEU CA  CB   sing N N 201 
LEU CA  HA   sing N N 202 
LEU C   O    doub N N 203 
LEU C   OXT  sing N N 204 
LEU CB  CG   sing N N 205 
LEU CB  HB2  sing N N 206 
LEU CB  HB3  sing N N 207 
LEU CG  CD1  sing N N 208 
LEU CG  CD2  sing N N 209 
LEU CG  HG   sing N N 210 
LEU CD1 HD11 sing N N 211 
LEU CD1 HD12 sing N N 212 
LEU CD1 HD13 sing N N 213 
LEU CD2 HD21 sing N N 214 
LEU CD2 HD22 sing N N 215 
LEU CD2 HD23 sing N N 216 
LEU OXT HXT  sing N N 217 
LYS N   CA   sing N N 218 
LYS N   H    sing N N 219 
LYS N   H2   sing N N 220 
LYS CA  C    sing N N 221 
LYS CA  CB   sing N N 222 
LYS CA  HA   sing N N 223 
LYS C   O    doub N N 224 
LYS C   OXT  sing N N 225 
LYS CB  CG   sing N N 226 
LYS CB  HB2  sing N N 227 
LYS CB  HB3  sing N N 228 
LYS CG  CD   sing N N 229 
LYS CG  HG2  sing N N 230 
LYS CG  HG3  sing N N 231 
LYS CD  CE   sing N N 232 
LYS CD  HD2  sing N N 233 
LYS CD  HD3  sing N N 234 
LYS CE  NZ   sing N N 235 
LYS CE  HE2  sing N N 236 
LYS CE  HE3  sing N N 237 
LYS NZ  HZ1  sing N N 238 
LYS NZ  HZ2  sing N N 239 
LYS NZ  HZ3  sing N N 240 
LYS OXT HXT  sing N N 241 
MET N   CA   sing N N 242 
MET N   H    sing N N 243 
MET N   H2   sing N N 244 
MET CA  C    sing N N 245 
MET CA  CB   sing N N 246 
MET CA  HA   sing N N 247 
MET C   O    doub N N 248 
MET C   OXT  sing N N 249 
MET CB  CG   sing N N 250 
MET CB  HB2  sing N N 251 
MET CB  HB3  sing N N 252 
MET CG  SD   sing N N 253 
MET CG  HG2  sing N N 254 
MET CG  HG3  sing N N 255 
MET SD  CE   sing N N 256 
MET CE  HE1  sing N N 257 
MET CE  HE2  sing N N 258 
MET CE  HE3  sing N N 259 
MET OXT HXT  sing N N 260 
NDG C1  C2   sing N N 261 
NDG C1  O5   sing N N 262 
NDG C1  O1   sing N N 263 
NDG C1  H1   sing N N 264 
NDG C2  C3   sing N N 265 
NDG C2  N2   sing N N 266 
NDG C2  H2   sing N N 267 
NDG C3  C4   sing N N 268 
NDG C3  O3   sing N N 269 
NDG C3  H3   sing N N 270 
NDG C4  C5   sing N N 271 
NDG C4  O4   sing N N 272 
NDG C4  H4   sing N N 273 
NDG C5  C6   sing N N 274 
NDG C5  O5   sing N N 275 
NDG C5  H5   sing N N 276 
NDG C6  O6   sing N N 277 
NDG C6  H61  sing N N 278 
NDG C6  H62  sing N N 279 
NDG C7  C8   sing N N 280 
NDG C7  O7   doub N N 281 
NDG C7  N2   sing N N 282 
NDG C8  H81  sing N N 283 
NDG C8  H82  sing N N 284 
NDG C8  H83  sing N N 285 
NDG O3  HO3  sing N N 286 
NDG O4  HO4  sing N N 287 
NDG O6  HO6  sing N N 288 
NDG N2  HN2  sing N N 289 
NDG O1  HO1  sing N N 290 
PHE N   CA   sing N N 291 
PHE N   H    sing N N 292 
PHE N   H2   sing N N 293 
PHE CA  C    sing N N 294 
PHE CA  CB   sing N N 295 
PHE CA  HA   sing N N 296 
PHE C   O    doub N N 297 
PHE C   OXT  sing N N 298 
PHE CB  CG   sing N N 299 
PHE CB  HB2  sing N N 300 
PHE CB  HB3  sing N N 301 
PHE CG  CD1  doub Y N 302 
PHE CG  CD2  sing Y N 303 
PHE CD1 CE1  sing Y N 304 
PHE CD1 HD1  sing N N 305 
PHE CD2 CE2  doub Y N 306 
PHE CD2 HD2  sing N N 307 
PHE CE1 CZ   doub Y N 308 
PHE CE1 HE1  sing N N 309 
PHE CE2 CZ   sing Y N 310 
PHE CE2 HE2  sing N N 311 
PHE CZ  HZ   sing N N 312 
PHE OXT HXT  sing N N 313 
PRO N   CA   sing N N 314 
PRO N   CD   sing N N 315 
PRO N   H    sing N N 316 
PRO CA  C    sing N N 317 
PRO CA  CB   sing N N 318 
PRO CA  HA   sing N N 319 
PRO C   O    doub N N 320 
PRO C   OXT  sing N N 321 
PRO CB  CG   sing N N 322 
PRO CB  HB2  sing N N 323 
PRO CB  HB3  sing N N 324 
PRO CG  CD   sing N N 325 
PRO CG  HG2  sing N N 326 
PRO CG  HG3  sing N N 327 
PRO CD  HD2  sing N N 328 
PRO CD  HD3  sing N N 329 
PRO OXT HXT  sing N N 330 
SER N   CA   sing N N 331 
SER N   H    sing N N 332 
SER N   H2   sing N N 333 
SER CA  C    sing N N 334 
SER CA  CB   sing N N 335 
SER CA  HA   sing N N 336 
SER C   O    doub N N 337 
SER C   OXT  sing N N 338 
SER CB  OG   sing N N 339 
SER CB  HB2  sing N N 340 
SER CB  HB3  sing N N 341 
SER OG  HG   sing N N 342 
SER OXT HXT  sing N N 343 
THR N   CA   sing N N 344 
THR N   H    sing N N 345 
THR N   H2   sing N N 346 
THR CA  C    sing N N 347 
THR CA  CB   sing N N 348 
THR CA  HA   sing N N 349 
THR C   O    doub N N 350 
THR C   OXT  sing N N 351 
THR CB  OG1  sing N N 352 
THR CB  CG2  sing N N 353 
THR CB  HB   sing N N 354 
THR OG1 HG1  sing N N 355 
THR CG2 HG21 sing N N 356 
THR CG2 HG22 sing N N 357 
THR CG2 HG23 sing N N 358 
THR OXT HXT  sing N N 359 
TRP N   CA   sing N N 360 
TRP N   H    sing N N 361 
TRP N   H2   sing N N 362 
TRP CA  C    sing N N 363 
TRP CA  CB   sing N N 364 
TRP CA  HA   sing N N 365 
TRP C   O    doub N N 366 
TRP C   OXT  sing N N 367 
TRP CB  CG   sing N N 368 
TRP CB  HB2  sing N N 369 
TRP CB  HB3  sing N N 370 
TRP CG  CD1  doub Y N 371 
TRP CG  CD2  sing Y N 372 
TRP CD1 NE1  sing Y N 373 
TRP CD1 HD1  sing N N 374 
TRP CD2 CE2  doub Y N 375 
TRP CD2 CE3  sing Y N 376 
TRP NE1 CE2  sing Y N 377 
TRP NE1 HE1  sing N N 378 
TRP CE2 CZ2  sing Y N 379 
TRP CE3 CZ3  doub Y N 380 
TRP CE3 HE3  sing N N 381 
TRP CZ2 CH2  doub Y N 382 
TRP CZ2 HZ2  sing N N 383 
TRP CZ3 CH2  sing Y N 384 
TRP CZ3 HZ3  sing N N 385 
TRP CH2 HH2  sing N N 386 
TRP OXT HXT  sing N N 387 
TYR N   CA   sing N N 388 
TYR N   H    sing N N 389 
TYR N   H2   sing N N 390 
TYR CA  C    sing N N 391 
TYR CA  CB   sing N N 392 
TYR CA  HA   sing N N 393 
TYR C   O    doub N N 394 
TYR C   OXT  sing N N 395 
TYR CB  CG   sing N N 396 
TYR CB  HB2  sing N N 397 
TYR CB  HB3  sing N N 398 
TYR CG  CD1  doub Y N 399 
TYR CG  CD2  sing Y N 400 
TYR CD1 CE1  sing Y N 401 
TYR CD1 HD1  sing N N 402 
TYR CD2 CE2  doub Y N 403 
TYR CD2 HD2  sing N N 404 
TYR CE1 CZ   doub Y N 405 
TYR CE1 HE1  sing N N 406 
TYR CE2 CZ   sing Y N 407 
TYR CE2 HE2  sing N N 408 
TYR CZ  OH   sing N N 409 
TYR OH  HH   sing N N 410 
TYR OXT HXT  sing N N 411 
VAL N   CA   sing N N 412 
VAL N   H    sing N N 413 
VAL N   H2   sing N N 414 
VAL CA  C    sing N N 415 
VAL CA  CB   sing N N 416 
VAL CA  HA   sing N N 417 
VAL C   O    doub N N 418 
VAL C   OXT  sing N N 419 
VAL CB  CG1  sing N N 420 
VAL CB  CG2  sing N N 421 
VAL CB  HB   sing N N 422 
VAL CG1 HG11 sing N N 423 
VAL CG1 HG12 sing N N 424 
VAL CG1 HG13 sing N N 425 
VAL CG2 HG21 sing N N 426 
VAL CG2 HG22 sing N N 427 
VAL CG2 HG23 sing N N 428 
VAL OXT HXT  sing N N 429 
# 
loop_
_pdbx_branch_scheme.asym_id 
_pdbx_branch_scheme.entity_id 
_pdbx_branch_scheme.mon_id 
_pdbx_branch_scheme.num 
_pdbx_branch_scheme.pdb_asym_id 
_pdbx_branch_scheme.pdb_mon_id 
_pdbx_branch_scheme.pdb_seq_num 
_pdbx_branch_scheme.auth_asym_id 
_pdbx_branch_scheme.auth_mon_id 
_pdbx_branch_scheme.auth_seq_num 
_pdbx_branch_scheme.hetero 
B 2 NDG 1 B NDG 1 L NAG 502 n 
B 2 GAL 2 B GAL 2 L GAL 501 n 
# 
loop_
_pdbx_chem_comp_identifier.comp_id 
_pdbx_chem_comp_identifier.type 
_pdbx_chem_comp_identifier.program 
_pdbx_chem_comp_identifier.program_version 
_pdbx_chem_comp_identifier.identifier 
GAL 'CONDENSED IUPAC CARBOHYDRATE SYMBOL' GMML     1.0 DGalpb                         
GAL 'COMMON NAME'                         GMML     1.0 b-D-galactopyranose            
GAL 'IUPAC CARBOHYDRATE SYMBOL'           PDB-CARE 1.0 b-D-Galp                       
GAL 'SNFG CARBOHYDRATE SYMBOL'            GMML     1.0 Gal                            
NDG 'CONDENSED IUPAC CARBOHYDRATE SYMBOL' GMML     1.0 DGlcpNAca                      
NDG 'COMMON NAME'                         GMML     1.0 N-acetyl-a-D-glucopyranosamine 
NDG 'IUPAC CARBOHYDRATE SYMBOL'           PDB-CARE 1.0 a-D-GlcpNAc                    
NDG 'SNFG CARBOHYDRATE SYMBOL'            GMML     1.0 GlcNAc                         
# 
_pdbx_entity_branch.entity_id   2 
_pdbx_entity_branch.type        oligosaccharide 
# 
loop_
_pdbx_entity_branch_descriptor.ordinal 
_pdbx_entity_branch_descriptor.entity_id 
_pdbx_entity_branch_descriptor.descriptor 
_pdbx_entity_branch_descriptor.type 
_pdbx_entity_branch_descriptor.program 
_pdbx_entity_branch_descriptor.program_version 
1 2 DGalpb1-4DGlcpNAca1-ROH                                              'Glycam Condensed Sequence' GMML       1.0   
2 2 'WURCS=2.0/2,2,1/[a2122h-1a_1-5_2*NCC/3=O][a2112h-1b_1-5]/1-2/a4-b1' WURCS                       PDB2Glycan 1.1.0 
3 2 '[][a-D-GlcpNAc]{[(4+1)][b-D-Galp]{}}'                               LINUCS                      PDB-CARE   ?     
# 
_pdbx_entity_branch_link.link_id                    1 
_pdbx_entity_branch_link.entity_id                  2 
_pdbx_entity_branch_link.entity_branch_list_num_1   2 
_pdbx_entity_branch_link.comp_id_1                  GAL 
_pdbx_entity_branch_link.atom_id_1                  C1 
_pdbx_entity_branch_link.leaving_atom_id_1          O1 
_pdbx_entity_branch_link.entity_branch_list_num_2   1 
_pdbx_entity_branch_link.comp_id_2                  NDG 
_pdbx_entity_branch_link.atom_id_2                  O4 
_pdbx_entity_branch_link.leaving_atom_id_2          HO4 
_pdbx_entity_branch_link.value_order                sing 
_pdbx_entity_branch_link.details                    ? 
# 
loop_
_pdbx_entity_branch_list.entity_id 
_pdbx_entity_branch_list.comp_id 
_pdbx_entity_branch_list.num 
_pdbx_entity_branch_list.hetero 
2 NDG 1 n 
2 GAL 2 n 
# 
loop_
_pdbx_entity_nonpoly.entity_id 
_pdbx_entity_nonpoly.name 
_pdbx_entity_nonpoly.comp_id 
3 'NICKEL (II) ION' NI  
4 water             HOH 
# 
_pdbx_initial_refinement_model.id               1 
_pdbx_initial_refinement_model.entity_id_list   ? 
_pdbx_initial_refinement_model.type             'experimental model' 
_pdbx_initial_refinement_model.source_name      PDB 
_pdbx_initial_refinement_model.accession_code   3KOE 
_pdbx_initial_refinement_model.details          'PDB entry 3KOE' 
# 
